data_4PFF
#
_entry.id   4PFF
#
_cell.length_a   101.049
_cell.length_b   58.328
_cell.length_c   237.138
_cell.angle_alpha   90.000
_cell.angle_beta   90.010
_cell.angle_gamma   90.000
#
_symmetry.space_group_name_H-M   'C 1 2 1'
#
loop_
_entity.id
_entity.type
_entity.pdbx_description
1 polymer 'Serine hydroxymethyltransferase, putative'
2 non-polymer "PYRIDOXAL-5'-PHOSPHATE"
3 water water
#
_entity_poly.entity_id   1
_entity_poly.type   'polypeptide(L)'
_entity_poly.pdbx_seq_one_letter_code
;MFNNEPLEQIDKELHDILADEEKRQRETINLIASENLTNGAVRECLGNRVSNKYSEGYPKKRYYGGNDFIDKIEELCQKR
ALEAFNVSDEEWGVNVQPLSGSAANVQALYALVGVKGKIMGMHLCSGGHLTHGFFDEKKKVSITSDMFESKLYKCNSQGY
VDLDAVREMALSFKPKVIICGYTSYPRDIDYQQFRQICDEVNAYLFADISHISSFVACNILNNPFLHADVVTTTTHKILR
GPRSALIFFNKKRNPGIEQKINSAVFPSFQGGPHNNKIAAVACQLKEVHSPAFKEYTQQVLLNSKALAKALISKQIDLVT
NGTDNHLIVVDLRKFSITGSKLQETCNAINVSLNKNTIPSDVDCVSPSGVRIGTPAMTTRGAKEKDMEFIADVLARAIKI
TVDLQEQYGKKLVDFKKGLPGNAQLQQLKQEVVTWAGALPFP
;
_entity_poly.pdbx_strand_id   A,B,C
#
loop_
_chem_comp.id
_chem_comp.type
_chem_comp.name
_chem_comp.formula
PLP non-polymer PYRIDOXAL-5'-PHOSPHATE 'C8 H10 N O6 P'
#
# COMPACT_ATOMS: atom_id res chain seq x y z
N MET A 1 -15.66 12.45 10.27
CA MET A 1 -16.62 13.18 9.36
C MET A 1 -17.52 12.16 8.64
N PHE A 2 -18.37 11.50 9.42
CA PHE A 2 -19.32 10.47 8.95
C PHE A 2 -20.59 10.52 9.80
N ASN A 3 -21.64 9.80 9.38
CA ASN A 3 -22.89 9.70 10.14
C ASN A 3 -22.94 8.43 10.99
N ASN A 4 -22.95 8.61 12.31
CA ASN A 4 -22.84 7.50 13.25
C ASN A 4 -24.20 6.96 13.73
N GLU A 5 -25.28 7.56 13.24
CA GLU A 5 -26.63 7.24 13.70
C GLU A 5 -27.09 5.84 13.26
N PRO A 6 -27.66 5.04 14.21
CA PRO A 6 -28.16 3.68 13.92
C PRO A 6 -29.09 3.59 12.71
N LEU A 7 -29.16 2.41 12.11
CA LEU A 7 -29.98 2.14 10.93
C LEU A 7 -31.43 2.60 11.04
N GLU A 8 -32.07 2.32 12.19
CA GLU A 8 -33.45 2.75 12.42
C GLU A 8 -33.56 4.26 12.25
N GLN A 9 -32.61 4.99 12.83
CA GLN A 9 -32.62 6.44 12.76
C GLN A 9 -32.13 6.98 11.42
N ILE A 10 -30.96 6.51 10.97
CA ILE A 10 -30.33 7.04 9.74
C ILE A 10 -31.10 6.77 8.44
N ASP A 11 -31.83 5.66 8.36
CA ASP A 11 -32.62 5.35 7.19
C ASP A 11 -33.84 4.57 7.61
N LYS A 12 -34.85 5.29 8.08
CA LYS A 12 -36.07 4.68 8.60
C LYS A 12 -36.74 3.82 7.53
N GLU A 13 -36.81 4.35 6.31
CA GLU A 13 -37.51 3.71 5.20
C GLU A 13 -37.02 2.28 4.88
N LEU A 14 -35.71 2.10 4.81
CA LEU A 14 -35.10 0.80 4.58
C LEU A 14 -35.27 -0.12 5.78
N HIS A 15 -35.19 0.44 6.98
CA HIS A 15 -35.28 -0.35 8.20
C HIS A 15 -36.61 -1.02 8.36
N ASP A 16 -37.67 -0.39 7.85
CA ASP A 16 -39.02 -0.92 7.99
C ASP A 16 -39.25 -2.10 7.05
N ILE A 17 -38.75 -1.98 5.82
CA ILE A 17 -38.82 -3.06 4.84
C ILE A 17 -38.02 -4.26 5.35
N LEU A 18 -36.78 -4.00 5.77
CA LEU A 18 -35.96 -5.06 6.34
C LEU A 18 -36.64 -5.74 7.54
N ALA A 19 -37.35 -4.96 8.36
CA ALA A 19 -38.06 -5.50 9.52
C ALA A 19 -39.22 -6.39 9.10
N ASP A 20 -39.90 -5.97 8.03
CA ASP A 20 -40.97 -6.75 7.39
C ASP A 20 -40.46 -8.08 6.84
N GLU A 21 -39.29 -8.04 6.21
CA GLU A 21 -38.71 -9.25 5.65
C GLU A 21 -38.37 -10.22 6.76
N GLU A 22 -37.86 -9.72 7.89
CA GLU A 22 -37.56 -10.57 9.04
C GLU A 22 -38.84 -11.26 9.55
N LYS A 23 -39.95 -10.53 9.53
CA LYS A 23 -41.23 -11.09 9.97
C LYS A 23 -41.78 -12.10 8.94
N ARG A 24 -41.60 -11.82 7.65
CA ARG A 24 -41.98 -12.78 6.61
C ARG A 24 -41.20 -14.10 6.80
N GLN A 25 -39.88 -14.01 6.88
CA GLN A 25 -39.05 -15.19 7.11
C GLN A 25 -39.55 -16.02 8.29
N ARG A 26 -39.92 -15.31 9.36
CA ARG A 26 -40.30 -15.93 10.62
C ARG A 26 -41.66 -16.62 10.50
N GLU A 27 -42.57 -16.01 9.74
CA GLU A 27 -43.94 -16.48 9.62
C GLU A 27 -44.16 -17.35 8.38
N THR A 28 -43.10 -17.99 7.88
CA THR A 28 -43.20 -18.81 6.67
C THR A 28 -42.73 -20.23 6.91
N ILE A 29 -43.46 -21.20 6.35
CA ILE A 29 -42.91 -22.53 6.22
C ILE A 29 -42.05 -22.54 4.96
N ASN A 30 -40.73 -22.49 5.18
CA ASN A 30 -39.76 -22.34 4.11
C ASN A 30 -39.17 -23.67 3.64
N LEU A 31 -39.65 -24.15 2.50
CA LEU A 31 -39.23 -25.41 1.92
C LEU A 31 -38.30 -25.23 0.70
N ILE A 32 -37.75 -24.04 0.50
CA ILE A 32 -36.79 -23.83 -0.58
C ILE A 32 -35.55 -24.63 -0.21
N ALA A 33 -35.24 -25.65 -0.99
CA ALA A 33 -34.23 -26.63 -0.62
C ALA A 33 -32.83 -25.99 -0.52
N SER A 34 -32.66 -24.85 -1.17
CA SER A 34 -31.35 -24.19 -1.20
C SER A 34 -31.20 -23.06 -0.18
N GLU A 35 -32.19 -22.87 0.68
CA GLU A 35 -32.14 -21.79 1.65
C GLU A 35 -31.89 -22.29 3.06
N ASN A 36 -31.44 -21.39 3.91
CA ASN A 36 -31.27 -21.67 5.33
C ASN A 36 -31.35 -20.38 6.14
N LEU A 37 -31.00 -20.46 7.41
CA LEU A 37 -30.97 -19.28 8.27
C LEU A 37 -29.67 -19.28 9.03
N THR A 38 -28.87 -18.24 8.79
CA THR A 38 -27.58 -18.05 9.46
C THR A 38 -27.77 -17.66 10.93
N ASN A 39 -26.87 -18.11 11.81
CA ASN A 39 -26.90 -17.66 13.21
C ASN A 39 -26.36 -16.24 13.37
N GLY A 40 -26.52 -15.69 14.57
CA GLY A 40 -26.11 -14.31 14.85
C GLY A 40 -24.61 -14.09 14.70
N ALA A 41 -23.82 -15.10 15.08
CA ALA A 41 -22.36 -15.05 14.99
C ALA A 41 -21.83 -14.94 13.56
N VAL A 42 -22.46 -15.66 12.63
CA VAL A 42 -22.12 -15.53 11.22
C VAL A 42 -22.39 -14.11 10.74
N ARG A 43 -23.49 -13.54 11.23
CA ARG A 43 -23.92 -12.20 10.83
C ARG A 43 -23.21 -11.03 11.53
N GLU A 44 -22.57 -11.30 12.66
CA GLU A 44 -21.63 -10.33 13.28
C GLU A 44 -20.38 -10.20 12.41
N CYS A 45 -19.96 -11.31 11.81
CA CYS A 45 -18.80 -11.37 10.92
C CYS A 45 -19.08 -10.69 9.60
N LEU A 46 -20.28 -10.89 9.04
CA LEU A 46 -20.63 -10.26 7.76
C LEU A 46 -20.63 -8.74 7.87
N GLY A 47 -21.04 -8.24 9.04
CA GLY A 47 -20.93 -6.82 9.32
C GLY A 47 -19.69 -6.37 10.08
N ASN A 48 -18.62 -7.17 10.06
CA ASN A 48 -17.38 -6.77 10.74
C ASN A 48 -16.60 -5.72 9.93
N ARG A 49 -15.81 -4.89 10.63
CA ARG A 49 -14.98 -3.85 9.96
C ARG A 49 -13.83 -4.43 9.15
N VAL A 50 -13.71 -5.75 9.15
CA VAL A 50 -12.65 -6.40 8.41
C VAL A 50 -12.78 -6.17 6.89
N SER A 51 -13.99 -5.86 6.44
CA SER A 51 -14.23 -5.62 5.01
C SER A 51 -13.73 -4.24 4.52
N ASN A 52 -13.24 -3.40 5.43
CA ASN A 52 -12.55 -2.15 5.05
C ASN A 52 -11.24 -2.39 4.33
N LYS A 53 -10.68 -3.59 4.51
CA LYS A 53 -9.32 -3.86 4.10
C LYS A 53 -9.23 -4.53 2.73
N TYR A 54 -8.39 -3.96 1.87
CA TYR A 54 -8.06 -4.56 0.57
C TYR A 54 -6.96 -5.60 0.70
N SER A 55 -7.20 -6.77 0.10
CA SER A 55 -6.32 -7.93 0.31
C SER A 55 -6.01 -8.69 -0.97
N GLU A 56 -5.89 -7.99 -2.09
CA GLU A 56 -5.57 -8.64 -3.35
C GLU A 56 -4.39 -9.58 -3.15
N GLY A 57 -4.52 -10.80 -3.67
CA GLY A 57 -3.50 -11.82 -3.51
C GLY A 57 -3.90 -12.90 -2.52
N TYR A 58 -2.90 -13.58 -1.97
CA TYR A 58 -3.09 -14.66 -1.01
C TYR A 58 -2.21 -14.44 0.20
N PRO A 59 -2.49 -15.14 1.32
CA PRO A 59 -1.67 -14.99 2.52
C PRO A 59 -0.16 -15.14 2.26
N LYS A 60 0.63 -14.34 2.99
CA LYS A 60 2.09 -14.18 2.81
C LYS A 60 2.47 -13.60 1.45
N LYS A 61 1.49 -13.49 0.55
CA LYS A 61 1.76 -13.01 -0.82
C LYS A 61 0.76 -11.97 -1.29
N ARG A 62 0.40 -11.05 -0.40
CA ARG A 62 -0.50 -9.95 -0.72
C ARG A 62 0.22 -8.88 -1.55
N TYR A 63 -0.57 -8.07 -2.26
CA TYR A 63 -0.07 -6.91 -2.97
C TYR A 63 0.32 -5.81 -1.98
N TYR A 64 -0.54 -5.59 -0.98
CA TYR A 64 -0.35 -4.52 -0.01
C TYR A 64 0.09 -5.11 1.32
N GLY A 65 0.59 -4.25 2.20
CA GLY A 65 0.89 -4.65 3.58
C GLY A 65 -0.29 -4.32 4.47
N GLY A 66 -0.05 -4.28 5.78
CA GLY A 66 -1.13 -4.15 6.75
C GLY A 66 -2.02 -5.39 6.81
N ASN A 67 -1.58 -6.48 6.21
CA ASN A 67 -2.42 -7.66 6.01
C ASN A 67 -2.17 -8.85 6.94
N ASP A 68 -1.44 -8.65 8.04
CA ASP A 68 -1.12 -9.77 8.97
C ASP A 68 -2.37 -10.45 9.55
N PHE A 69 -3.30 -9.67 10.10
CA PHE A 69 -4.49 -10.23 10.72
C PHE A 69 -5.46 -10.82 9.70
N ILE A 70 -5.57 -10.19 8.52
CA ILE A 70 -6.30 -10.75 7.38
C ILE A 70 -5.72 -12.12 7.00
N ASP A 71 -4.40 -12.23 7.01
CA ASP A 71 -3.73 -13.46 6.60
C ASP A 71 -4.03 -14.60 7.57
N LYS A 72 -4.17 -14.24 8.84
CA LYS A 72 -4.50 -15.20 9.88
C LYS A 72 -5.95 -15.67 9.74
N ILE A 73 -6.82 -14.81 9.22
CA ILE A 73 -8.22 -15.20 9.00
C ILE A 73 -8.35 -16.12 7.80
N GLU A 74 -7.73 -15.76 6.67
CA GLU A 74 -7.81 -16.60 5.47
C GLU A 74 -7.21 -17.96 5.73
N GLU A 75 -6.17 -18.01 6.56
CA GLU A 75 -5.44 -19.26 6.82
C GLU A 75 -6.24 -20.19 7.69
N LEU A 76 -6.83 -19.62 8.73
CA LEU A 76 -7.79 -20.30 9.58
C LEU A 76 -8.95 -20.90 8.76
N CYS A 77 -9.54 -20.09 7.88
CA CYS A 77 -10.66 -20.52 7.05
C CYS A 77 -10.32 -21.68 6.12
N GLN A 78 -9.13 -21.66 5.53
CA GLN A 78 -8.67 -22.78 4.70
C GLN A 78 -8.42 -24.04 5.54
N LYS A 79 -7.87 -23.85 6.74
CA LYS A 79 -7.61 -24.94 7.68
C LYS A 79 -8.93 -25.60 8.12
N ARG A 80 -9.84 -24.79 8.67
CA ARG A 80 -11.18 -25.22 9.09
C ARG A 80 -11.97 -25.80 7.94
N ALA A 81 -11.64 -25.39 6.71
CA ALA A 81 -12.29 -25.92 5.50
C ALA A 81 -11.85 -27.34 5.16
N LEU A 82 -10.53 -27.55 5.17
CA LEU A 82 -9.96 -28.82 4.75
C LEU A 82 -10.28 -29.95 5.75
N GLU A 83 -10.32 -29.61 7.03
CA GLU A 83 -10.68 -30.60 8.04
C GLU A 83 -12.17 -30.96 8.09
N ALA A 84 -13.05 -29.95 7.94
CA ALA A 84 -14.49 -30.16 7.88
C ALA A 84 -14.85 -31.20 6.84
N PHE A 85 -14.22 -31.12 5.67
CA PHE A 85 -14.41 -32.11 4.62
C PHE A 85 -13.42 -33.28 4.67
N ASN A 86 -12.85 -33.52 5.86
CA ASN A 86 -11.95 -34.65 6.14
C ASN A 86 -10.96 -34.95 5.03
N VAL A 87 -10.15 -33.95 4.69
CA VAL A 87 -9.06 -34.14 3.75
C VAL A 87 -7.78 -33.55 4.36
N SER A 88 -6.63 -34.06 3.93
CA SER A 88 -5.36 -33.65 4.54
C SER A 88 -4.71 -32.50 3.76
N ASP A 89 -4.10 -31.57 4.50
CA ASP A 89 -3.23 -30.49 3.95
C ASP A 89 -2.42 -30.90 2.73
N GLU A 90 -1.95 -32.14 2.73
CA GLU A 90 -0.91 -32.59 1.83
C GLU A 90 -1.47 -33.17 0.55
N GLU A 91 -2.76 -33.48 0.58
CA GLU A 91 -3.41 -34.04 -0.60
C GLU A 91 -4.34 -33.01 -1.24
N TRP A 92 -4.98 -32.20 -0.40
CA TRP A 92 -5.99 -31.26 -0.88
C TRP A 92 -5.70 -29.84 -0.55
N GLY A 93 -5.90 -28.97 -1.53
CA GLY A 93 -5.94 -27.54 -1.28
C GLY A 93 -7.33 -26.96 -1.49
N VAL A 94 -7.55 -25.81 -0.87
CA VAL A 94 -8.81 -25.09 -1.00
C VAL A 94 -8.54 -23.60 -1.31
N ASN A 95 -9.40 -23.01 -2.14
CA ASN A 95 -9.48 -21.55 -2.29
C ASN A 95 -10.80 -21.02 -1.69
N VAL A 96 -10.68 -20.14 -0.69
CA VAL A 96 -11.81 -19.58 0.05
C VAL A 96 -12.28 -18.19 -0.44
N GLN A 97 -11.72 -17.72 -1.54
CA GLN A 97 -12.04 -16.38 -2.03
C GLN A 97 -13.29 -16.25 -2.94
N PRO A 98 -13.68 -17.32 -3.69
CA PRO A 98 -14.83 -17.14 -4.59
C PRO A 98 -16.08 -16.59 -3.88
N LEU A 99 -16.76 -15.67 -4.54
CA LEU A 99 -17.83 -14.90 -3.89
C LEU A 99 -19.18 -15.58 -3.94
N SER A 100 -19.29 -16.57 -4.82
CA SER A 100 -20.55 -17.25 -5.06
C SER A 100 -20.28 -18.62 -5.66
N GLY A 101 -21.27 -19.51 -5.56
CA GLY A 101 -21.15 -20.85 -6.13
C GLY A 101 -20.91 -20.78 -7.62
N SER A 102 -21.60 -19.85 -8.28
CA SER A 102 -21.51 -19.63 -9.71
C SER A 102 -20.10 -19.16 -10.15
N ALA A 103 -19.52 -18.23 -9.38
CA ALA A 103 -18.15 -17.75 -9.64
C ALA A 103 -17.11 -18.85 -9.43
N ALA A 104 -17.26 -19.64 -8.36
CA ALA A 104 -16.42 -20.80 -8.11
C ALA A 104 -16.37 -21.74 -9.32
N ASN A 105 -17.54 -22.13 -9.82
CA ASN A 105 -17.62 -23.00 -11.00
C ASN A 105 -17.01 -22.37 -12.26
N VAL A 106 -17.30 -21.11 -12.52
CA VAL A 106 -16.70 -20.41 -13.67
C VAL A 106 -15.19 -20.35 -13.53
N GLN A 107 -14.71 -19.92 -12.36
CA GLN A 107 -13.29 -19.84 -12.07
C GLN A 107 -12.61 -21.21 -12.10
N ALA A 108 -13.17 -22.18 -11.39
CA ALA A 108 -12.62 -23.55 -11.39
C ALA A 108 -12.57 -24.16 -12.79
N LEU A 109 -13.62 -24.01 -13.57
CA LEU A 109 -13.67 -24.58 -14.91
C LEU A 109 -12.66 -23.92 -15.85
N TYR A 110 -12.52 -22.60 -15.74
CA TYR A 110 -11.58 -21.87 -16.57
C TYR A 110 -10.14 -22.31 -16.29
N ALA A 111 -9.82 -22.51 -15.02
CA ALA A 111 -8.51 -22.98 -14.59
C ALA A 111 -8.15 -24.30 -15.25
N LEU A 112 -9.15 -25.17 -15.40
CA LEU A 112 -8.93 -26.54 -15.85
C LEU A 112 -8.86 -26.65 -17.37
N VAL A 113 -9.74 -25.90 -18.05
CA VAL A 113 -9.91 -26.09 -19.49
C VAL A 113 -9.57 -24.87 -20.35
N GLY A 114 -9.69 -23.68 -19.79
CA GLY A 114 -9.46 -22.45 -20.56
C GLY A 114 -10.54 -22.16 -21.56
N VAL A 115 -10.53 -20.94 -22.11
CA VAL A 115 -11.49 -20.51 -23.13
C VAL A 115 -11.54 -21.52 -24.27
N LYS A 116 -12.76 -21.78 -24.78
CA LYS A 116 -13.00 -22.80 -25.82
C LYS A 116 -12.88 -24.24 -25.29
N GLY A 117 -12.54 -24.39 -24.01
CA GLY A 117 -12.44 -25.73 -23.41
C GLY A 117 -13.74 -26.52 -23.46
N LYS A 118 -13.61 -27.84 -23.50
CA LYS A 118 -14.77 -28.73 -23.58
C LYS A 118 -15.23 -29.18 -22.20
N ILE A 119 -16.53 -29.03 -21.93
CA ILE A 119 -17.08 -29.43 -20.64
C ILE A 119 -18.39 -30.22 -20.81
N MET A 120 -18.69 -31.09 -19.84
CA MET A 120 -19.95 -31.83 -19.83
C MET A 120 -20.64 -31.65 -18.49
N GLY A 121 -21.93 -31.35 -18.51
CA GLY A 121 -22.72 -31.20 -17.29
C GLY A 121 -24.17 -31.65 -17.47
N MET A 122 -24.89 -31.79 -16.36
CA MET A 122 -26.30 -32.14 -16.43
C MET A 122 -27.13 -30.94 -16.89
N HIS A 123 -28.07 -31.22 -17.79
CA HIS A 123 -29.02 -30.22 -18.27
C HIS A 123 -29.78 -29.63 -17.13
N LEU A 124 -30.16 -28.35 -17.27
CA LEU A 124 -30.89 -27.61 -16.22
C LEU A 124 -32.24 -28.23 -15.88
N CYS A 125 -33.03 -28.56 -16.89
CA CYS A 125 -34.37 -29.08 -16.67
C CYS A 125 -34.30 -30.50 -16.11
N SER A 126 -33.08 -31.02 -16.03
CA SER A 126 -32.83 -32.33 -15.47
C SER A 126 -32.15 -32.22 -14.10
N GLY A 127 -31.81 -31.00 -13.69
CA GLY A 127 -31.31 -30.77 -12.34
C GLY A 127 -29.87 -30.30 -12.19
N GLY A 128 -29.16 -30.14 -13.31
CA GLY A 128 -27.84 -29.51 -13.29
C GLY A 128 -27.97 -28.01 -13.14
N HIS A 129 -26.89 -27.35 -12.71
CA HIS A 129 -26.89 -25.90 -12.49
C HIS A 129 -26.56 -25.13 -13.74
N LEU A 130 -26.94 -23.86 -13.76
CA LEU A 130 -26.64 -22.94 -14.87
C LEU A 130 -25.15 -22.96 -15.25
N THR A 131 -24.28 -22.85 -14.26
CA THR A 131 -22.83 -22.83 -14.49
C THR A 131 -22.23 -24.21 -14.79
N HIS A 132 -23.08 -25.16 -15.18
CA HIS A 132 -22.61 -26.46 -15.64
C HIS A 132 -22.65 -26.58 -17.15
N GLY A 133 -22.79 -25.43 -17.81
CA GLY A 133 -22.72 -25.38 -19.27
C GLY A 133 -24.07 -25.20 -19.94
N PHE A 134 -25.00 -24.58 -19.24
CA PHE A 134 -26.35 -24.47 -19.78
C PHE A 134 -26.48 -23.52 -20.97
N PHE A 135 -27.10 -24.01 -22.03
CA PHE A 135 -27.53 -23.19 -23.15
C PHE A 135 -28.92 -23.60 -23.63
N ASP A 136 -29.51 -22.76 -24.47
CA ASP A 136 -30.77 -23.06 -25.14
C ASP A 136 -30.47 -23.32 -26.61
N GLU A 137 -31.50 -23.67 -27.37
CA GLU A 137 -31.34 -23.81 -28.83
C GLU A 137 -31.05 -22.45 -29.47
N LYS A 138 -31.51 -21.39 -28.81
CA LYS A 138 -31.29 -20.01 -29.27
C LYS A 138 -30.04 -19.36 -28.64
N LYS A 139 -30.05 -19.18 -27.32
CA LYS A 139 -29.02 -18.41 -26.63
C LYS A 139 -28.05 -19.25 -25.81
N LYS A 140 -26.81 -18.76 -25.70
CA LYS A 140 -25.84 -19.26 -24.72
C LYS A 140 -26.19 -18.59 -23.41
N VAL A 141 -27.05 -19.24 -22.64
CA VAL A 141 -27.71 -18.62 -21.49
C VAL A 141 -26.72 -18.38 -20.34
N SER A 142 -25.83 -19.34 -20.13
CA SER A 142 -24.79 -19.23 -19.14
C SER A 142 -23.46 -18.98 -19.83
N ILE A 143 -22.60 -18.17 -19.21
CA ILE A 143 -21.26 -17.96 -19.74
C ILE A 143 -20.55 -19.30 -19.97
N THR A 144 -20.93 -20.32 -19.20
CA THR A 144 -20.24 -21.63 -19.27
C THR A 144 -20.49 -22.41 -20.57
N SER A 145 -21.48 -21.97 -21.36
CA SER A 145 -21.71 -22.55 -22.68
C SER A 145 -21.08 -21.71 -23.80
N ASP A 146 -20.79 -20.43 -23.49
CA ASP A 146 -20.24 -19.49 -24.47
C ASP A 146 -18.71 -19.39 -24.36
N MET A 147 -18.22 -19.33 -23.12
CA MET A 147 -16.80 -19.26 -22.84
C MET A 147 -16.16 -20.62 -23.11
N PHE A 148 -16.94 -21.67 -22.82
CA PHE A 148 -16.52 -23.06 -23.00
C PHE A 148 -17.43 -23.72 -24.03
N GLU A 149 -16.99 -24.83 -24.59
CA GLU A 149 -17.89 -25.62 -25.43
C GLU A 149 -18.49 -26.68 -24.54
N SER A 150 -19.81 -26.67 -24.42
CA SER A 150 -20.47 -27.55 -23.48
C SER A 150 -21.45 -28.50 -24.13
N LYS A 151 -21.58 -29.67 -23.53
CA LYS A 151 -22.58 -30.66 -23.89
C LYS A 151 -23.34 -31.06 -22.63
N LEU A 152 -24.64 -31.23 -22.79
CA LEU A 152 -25.51 -31.45 -21.64
C LEU A 152 -26.14 -32.84 -21.65
N TYR A 153 -25.90 -33.60 -20.58
CA TYR A 153 -26.55 -34.90 -20.43
C TYR A 153 -27.86 -34.78 -19.62
N LYS A 154 -28.65 -35.86 -19.65
CA LYS A 154 -29.96 -35.87 -19.02
C LYS A 154 -30.10 -37.06 -18.05
N CYS A 155 -31.15 -37.05 -17.25
N CYS A 155 -31.17 -37.05 -17.26
CA CYS A 155 -31.50 -38.20 -16.43
CA CYS A 155 -31.57 -38.20 -16.47
C CYS A 155 -32.48 -39.06 -17.22
C CYS A 155 -32.38 -39.13 -17.34
N ASN A 156 -32.61 -40.34 -16.85
CA ASN A 156 -33.61 -41.24 -17.44
C ASN A 156 -35.01 -40.84 -16.96
N SER A 157 -36.05 -41.44 -17.56
CA SER A 157 -37.43 -41.12 -17.23
C SER A 157 -37.86 -41.49 -15.81
N GLN A 158 -36.99 -42.20 -15.10
CA GLN A 158 -37.22 -42.51 -13.70
C GLN A 158 -36.60 -41.44 -12.82
N GLY A 159 -35.87 -40.50 -13.42
CA GLY A 159 -35.21 -39.42 -12.68
C GLY A 159 -33.82 -39.72 -12.15
N TYR A 160 -33.17 -40.73 -12.70
CA TYR A 160 -31.81 -41.11 -12.29
C TYR A 160 -30.79 -40.66 -13.32
N VAL A 161 -29.60 -40.26 -12.86
CA VAL A 161 -28.50 -39.98 -13.79
C VAL A 161 -28.30 -41.20 -14.68
N ASP A 162 -28.38 -40.98 -15.99
CA ASP A 162 -28.21 -42.06 -16.95
C ASP A 162 -26.73 -42.24 -17.27
N LEU A 163 -26.05 -43.04 -16.46
CA LEU A 163 -24.60 -43.22 -16.60
C LEU A 163 -24.17 -43.73 -17.98
N ASP A 164 -24.96 -44.64 -18.55
CA ASP A 164 -24.72 -45.13 -19.91
C ASP A 164 -24.81 -44.01 -20.96
N ALA A 165 -25.69 -43.04 -20.75
CA ALA A 165 -25.76 -41.88 -21.64
C ALA A 165 -24.57 -40.95 -21.43
N VAL A 166 -24.08 -40.90 -20.19
CA VAL A 166 -22.89 -40.11 -19.85
C VAL A 166 -21.65 -40.66 -20.58
N ARG A 167 -21.41 -41.97 -20.47
CA ARG A 167 -20.28 -42.60 -21.17
C ARG A 167 -20.38 -42.41 -22.68
N GLU A 168 -21.56 -42.67 -23.23
CA GLU A 168 -21.83 -42.48 -24.65
C GLU A 168 -21.33 -41.10 -25.08
N MET A 169 -21.97 -40.07 -24.52
CA MET A 169 -21.70 -38.67 -24.84
C MET A 169 -20.24 -38.28 -24.61
N ALA A 170 -19.63 -38.82 -23.55
CA ALA A 170 -18.22 -38.55 -23.25
C ALA A 170 -17.23 -39.10 -24.30
N LEU A 171 -17.53 -40.26 -24.89
CA LEU A 171 -16.63 -40.89 -25.88
C LEU A 171 -16.78 -40.22 -27.23
N SER A 172 -18.00 -39.75 -27.51
CA SER A 172 -18.32 -39.09 -28.76
C SER A 172 -17.79 -37.66 -28.79
N PHE A 173 -17.73 -37.03 -27.60
CA PHE A 173 -17.46 -35.60 -27.46
C PHE A 173 -16.10 -35.27 -26.84
N LYS A 174 -15.50 -36.23 -26.12
CA LYS A 174 -14.19 -36.06 -25.46
C LYS A 174 -14.04 -34.71 -24.75
N PRO A 175 -14.76 -34.51 -23.63
CA PRO A 175 -14.62 -33.30 -22.83
C PRO A 175 -13.33 -33.33 -22.01
N LYS A 176 -12.92 -32.19 -21.49
CA LYS A 176 -11.79 -32.15 -20.56
C LYS A 176 -12.28 -32.13 -19.11
N VAL A 177 -13.55 -31.76 -18.92
CA VAL A 177 -14.18 -31.77 -17.60
C VAL A 177 -15.58 -32.35 -17.66
N ILE A 178 -15.89 -33.26 -16.73
CA ILE A 178 -17.26 -33.74 -16.58
C ILE A 178 -17.77 -33.33 -15.21
N ILE A 179 -18.85 -32.56 -15.19
CA ILE A 179 -19.41 -32.09 -13.93
C ILE A 179 -20.56 -32.99 -13.47
N CYS A 180 -20.56 -33.28 -12.18
CA CYS A 180 -21.68 -33.94 -11.53
C CYS A 180 -21.91 -33.24 -10.18
N GLY A 181 -23.02 -33.59 -9.53
CA GLY A 181 -23.47 -32.88 -8.34
C GLY A 181 -24.41 -31.79 -8.82
N TYR A 182 -25.60 -31.70 -8.23
CA TYR A 182 -26.72 -31.03 -8.90
C TYR A 182 -27.53 -30.06 -8.04
N THR A 183 -28.47 -29.39 -8.68
CA THR A 183 -29.29 -28.43 -7.97
C THR A 183 -30.54 -29.09 -7.45
N SER A 184 -31.02 -30.10 -8.18
CA SER A 184 -32.32 -30.65 -7.88
C SER A 184 -32.39 -32.16 -8.08
N TYR A 185 -31.48 -32.86 -7.43
CA TYR A 185 -31.40 -34.31 -7.55
C TYR A 185 -31.65 -34.93 -6.18
N PRO A 186 -32.72 -35.75 -6.06
CA PRO A 186 -33.15 -36.30 -4.78
C PRO A 186 -32.37 -37.54 -4.30
N ARG A 187 -31.45 -38.03 -5.12
CA ARG A 187 -30.69 -39.23 -4.78
C ARG A 187 -29.18 -38.97 -4.69
N ASP A 188 -28.46 -39.84 -3.97
CA ASP A 188 -26.99 -39.75 -3.92
C ASP A 188 -26.37 -40.05 -5.28
N ILE A 189 -25.08 -39.70 -5.42
CA ILE A 189 -24.36 -39.76 -6.70
C ILE A 189 -23.29 -40.84 -6.68
N ASP A 190 -23.16 -41.55 -7.79
CA ASP A 190 -22.12 -42.57 -7.93
C ASP A 190 -20.86 -41.97 -8.56
N TYR A 191 -20.01 -41.40 -7.71
CA TYR A 191 -18.79 -40.71 -8.17
C TYR A 191 -17.75 -41.66 -8.73
N GLN A 192 -17.66 -42.85 -8.13
CA GLN A 192 -16.79 -43.91 -8.65
C GLN A 192 -17.06 -44.17 -10.13
N GLN A 193 -18.33 -44.21 -10.51
CA GLN A 193 -18.69 -44.46 -11.90
C GLN A 193 -18.37 -43.27 -12.80
N PHE A 194 -18.45 -42.04 -12.25
CA PHE A 194 -18.04 -40.87 -13.02
C PHE A 194 -16.53 -40.86 -13.23
N ARG A 195 -15.80 -41.16 -12.16
CA ARG A 195 -14.34 -41.27 -12.16
C ARG A 195 -13.83 -42.25 -13.23
N GLN A 196 -14.51 -43.38 -13.37
CA GLN A 196 -14.20 -44.37 -14.40
C GLN A 196 -14.44 -43.81 -15.80
N ILE A 197 -15.53 -43.07 -15.98
CA ILE A 197 -15.86 -42.46 -17.28
C ILE A 197 -14.85 -41.37 -17.65
N CYS A 198 -14.40 -40.61 -16.67
CA CYS A 198 -13.44 -39.57 -16.91
C CYS A 198 -12.08 -40.16 -17.30
N ASP A 199 -11.71 -41.28 -16.68
CA ASP A 199 -10.43 -41.96 -16.94
C ASP A 199 -10.31 -42.52 -18.37
N GLU A 200 -11.41 -43.01 -18.92
CA GLU A 200 -11.42 -43.54 -20.28
C GLU A 200 -11.39 -42.45 -21.35
N VAL A 201 -11.46 -41.19 -20.91
CA VAL A 201 -11.46 -40.06 -21.83
C VAL A 201 -10.39 -39.03 -21.45
N ASN A 202 -9.70 -39.30 -20.34
CA ASN A 202 -8.73 -38.37 -19.76
C ASN A 202 -9.39 -37.00 -19.52
N ALA A 203 -10.54 -37.04 -18.85
CA ALA A 203 -11.26 -35.83 -18.46
C ALA A 203 -11.12 -35.64 -16.96
N TYR A 204 -11.21 -34.39 -16.51
CA TYR A 204 -11.24 -34.09 -15.10
C TYR A 204 -12.64 -34.40 -14.54
N LEU A 205 -12.68 -34.82 -13.28
CA LEU A 205 -13.93 -35.06 -12.58
C LEU A 205 -14.19 -33.93 -11.61
N PHE A 206 -15.36 -33.32 -11.78
CA PHE A 206 -15.74 -32.11 -11.09
C PHE A 206 -17.04 -32.38 -10.32
N ALA A 207 -16.95 -32.27 -8.99
CA ALA A 207 -18.08 -32.51 -8.12
C ALA A 207 -18.57 -31.24 -7.44
N ASP A 208 -19.69 -30.71 -7.91
CA ASP A 208 -20.33 -29.58 -7.25
C ASP A 208 -21.32 -30.09 -6.22
N ILE A 209 -20.94 -30.00 -4.95
CA ILE A 209 -21.68 -30.62 -3.86
C ILE A 209 -22.42 -29.57 -3.01
N SER A 210 -22.71 -28.44 -3.64
CA SER A 210 -23.37 -27.29 -2.99
C SER A 210 -24.65 -27.64 -2.25
N HIS A 211 -25.45 -28.52 -2.82
CA HIS A 211 -26.71 -28.92 -2.19
C HIS A 211 -26.58 -29.93 -1.11
N ILE A 212 -25.54 -30.75 -1.21
CA ILE A 212 -25.40 -31.86 -0.30
C ILE A 212 -24.14 -31.77 0.57
N SER A 213 -23.52 -30.59 0.61
CA SER A 213 -22.19 -30.43 1.24
C SER A 213 -22.13 -31.01 2.66
N SER A 214 -23.13 -30.71 3.47
CA SER A 214 -23.18 -31.16 4.86
C SER A 214 -23.24 -32.68 4.99
N PHE A 215 -23.91 -33.34 4.05
CA PHE A 215 -23.96 -34.78 4.02
C PHE A 215 -22.59 -35.37 3.71
N VAL A 216 -21.79 -34.61 2.96
CA VAL A 216 -20.46 -35.07 2.59
C VAL A 216 -19.52 -34.84 3.76
N ALA A 217 -19.56 -33.65 4.34
CA ALA A 217 -18.76 -33.34 5.51
C ALA A 217 -19.02 -34.32 6.65
N CYS A 218 -20.29 -34.63 6.91
CA CYS A 218 -20.67 -35.44 8.08
C CYS A 218 -20.57 -36.94 7.82
N ASN A 219 -20.18 -37.29 6.61
CA ASN A 219 -19.99 -38.68 6.18
C ASN A 219 -21.29 -39.50 6.16
N ILE A 220 -22.37 -38.85 5.71
CA ILE A 220 -23.69 -39.45 5.62
C ILE A 220 -23.99 -39.95 4.21
N LEU A 221 -23.50 -39.23 3.21
CA LEU A 221 -23.61 -39.65 1.82
C LEU A 221 -22.23 -40.02 1.25
N ASN A 222 -22.19 -40.44 -0.01
CA ASN A 222 -20.94 -40.73 -0.70
C ASN A 222 -19.93 -39.58 -0.63
N ASN A 223 -18.66 -39.94 -0.69
CA ASN A 223 -17.56 -38.99 -0.57
C ASN A 223 -16.97 -38.73 -1.93
N PRO A 224 -17.20 -37.51 -2.47
CA PRO A 224 -16.63 -37.19 -3.78
C PRO A 224 -15.11 -37.02 -3.70
N PHE A 225 -14.59 -36.62 -2.54
CA PHE A 225 -13.14 -36.39 -2.37
C PHE A 225 -12.28 -37.62 -2.62
N LEU A 226 -12.91 -38.80 -2.64
CA LEU A 226 -12.22 -40.05 -2.97
C LEU A 226 -11.95 -40.18 -4.46
N HIS A 227 -12.71 -39.48 -5.28
CA HIS A 227 -12.66 -39.66 -6.73
C HIS A 227 -12.41 -38.40 -7.52
N ALA A 228 -12.82 -37.26 -6.98
CA ALA A 228 -12.78 -36.00 -7.74
C ALA A 228 -11.42 -35.31 -7.77
N ASP A 229 -11.14 -34.67 -8.90
CA ASP A 229 -10.00 -33.76 -9.02
C ASP A 229 -10.31 -32.42 -8.40
N VAL A 230 -11.57 -31.99 -8.59
CA VAL A 230 -12.05 -30.68 -8.13
C VAL A 230 -13.41 -30.83 -7.47
N VAL A 231 -13.57 -30.25 -6.30
CA VAL A 231 -14.87 -30.18 -5.65
C VAL A 231 -15.24 -28.73 -5.33
N THR A 232 -16.38 -28.27 -5.82
CA THR A 232 -16.92 -26.97 -5.40
C THR A 232 -18.13 -27.11 -4.49
N THR A 233 -18.24 -26.17 -3.56
CA THR A 233 -19.44 -26.02 -2.75
C THR A 233 -19.64 -24.58 -2.33
N THR A 234 -20.90 -24.15 -2.39
CA THR A 234 -21.36 -22.95 -1.70
C THR A 234 -21.13 -23.18 -0.22
N THR A 235 -21.03 -22.08 0.51
CA THR A 235 -20.92 -22.12 1.97
C THR A 235 -22.29 -21.86 2.60
N HIS A 236 -23.24 -21.42 1.77
CA HIS A 236 -24.61 -21.27 2.24
C HIS A 236 -25.37 -22.56 2.07
N LYS A 237 -26.65 -22.51 1.74
CA LYS A 237 -27.48 -23.70 1.59
C LYS A 237 -27.39 -24.61 2.81
N ILE A 238 -27.29 -25.91 2.60
CA ILE A 238 -27.29 -26.88 3.71
C ILE A 238 -26.12 -26.70 4.69
N LEU A 239 -24.99 -26.17 4.20
CA LEU A 239 -23.84 -25.89 5.08
C LEU A 239 -24.18 -24.80 6.09
N ARG A 240 -25.16 -23.95 5.74
CA ARG A 240 -25.73 -22.94 6.63
C ARG A 240 -24.76 -21.79 6.93
N GLY A 241 -23.83 -21.55 6.01
CA GLY A 241 -22.88 -20.46 6.18
C GLY A 241 -23.31 -19.20 5.46
N PRO A 242 -22.37 -18.26 5.28
CA PRO A 242 -22.72 -17.06 4.58
C PRO A 242 -22.72 -17.35 3.10
N ARG A 243 -23.06 -16.33 2.33
CA ARG A 243 -23.07 -16.47 0.90
C ARG A 243 -21.64 -16.34 0.35
N SER A 244 -21.06 -17.48 -0.05
CA SER A 244 -19.68 -17.55 -0.53
C SER A 244 -19.48 -18.98 -1.08
N ALA A 245 -18.26 -19.31 -1.49
CA ALA A 245 -18.01 -20.65 -2.03
C ALA A 245 -16.57 -21.13 -1.86
N LEU A 246 -16.40 -22.45 -1.94
CA LEU A 246 -15.08 -23.06 -1.81
C LEU A 246 -14.72 -23.83 -3.06
N ILE A 247 -13.44 -23.81 -3.39
CA ILE A 247 -12.92 -24.67 -4.46
C ILE A 247 -11.85 -25.54 -3.79
N PHE A 248 -12.09 -26.85 -3.76
CA PHE A 248 -11.08 -27.80 -3.32
C PHE A 248 -10.41 -28.42 -4.53
N PHE A 249 -9.10 -28.64 -4.44
CA PHE A 249 -8.37 -29.27 -5.53
C PHE A 249 -7.41 -30.32 -4.98
N ASN A 250 -7.32 -31.43 -5.69
CA ASN A 250 -6.48 -32.56 -5.28
C ASN A 250 -5.07 -32.36 -5.83
N LYS A 251 -4.15 -31.97 -4.94
CA LYS A 251 -2.77 -31.74 -5.35
C LYS A 251 -2.15 -33.04 -5.82
N LYS A 252 -2.37 -34.10 -5.04
CA LYS A 252 -1.73 -35.40 -5.27
C LYS A 252 -2.06 -36.02 -6.62
N ARG A 253 -3.25 -35.74 -7.15
CA ARG A 253 -3.63 -36.26 -8.46
C ARG A 253 -3.24 -35.28 -9.57
N ASN A 254 -3.08 -34.01 -9.21
CA ASN A 254 -2.77 -32.98 -10.20
C ASN A 254 -1.71 -32.00 -9.73
N PRO A 255 -0.45 -32.23 -10.14
CA PRO A 255 0.61 -31.27 -9.79
C PRO A 255 0.40 -29.96 -10.54
N GLY A 256 0.66 -28.85 -9.87
CA GLY A 256 0.56 -27.53 -10.50
C GLY A 256 -0.87 -27.03 -10.71
N ILE A 257 -1.85 -27.80 -10.24
CA ILE A 257 -3.25 -27.40 -10.27
C ILE A 257 -3.51 -26.28 -9.25
N GLU A 258 -2.81 -26.33 -8.10
CA GLU A 258 -2.94 -25.30 -7.07
C GLU A 258 -2.84 -23.87 -7.63
N GLN A 259 -1.80 -23.62 -8.42
CA GLN A 259 -1.60 -22.30 -8.98
C GLN A 259 -2.60 -22.02 -10.10
N LYS A 260 -2.99 -23.05 -10.86
CA LYS A 260 -4.05 -22.90 -11.86
C LYS A 260 -5.39 -22.41 -11.26
N ILE A 261 -5.82 -23.01 -10.15
CA ILE A 261 -7.04 -22.58 -9.47
C ILE A 261 -6.88 -21.23 -8.78
N ASN A 262 -5.81 -21.08 -8.00
CA ASN A 262 -5.53 -19.81 -7.30
C ASN A 262 -5.41 -18.59 -8.23
N SER A 263 -4.99 -18.80 -9.47
CA SER A 263 -4.76 -17.67 -10.37
C SER A 263 -6.00 -17.32 -11.21
N ALA A 264 -6.79 -18.34 -11.55
CA ALA A 264 -8.06 -18.13 -12.22
C ALA A 264 -9.02 -17.29 -11.37
N VAL A 265 -9.00 -17.50 -10.06
CA VAL A 265 -9.87 -16.79 -9.12
C VAL A 265 -9.39 -15.34 -9.05
N PHE A 266 -8.12 -15.17 -8.69
CA PHE A 266 -7.44 -13.89 -8.76
C PHE A 266 -6.04 -14.09 -9.31
N PRO A 267 -5.64 -13.30 -10.32
CA PRO A 267 -6.28 -12.10 -10.85
C PRO A 267 -7.03 -12.24 -12.17
N SER A 268 -7.38 -13.45 -12.58
CA SER A 268 -8.14 -13.61 -13.82
C SER A 268 -9.56 -13.03 -13.71
N PHE A 269 -10.25 -13.38 -12.61
CA PHE A 269 -11.68 -13.06 -12.44
C PHE A 269 -12.00 -12.01 -11.36
N GLN A 270 -11.58 -12.27 -10.13
CA GLN A 270 -11.89 -11.38 -9.00
C GLN A 270 -10.83 -10.32 -8.72
N GLY A 271 -11.22 -9.29 -7.97
CA GLY A 271 -10.28 -8.33 -7.36
C GLY A 271 -10.03 -8.73 -5.92
N GLY A 272 -10.02 -7.76 -5.01
CA GLY A 272 -9.82 -8.05 -3.59
C GLY A 272 -10.82 -9.08 -3.09
N PRO A 273 -10.42 -9.90 -2.10
CA PRO A 273 -11.46 -10.74 -1.51
C PRO A 273 -12.34 -9.93 -0.57
N HIS A 274 -13.50 -10.46 -0.23
CA HIS A 274 -14.38 -9.85 0.74
C HIS A 274 -14.14 -10.49 2.07
N ASN A 275 -13.35 -9.80 2.90
CA ASN A 275 -12.84 -10.39 4.12
C ASN A 275 -13.90 -10.68 5.16
N ASN A 276 -15.01 -9.93 5.13
CA ASN A 276 -16.16 -10.27 5.97
C ASN A 276 -16.77 -11.63 5.59
N LYS A 277 -16.73 -11.96 4.31
CA LYS A 277 -17.20 -13.28 3.83
C LYS A 277 -16.30 -14.41 4.32
N ILE A 278 -14.99 -14.21 4.19
CA ILE A 278 -13.97 -15.18 4.63
C ILE A 278 -14.06 -15.38 6.16
N ALA A 279 -14.13 -14.29 6.91
CA ALA A 279 -14.38 -14.35 8.35
C ALA A 279 -15.61 -15.22 8.69
N ALA A 280 -16.72 -14.94 8.02
CA ALA A 280 -17.97 -15.63 8.31
C ALA A 280 -17.92 -17.11 7.91
N VAL A 281 -17.28 -17.40 6.79
CA VAL A 281 -17.07 -18.78 6.37
C VAL A 281 -16.24 -19.52 7.40
N ALA A 282 -15.26 -18.84 8.01
CA ALA A 282 -14.40 -19.46 9.01
C ALA A 282 -15.21 -19.84 10.24
N CYS A 283 -16.06 -18.92 10.67
CA CYS A 283 -16.90 -19.08 11.84
C CYS A 283 -17.90 -20.25 11.74
N GLN A 284 -18.38 -20.53 10.54
CA GLN A 284 -19.36 -21.58 10.33
C GLN A 284 -18.71 -22.96 10.13
N LEU A 285 -17.57 -22.97 9.45
CA LEU A 285 -16.81 -24.18 9.27
C LEU A 285 -16.31 -24.74 10.62
N LYS A 286 -16.15 -23.87 11.60
CA LYS A 286 -15.88 -24.32 12.96
C LYS A 286 -17.07 -25.15 13.36
N GLU A 287 -18.27 -24.56 13.26
CA GLU A 287 -19.51 -25.27 13.56
C GLU A 287 -19.66 -26.58 12.79
N VAL A 288 -19.40 -26.56 11.48
CA VAL A 288 -19.63 -27.74 10.65
C VAL A 288 -18.94 -28.98 11.21
N HIS A 289 -17.75 -28.81 11.77
CA HIS A 289 -16.94 -29.92 12.26
C HIS A 289 -17.29 -30.35 13.67
N SER A 290 -18.27 -29.67 14.29
CA SER A 290 -18.75 -30.00 15.64
C SER A 290 -19.88 -31.06 15.63
N PRO A 291 -20.09 -31.77 16.76
CA PRO A 291 -20.99 -32.93 16.74
C PRO A 291 -22.46 -32.51 16.74
N ALA A 292 -22.75 -31.36 17.33
CA ALA A 292 -24.06 -30.72 17.18
C ALA A 292 -24.46 -30.51 15.71
N PHE A 293 -23.50 -30.18 14.84
CA PHE A 293 -23.79 -30.01 13.41
C PHE A 293 -24.09 -31.33 12.70
N LYS A 294 -23.41 -32.41 13.10
CA LYS A 294 -23.73 -33.71 12.54
C LYS A 294 -25.16 -34.11 12.94
N GLU A 295 -25.49 -33.88 14.21
CA GLU A 295 -26.85 -34.12 14.69
C GLU A 295 -27.85 -33.40 13.78
N TYR A 296 -27.57 -32.12 13.52
CA TYR A 296 -28.44 -31.30 12.71
C TYR A 296 -28.60 -31.89 11.32
N THR A 297 -27.48 -32.21 10.69
CA THR A 297 -27.49 -32.82 9.36
C THR A 297 -28.29 -34.13 9.35
N GLN A 298 -28.20 -34.89 10.43
CA GLN A 298 -28.99 -36.11 10.59
C GLN A 298 -30.47 -35.77 10.72
N GLN A 299 -30.79 -34.74 11.48
CA GLN A 299 -32.18 -34.34 11.61
C GLN A 299 -32.74 -33.91 10.24
N VAL A 300 -31.91 -33.28 9.42
CA VAL A 300 -32.29 -32.89 8.06
C VAL A 300 -32.67 -34.11 7.24
N LEU A 301 -31.86 -35.16 7.32
CA LEU A 301 -32.15 -36.35 6.53
C LEU A 301 -33.38 -37.07 7.07
N LEU A 302 -33.43 -37.28 8.39
CA LEU A 302 -34.60 -37.85 9.04
C LEU A 302 -35.87 -37.12 8.58
N ASN A 303 -35.84 -35.78 8.64
CA ASN A 303 -37.01 -34.97 8.28
C ASN A 303 -37.44 -35.17 6.85
N SER A 304 -36.46 -35.25 5.96
CA SER A 304 -36.73 -35.47 4.55
C SER A 304 -37.36 -36.84 4.32
N LYS A 305 -36.83 -37.87 4.98
CA LYS A 305 -37.36 -39.22 4.90
C LYS A 305 -38.81 -39.26 5.37
N ALA A 306 -39.08 -38.59 6.49
CA ALA A 306 -40.43 -38.58 7.04
C ALA A 306 -41.40 -37.80 6.17
N LEU A 307 -40.90 -36.79 5.47
CA LEU A 307 -41.77 -35.93 4.67
C LEU A 307 -42.12 -36.66 3.38
N ALA A 308 -41.12 -37.31 2.80
CA ALA A 308 -41.30 -38.20 1.66
C ALA A 308 -42.35 -39.27 1.96
N LYS A 309 -42.17 -39.93 3.10
CA LYS A 309 -43.03 -41.03 3.52
C LYS A 309 -44.48 -40.57 3.73
N ALA A 310 -44.65 -39.44 4.41
CA ALA A 310 -45.99 -38.89 4.70
C ALA A 310 -46.67 -38.37 3.43
N LEU A 311 -45.87 -37.89 2.49
CA LEU A 311 -46.39 -37.48 1.18
C LEU A 311 -46.86 -38.71 0.39
N ILE A 312 -46.06 -39.79 0.44
CA ILE A 312 -46.43 -41.03 -0.22
C ILE A 312 -47.71 -41.56 0.43
N SER A 313 -47.78 -41.52 1.76
CA SER A 313 -48.95 -42.01 2.49
C SER A 313 -50.24 -41.23 2.20
N LYS A 314 -50.12 -40.09 1.50
CA LYS A 314 -51.30 -39.33 1.04
C LYS A 314 -51.46 -39.43 -0.47
N GLN A 315 -50.77 -40.42 -1.08
CA GLN A 315 -50.88 -40.74 -2.51
C GLN A 315 -50.30 -39.66 -3.44
N ILE A 316 -49.30 -38.95 -2.95
CA ILE A 316 -48.57 -38.00 -3.77
C ILE A 316 -47.31 -38.66 -4.33
N ASP A 317 -47.11 -38.51 -5.64
CA ASP A 317 -45.95 -39.09 -6.34
C ASP A 317 -44.66 -38.26 -6.21
N LEU A 318 -43.52 -38.95 -6.00
CA LEU A 318 -42.21 -38.31 -5.87
C LEU A 318 -41.27 -38.84 -6.95
N VAL A 319 -40.50 -37.96 -7.57
CA VAL A 319 -39.55 -38.41 -8.60
C VAL A 319 -38.49 -39.28 -7.93
N THR A 320 -38.27 -40.47 -8.51
CA THR A 320 -37.45 -41.55 -7.95
C THR A 320 -38.11 -42.23 -6.76
N ASN A 321 -39.38 -41.89 -6.52
CA ASN A 321 -40.19 -42.48 -5.46
C ASN A 321 -39.59 -42.37 -4.07
N GLY A 322 -38.78 -41.32 -3.86
CA GLY A 322 -38.21 -41.00 -2.58
C GLY A 322 -36.97 -40.13 -2.70
N THR A 323 -36.15 -40.15 -1.67
CA THR A 323 -34.98 -39.31 -1.57
C THR A 323 -33.88 -39.97 -0.72
N ASP A 324 -32.60 -39.68 -1.02
CA ASP A 324 -31.50 -40.07 -0.13
C ASP A 324 -30.99 -38.86 0.61
N ASN A 325 -31.52 -37.69 0.29
CA ASN A 325 -30.97 -36.47 0.86
C ASN A 325 -31.98 -35.57 1.52
N HIS A 326 -31.81 -34.26 1.32
CA HIS A 326 -32.55 -33.23 2.00
C HIS A 326 -33.71 -32.76 1.14
N LEU A 327 -33.78 -33.23 -0.09
CA LEU A 327 -34.78 -32.73 -1.04
C LEU A 327 -35.66 -33.76 -1.75
N ILE A 328 -36.90 -33.33 -2.00
CA ILE A 328 -37.88 -34.17 -2.66
C ILE A 328 -38.40 -33.37 -3.84
N VAL A 329 -38.53 -34.03 -5.00
CA VAL A 329 -39.24 -33.45 -6.12
C VAL A 329 -40.61 -34.14 -6.25
N VAL A 330 -41.67 -33.35 -6.14
CA VAL A 330 -43.03 -33.86 -6.28
C VAL A 330 -43.43 -33.84 -7.74
N ASP A 331 -43.97 -34.96 -8.21
CA ASP A 331 -44.55 -35.11 -9.55
C ASP A 331 -46.05 -34.87 -9.43
N LEU A 332 -46.55 -33.86 -10.14
CA LEU A 332 -47.95 -33.45 -10.01
C LEU A 332 -48.90 -33.88 -11.14
N ARG A 333 -48.39 -34.59 -12.15
CA ARG A 333 -49.17 -34.97 -13.35
C ARG A 333 -50.53 -35.62 -13.01
N LYS A 334 -50.54 -36.41 -11.96
CA LYS A 334 -51.69 -37.12 -11.40
C LYS A 334 -52.86 -36.20 -11.07
N PHE A 335 -52.56 -34.93 -10.87
CA PHE A 335 -53.51 -33.97 -10.36
C PHE A 335 -53.87 -32.97 -11.47
N SER A 336 -53.21 -33.10 -12.60
CA SER A 336 -53.41 -32.20 -13.74
C SER A 336 -53.20 -30.71 -13.39
N ILE A 337 -52.29 -30.44 -12.46
CA ILE A 337 -51.84 -29.07 -12.15
C ILE A 337 -50.33 -28.93 -12.39
N THR A 338 -49.89 -27.71 -12.68
CA THR A 338 -48.46 -27.43 -12.85
C THR A 338 -47.80 -27.06 -11.53
N GLY A 339 -46.50 -27.32 -11.46
CA GLY A 339 -45.64 -26.81 -10.36
C GLY A 339 -45.75 -25.30 -10.31
N SER A 340 -45.77 -24.71 -11.49
CA SER A 340 -46.04 -23.30 -11.67
C SER A 340 -47.22 -22.81 -10.80
N LYS A 341 -48.40 -23.44 -10.97
CA LYS A 341 -49.60 -23.09 -10.20
C LYS A 341 -49.47 -23.34 -8.70
N LEU A 342 -48.87 -24.48 -8.33
CA LEU A 342 -48.74 -24.85 -6.93
C LEU A 342 -47.83 -23.86 -6.17
N GLN A 343 -46.78 -23.42 -6.85
CA GLN A 343 -45.92 -22.37 -6.30
C GLN A 343 -46.73 -21.12 -5.91
N GLU A 344 -47.60 -20.68 -6.81
CA GLU A 344 -48.51 -19.56 -6.53
C GLU A 344 -49.41 -19.80 -5.34
N THR A 345 -50.04 -20.99 -5.28
CA THR A 345 -50.93 -21.35 -4.18
C THR A 345 -50.20 -21.37 -2.83
N CYS A 346 -48.99 -21.94 -2.85
CA CYS A 346 -48.19 -22.00 -1.63
C CYS A 346 -47.69 -20.60 -1.24
N ASN A 347 -47.33 -19.78 -2.23
CA ASN A 347 -46.97 -18.37 -1.97
C ASN A 347 -48.09 -17.73 -1.16
N ALA A 348 -49.32 -17.86 -1.65
CA ALA A 348 -50.51 -17.28 -0.98
C ALA A 348 -50.75 -17.75 0.46
N ILE A 349 -50.06 -18.82 0.88
CA ILE A 349 -50.25 -19.34 2.25
C ILE A 349 -48.98 -19.38 3.09
N ASN A 350 -48.01 -18.55 2.74
CA ASN A 350 -46.73 -18.48 3.45
C ASN A 350 -45.95 -19.79 3.44
N VAL A 351 -46.03 -20.50 2.32
CA VAL A 351 -45.24 -21.71 2.10
C VAL A 351 -44.33 -21.48 0.90
N SER A 352 -43.02 -21.58 1.14
CA SER A 352 -42.03 -21.34 0.10
C SER A 352 -41.52 -22.64 -0.51
N LEU A 353 -41.72 -22.78 -1.80
CA LEU A 353 -41.21 -23.92 -2.55
C LEU A 353 -41.13 -23.45 -3.97
N ASN A 354 -40.52 -24.24 -4.85
CA ASN A 354 -40.43 -23.77 -6.22
C ASN A 354 -40.78 -24.82 -7.24
N LYS A 355 -41.32 -24.34 -8.36
CA LYS A 355 -41.58 -25.18 -9.51
C LYS A 355 -40.29 -25.89 -9.93
N ASN A 356 -40.43 -27.12 -10.40
CA ASN A 356 -39.30 -27.92 -10.84
C ASN A 356 -39.76 -28.82 -11.99
N THR A 357 -38.90 -29.00 -13.00
CA THR A 357 -39.25 -29.91 -14.07
C THR A 357 -39.16 -31.36 -13.63
N ILE A 358 -39.88 -32.22 -14.34
CA ILE A 358 -39.75 -33.66 -14.11
C ILE A 358 -39.31 -34.30 -15.44
N PRO A 359 -38.82 -35.55 -15.41
CA PRO A 359 -38.20 -36.09 -16.64
C PRO A 359 -39.07 -35.98 -17.90
N SER A 360 -40.39 -36.18 -17.74
CA SER A 360 -41.34 -36.11 -18.87
C SER A 360 -41.63 -34.70 -19.40
N ASP A 361 -41.10 -33.67 -18.74
CA ASP A 361 -41.23 -32.30 -19.24
C ASP A 361 -40.16 -32.05 -20.30
N VAL A 362 -40.58 -31.65 -21.50
CA VAL A 362 -39.64 -31.25 -22.56
C VAL A 362 -39.42 -29.74 -22.52
N ASP A 363 -40.48 -29.00 -22.19
CA ASP A 363 -40.41 -27.58 -21.87
C ASP A 363 -39.72 -27.39 -20.52
N CYS A 364 -39.12 -26.23 -20.30
CA CYS A 364 -38.77 -25.81 -18.94
C CYS A 364 -39.82 -24.79 -18.49
N VAL A 365 -40.78 -24.52 -19.40
CA VAL A 365 -41.92 -23.68 -19.09
C VAL A 365 -43.10 -24.58 -18.69
N SER A 366 -43.90 -24.10 -17.74
CA SER A 366 -45.03 -24.85 -17.18
C SER A 366 -44.61 -26.27 -16.76
N PRO A 367 -43.61 -26.37 -15.84
CA PRO A 367 -43.09 -27.67 -15.39
C PRO A 367 -44.08 -28.41 -14.52
N SER A 368 -43.91 -29.71 -14.38
CA SER A 368 -44.92 -30.55 -13.78
C SER A 368 -44.66 -30.91 -12.32
N GLY A 369 -43.63 -30.31 -11.73
CA GLY A 369 -43.28 -30.66 -10.37
C GLY A 369 -42.96 -29.50 -9.47
N VAL A 370 -42.66 -29.82 -8.22
CA VAL A 370 -42.14 -28.84 -7.29
C VAL A 370 -41.01 -29.46 -6.46
N ARG A 371 -40.01 -28.65 -6.13
CA ARG A 371 -38.93 -29.11 -5.29
C ARG A 371 -39.14 -28.59 -3.91
N ILE A 372 -38.91 -29.45 -2.93
CA ILE A 372 -38.99 -29.08 -1.52
C ILE A 372 -37.79 -29.67 -0.79
N GLY A 373 -37.39 -29.01 0.30
CA GLY A 373 -36.27 -29.47 1.12
C GLY A 373 -36.42 -29.10 2.57
N THR A 374 -35.67 -29.78 3.42
CA THR A 374 -35.86 -29.73 4.87
C THR A 374 -34.83 -28.91 5.68
N PRO A 375 -33.76 -28.40 5.04
CA PRO A 375 -32.72 -27.72 5.85
C PRO A 375 -33.17 -26.49 6.65
N ALA A 376 -33.95 -25.61 6.04
CA ALA A 376 -34.41 -24.41 6.71
C ALA A 376 -35.29 -24.73 7.92
N MET A 377 -36.32 -25.55 7.70
CA MET A 377 -37.24 -25.98 8.75
C MET A 377 -36.58 -26.81 9.85
N THR A 378 -35.57 -27.59 9.50
CA THR A 378 -34.82 -28.32 10.52
C THR A 378 -34.10 -27.32 11.43
N THR A 379 -33.47 -26.32 10.84
CA THR A 379 -32.83 -25.23 11.58
C THR A 379 -33.80 -24.60 12.57
N ARG A 380 -35.05 -24.46 12.13
CA ARG A 380 -36.09 -23.85 12.95
C ARG A 380 -36.69 -24.79 14.01
N GLY A 381 -36.20 -26.02 14.04
CA GLY A 381 -36.53 -26.95 15.12
C GLY A 381 -37.62 -27.97 14.85
N ALA A 382 -38.07 -28.09 13.61
CA ALA A 382 -39.06 -29.10 13.27
C ALA A 382 -38.43 -30.49 13.31
N LYS A 383 -39.19 -31.46 13.83
CA LYS A 383 -38.71 -32.84 13.96
C LYS A 383 -39.53 -33.73 13.04
N GLU A 384 -39.27 -35.04 13.06
CA GLU A 384 -39.97 -35.94 12.14
C GLU A 384 -41.47 -35.83 12.29
N LYS A 385 -41.92 -35.73 13.55
CA LYS A 385 -43.33 -35.67 13.86
C LYS A 385 -44.02 -34.47 13.19
N ASP A 386 -43.24 -33.44 12.87
CA ASP A 386 -43.79 -32.19 12.31
C ASP A 386 -43.94 -32.24 10.80
N MET A 387 -43.36 -33.26 10.18
CA MET A 387 -43.44 -33.41 8.73
C MET A 387 -44.85 -33.76 8.27
N GLU A 388 -45.59 -34.50 9.12
CA GLU A 388 -47.00 -34.81 8.84
C GLU A 388 -47.80 -33.55 8.52
N PHE A 389 -47.72 -32.57 9.42
CA PHE A 389 -48.35 -31.27 9.26
C PHE A 389 -47.97 -30.59 7.94
N ILE A 390 -46.69 -30.65 7.57
CA ILE A 390 -46.22 -30.01 6.33
C ILE A 390 -46.74 -30.77 5.12
N ALA A 391 -46.67 -32.10 5.16
CA ALA A 391 -47.32 -32.93 4.13
C ALA A 391 -48.83 -32.63 4.05
N ASP A 392 -49.48 -32.56 5.20
CA ASP A 392 -50.89 -32.23 5.26
C ASP A 392 -51.19 -30.86 4.63
N VAL A 393 -50.35 -29.86 4.95
CA VAL A 393 -50.45 -28.53 4.35
C VAL A 393 -50.26 -28.54 2.83
N LEU A 394 -49.27 -29.31 2.36
CA LEU A 394 -49.05 -29.41 0.90
C LEU A 394 -50.19 -30.15 0.19
N ALA A 395 -50.67 -31.25 0.78
CA ALA A 395 -51.84 -31.98 0.24
C ALA A 395 -53.05 -31.05 0.06
N ARG A 396 -53.34 -30.26 1.12
CA ARG A 396 -54.45 -29.32 1.09
C ARG A 396 -54.22 -28.24 0.02
N ALA A 397 -52.95 -27.83 -0.13
CA ALA A 397 -52.56 -26.82 -1.13
C ALA A 397 -52.74 -27.33 -2.55
N ILE A 398 -52.40 -28.60 -2.77
CA ILE A 398 -52.65 -29.27 -4.05
C ILE A 398 -54.15 -29.30 -4.36
N LYS A 399 -54.96 -29.66 -3.37
CA LYS A 399 -56.41 -29.74 -3.54
C LYS A 399 -57.04 -28.39 -3.87
N ILE A 400 -56.66 -27.35 -3.14
CA ILE A 400 -57.15 -26.01 -3.43
C ILE A 400 -56.72 -25.57 -4.81
N THR A 401 -55.53 -25.99 -5.23
CA THR A 401 -55.05 -25.66 -6.56
C THR A 401 -55.90 -26.35 -7.61
N VAL A 402 -56.28 -27.60 -7.33
CA VAL A 402 -57.18 -28.37 -8.21
C VAL A 402 -58.49 -27.62 -8.34
N ASP A 403 -59.10 -27.30 -7.21
CA ASP A 403 -60.41 -26.62 -7.14
C ASP A 403 -60.40 -25.28 -7.85
N LEU A 404 -59.35 -24.49 -7.64
CA LEU A 404 -59.22 -23.18 -8.26
C LEU A 404 -58.97 -23.25 -9.76
N GLN A 405 -58.29 -24.29 -10.21
CA GLN A 405 -58.00 -24.45 -11.64
C GLN A 405 -59.25 -24.70 -12.49
N GLU A 406 -60.15 -25.57 -12.02
CA GLU A 406 -61.34 -25.85 -12.81
C GLU A 406 -62.44 -24.79 -12.63
N GLN A 407 -62.30 -23.99 -11.58
CA GLN A 407 -63.15 -22.81 -11.39
C GLN A 407 -62.66 -21.59 -12.19
N TYR A 408 -61.36 -21.53 -12.50
CA TYR A 408 -60.80 -20.36 -13.20
C TYR A 408 -60.07 -20.62 -14.53
N GLY A 409 -59.79 -21.89 -14.85
CA GLY A 409 -59.12 -22.25 -16.09
C GLY A 409 -57.66 -22.64 -15.94
N LYS A 410 -57.10 -23.28 -16.97
CA LYS A 410 -55.75 -23.85 -16.90
C LYS A 410 -54.66 -22.90 -17.39
N LYS A 411 -55.05 -21.64 -17.61
CA LYS A 411 -54.12 -20.58 -18.03
C LYS A 411 -53.64 -19.83 -16.79
N LEU A 412 -52.33 -19.63 -16.70
CA LEU A 412 -51.67 -19.14 -15.49
C LEU A 412 -52.23 -17.82 -14.96
N VAL A 413 -52.41 -16.85 -15.87
CA VAL A 413 -52.98 -15.54 -15.54
C VAL A 413 -54.40 -15.66 -14.99
N ASP A 414 -55.20 -16.53 -15.62
CA ASP A 414 -56.57 -16.80 -15.19
C ASP A 414 -56.57 -17.44 -13.80
N PHE A 415 -55.73 -18.47 -13.63
CA PHE A 415 -55.64 -19.18 -12.35
C PHE A 415 -55.41 -18.22 -11.18
N LYS A 416 -54.38 -17.37 -11.30
CA LYS A 416 -53.95 -16.49 -10.19
C LYS A 416 -55.05 -15.56 -9.63
N LYS A 417 -55.96 -15.11 -10.49
CA LYS A 417 -57.09 -14.25 -10.08
C LYS A 417 -57.92 -14.89 -8.96
N GLY A 418 -57.94 -16.21 -8.94
CA GLY A 418 -58.70 -16.95 -7.93
C GLY A 418 -58.11 -16.91 -6.52
N LEU A 419 -56.81 -16.67 -6.42
CA LEU A 419 -56.09 -16.71 -5.13
C LEU A 419 -56.53 -15.65 -4.11
N PRO A 420 -56.53 -14.36 -4.49
CA PRO A 420 -56.88 -13.37 -3.47
C PRO A 420 -58.32 -13.55 -2.98
N GLY A 421 -58.53 -13.38 -1.68
CA GLY A 421 -59.88 -13.47 -1.11
C GLY A 421 -60.54 -14.84 -1.18
N ASN A 422 -59.73 -15.89 -1.30
CA ASN A 422 -60.21 -17.27 -1.15
C ASN A 422 -60.11 -17.65 0.33
N ALA A 423 -61.27 -17.96 0.92
CA ALA A 423 -61.38 -18.25 2.35
C ALA A 423 -60.51 -19.44 2.82
N GLN A 424 -60.46 -20.49 2.00
CA GLN A 424 -59.65 -21.68 2.32
C GLN A 424 -58.16 -21.29 2.50
N LEU A 425 -57.62 -20.55 1.54
CA LEU A 425 -56.23 -20.09 1.63
C LEU A 425 -55.93 -19.21 2.85
N GLN A 426 -56.80 -18.23 3.13
CA GLN A 426 -56.65 -17.39 4.33
C GLN A 426 -56.65 -18.21 5.61
N GLN A 427 -57.53 -19.20 5.69
CA GLN A 427 -57.58 -20.10 6.82
C GLN A 427 -56.26 -20.91 6.91
N LEU A 428 -55.85 -21.49 5.78
CA LEU A 428 -54.61 -22.27 5.71
C LEU A 428 -53.37 -21.41 5.99
N LYS A 429 -53.32 -20.22 5.39
CA LYS A 429 -52.27 -19.24 5.72
C LYS A 429 -52.20 -18.98 7.23
N GLN A 430 -53.35 -18.64 7.83
CA GLN A 430 -53.44 -18.42 9.28
C GLN A 430 -52.83 -19.56 10.08
N GLU A 431 -53.13 -20.80 9.68
CA GLU A 431 -52.60 -21.99 10.33
C GLU A 431 -51.08 -22.04 10.23
N VAL A 432 -50.57 -21.81 9.02
CA VAL A 432 -49.14 -21.74 8.75
C VAL A 432 -48.43 -20.70 9.61
N VAL A 433 -48.90 -19.45 9.54
CA VAL A 433 -48.29 -18.32 10.26
C VAL A 433 -48.20 -18.63 11.76
N THR A 434 -49.29 -19.18 12.30
CA THR A 434 -49.40 -19.53 13.71
C THR A 434 -48.35 -20.57 14.07
N TRP A 435 -48.20 -21.60 13.24
CA TRP A 435 -47.17 -22.60 13.54
C TRP A 435 -45.76 -22.13 13.24
N ALA A 436 -45.51 -21.56 12.07
CA ALA A 436 -44.17 -21.04 11.72
C ALA A 436 -43.68 -19.95 12.68
N GLY A 437 -44.54 -18.96 12.91
CA GLY A 437 -44.22 -17.81 13.75
C GLY A 437 -43.59 -18.06 15.10
N ALA A 438 -43.93 -19.18 15.73
CA ALA A 438 -43.46 -19.45 17.09
C ALA A 438 -42.28 -20.42 17.13
N LEU A 439 -41.91 -20.99 15.98
CA LEU A 439 -40.72 -21.83 15.90
C LEU A 439 -39.44 -21.04 16.18
N PRO A 440 -38.42 -21.69 16.76
CA PRO A 440 -37.12 -21.08 16.95
C PRO A 440 -36.59 -20.42 15.68
N PHE A 441 -35.98 -19.25 15.84
CA PHE A 441 -35.60 -18.38 14.73
C PHE A 441 -34.30 -17.69 15.07
N PRO A 442 -33.19 -18.06 14.39
CA PRO A 442 -31.87 -17.46 14.61
C PRO A 442 -31.89 -15.94 14.54
N MET B 1 -32.86 -25.52 16.41
CA MET B 1 -31.67 -26.43 16.32
C MET B 1 -30.47 -25.74 15.68
N PHE B 2 -29.95 -24.72 16.37
CA PHE B 2 -28.77 -23.96 15.94
C PHE B 2 -28.02 -23.46 17.18
N ASN B 3 -26.77 -23.03 17.01
CA ASN B 3 -26.00 -22.41 18.11
C ASN B 3 -26.08 -20.89 18.09
N ASN B 4 -26.84 -20.33 19.03
CA ASN B 4 -27.11 -18.89 19.08
C ASN B 4 -26.11 -18.07 19.90
N GLU B 5 -25.02 -18.70 20.33
CA GLU B 5 -24.00 -18.04 21.16
C GLU B 5 -23.27 -16.93 20.41
N PRO B 6 -23.21 -15.70 20.99
CA PRO B 6 -22.43 -14.59 20.41
C PRO B 6 -21.04 -14.98 19.91
N LEU B 7 -20.51 -14.18 18.98
CA LEU B 7 -19.24 -14.46 18.30
C LEU B 7 -18.07 -14.58 19.25
N GLU B 8 -18.08 -13.77 20.31
CA GLU B 8 -17.06 -13.81 21.35
C GLU B 8 -17.04 -15.20 22.00
N GLN B 9 -18.23 -15.68 22.37
CA GLN B 9 -18.39 -17.02 22.94
C GLN B 9 -18.14 -18.13 21.92
N ILE B 10 -18.91 -18.11 20.83
CA ILE B 10 -18.95 -19.21 19.86
C ILE B 10 -17.62 -19.48 19.14
N ASP B 11 -16.78 -18.46 19.05
CA ASP B 11 -15.55 -18.58 18.29
C ASP B 11 -14.48 -17.63 18.78
N LYS B 12 -14.24 -17.64 20.10
CA LYS B 12 -13.23 -16.78 20.72
C LYS B 12 -12.01 -16.49 19.84
N GLU B 13 -11.43 -17.55 19.26
CA GLU B 13 -10.20 -17.41 18.46
C GLU B 13 -10.29 -16.39 17.32
N LEU B 14 -11.39 -16.47 16.56
CA LEU B 14 -11.65 -15.54 15.48
C LEU B 14 -12.05 -14.15 16.00
N HIS B 15 -12.69 -14.09 17.16
CA HIS B 15 -13.07 -12.80 17.73
C HIS B 15 -11.86 -12.01 18.15
N ASP B 16 -10.78 -12.73 18.46
CA ASP B 16 -9.55 -12.09 18.93
C ASP B 16 -8.79 -11.42 17.78
N ILE B 17 -8.65 -12.16 16.68
CA ILE B 17 -8.01 -11.66 15.48
C ILE B 17 -8.79 -10.48 14.93
N LEU B 18 -10.12 -10.62 14.88
CA LEU B 18 -10.97 -9.53 14.42
C LEU B 18 -10.86 -8.27 15.27
N ALA B 19 -10.57 -8.45 16.57
CA ALA B 19 -10.47 -7.31 17.50
C ALA B 19 -9.16 -6.57 17.25
N ASP B 20 -8.13 -7.35 16.93
CA ASP B 20 -6.80 -6.87 16.61
C ASP B 20 -6.81 -6.08 15.32
N GLU B 21 -7.56 -6.58 14.34
CA GLU B 21 -7.63 -5.96 13.04
C GLU B 21 -8.25 -4.60 13.20
N GLU B 22 -9.29 -4.54 14.02
CA GLU B 22 -9.99 -3.28 14.31
C GLU B 22 -9.05 -2.27 14.95
N LYS B 23 -8.25 -2.74 15.91
CA LYS B 23 -7.23 -1.93 16.57
C LYS B 23 -6.19 -1.42 15.56
N ARG B 24 -5.68 -2.31 14.71
CA ARG B 24 -4.77 -1.92 13.63
C ARG B 24 -5.38 -0.76 12.81
N GLN B 25 -6.59 -0.98 12.28
CA GLN B 25 -7.26 0.02 11.46
C GLN B 25 -7.31 1.36 12.17
N ARG B 26 -7.61 1.29 13.47
CA ARG B 26 -7.84 2.45 14.31
C ARG B 26 -6.53 3.20 14.57
N GLU B 27 -5.43 2.45 14.60
CA GLU B 27 -4.12 2.97 14.97
C GLU B 27 -3.22 3.17 13.76
N THR B 28 -3.81 3.31 12.58
CA THR B 28 -3.04 3.42 11.35
C THR B 28 -3.39 4.69 10.58
N ILE B 29 -2.37 5.35 10.02
CA ILE B 29 -2.60 6.37 9.02
C ILE B 29 -2.78 5.71 7.66
N ASN B 30 -4.04 5.63 7.23
CA ASN B 30 -4.42 4.88 6.03
C ASN B 30 -4.47 5.75 4.79
N LEU B 31 -3.46 5.61 3.92
CA LEU B 31 -3.37 6.41 2.70
C LEU B 31 -3.64 5.57 1.44
N ILE B 32 -4.15 4.34 1.62
CA ILE B 32 -4.57 3.51 0.48
C ILE B 32 -5.67 4.28 -0.20
N ALA B 33 -5.45 4.66 -1.44
CA ALA B 33 -6.36 5.59 -2.11
C ALA B 33 -7.73 4.97 -2.37
N SER B 34 -7.78 3.63 -2.35
CA SER B 34 -9.00 2.90 -2.66
C SER B 34 -9.71 2.32 -1.43
N GLU B 35 -9.27 2.70 -0.23
CA GLU B 35 -9.90 2.22 0.98
C GLU B 35 -10.70 3.31 1.67
N ASN B 36 -11.62 2.88 2.53
CA ASN B 36 -12.39 3.80 3.34
C ASN B 36 -12.89 3.08 4.58
N LEU B 37 -13.83 3.69 5.29
CA LEU B 37 -14.43 3.09 6.47
C LEU B 37 -15.94 3.32 6.43
N THR B 38 -16.67 2.22 6.33
CA THR B 38 -18.14 2.26 6.33
C THR B 38 -18.68 2.62 7.72
N ASN B 39 -19.80 3.33 7.75
CA ASN B 39 -20.49 3.62 9.02
C ASN B 39 -21.18 2.38 9.59
N GLY B 40 -21.74 2.53 10.80
CA GLY B 40 -22.32 1.40 11.52
C GLY B 40 -23.57 0.87 10.84
N ALA B 41 -24.32 1.78 10.21
CA ALA B 41 -25.57 1.46 9.55
C ALA B 41 -25.36 0.53 8.36
N VAL B 42 -24.42 0.91 7.49
CA VAL B 42 -24.02 0.04 6.39
C VAL B 42 -23.68 -1.37 6.89
N ARG B 43 -23.01 -1.45 8.03
CA ARG B 43 -22.62 -2.76 8.59
C ARG B 43 -23.77 -3.55 9.27
N GLU B 44 -24.78 -2.86 9.78
CA GLU B 44 -26.02 -3.50 10.21
C GLU B 44 -26.71 -4.18 9.01
N CYS B 45 -26.74 -3.51 7.86
CA CYS B 45 -27.30 -4.07 6.63
C CYS B 45 -26.53 -5.29 6.14
N LEU B 46 -25.20 -5.17 6.06
CA LEU B 46 -24.38 -6.32 5.61
C LEU B 46 -24.60 -7.55 6.47
N GLY B 47 -24.86 -7.35 7.75
CA GLY B 47 -25.21 -8.44 8.65
C GLY B 47 -26.70 -8.68 8.86
N ASN B 48 -27.54 -8.17 7.95
CA ASN B 48 -29.00 -8.36 8.05
C ASN B 48 -29.43 -9.75 7.56
N ARG B 49 -30.56 -10.25 8.07
CA ARG B 49 -31.11 -11.59 7.71
C ARG B 49 -31.65 -11.63 6.29
N VAL B 50 -31.71 -10.48 5.64
CA VAL B 50 -32.17 -10.41 4.26
C VAL B 50 -31.35 -11.30 3.32
N SER B 51 -30.11 -11.63 3.70
CA SER B 51 -29.28 -12.50 2.86
C SER B 51 -29.66 -13.99 2.95
N ASN B 52 -30.59 -14.33 3.83
CA ASN B 52 -31.20 -15.67 3.82
C ASN B 52 -31.99 -15.93 2.55
N LYS B 53 -32.42 -14.88 1.86
CA LYS B 53 -33.34 -15.04 0.73
C LYS B 53 -32.65 -15.20 -0.62
N TYR B 54 -33.07 -16.23 -1.35
CA TYR B 54 -32.69 -16.39 -2.74
C TYR B 54 -33.59 -15.59 -3.67
N SER B 55 -32.98 -14.85 -4.60
CA SER B 55 -33.69 -13.87 -5.40
C SER B 55 -33.23 -13.79 -6.84
N GLU B 56 -32.83 -14.91 -7.42
CA GLU B 56 -32.48 -14.97 -8.84
C GLU B 56 -33.52 -14.26 -9.68
N GLY B 57 -33.05 -13.48 -10.66
CA GLY B 57 -33.93 -12.68 -11.49
C GLY B 57 -33.88 -11.20 -11.15
N TYR B 58 -34.89 -10.46 -11.59
CA TYR B 58 -34.98 -9.02 -11.31
C TYR B 58 -36.31 -8.72 -10.63
N PRO B 59 -36.46 -7.50 -10.06
CA PRO B 59 -37.77 -7.19 -9.47
C PRO B 59 -38.92 -7.39 -10.46
N LYS B 60 -40.07 -7.79 -9.90
CA LYS B 60 -41.30 -8.16 -10.64
C LYS B 60 -41.13 -9.41 -11.51
N LYS B 61 -39.90 -9.88 -11.66
CA LYS B 61 -39.58 -11.01 -12.52
C LYS B 61 -38.62 -12.01 -11.85
N ARG B 62 -38.89 -12.35 -10.59
CA ARG B 62 -38.07 -13.33 -9.88
C ARG B 62 -38.43 -14.76 -10.27
N TYR B 63 -37.45 -15.66 -10.21
CA TYR B 63 -37.67 -17.09 -10.36
C TYR B 63 -38.60 -17.62 -9.26
N TYR B 64 -38.37 -17.20 -8.03
CA TYR B 64 -39.14 -17.67 -6.89
C TYR B 64 -40.08 -16.58 -6.35
N GLY B 65 -41.04 -17.00 -5.53
CA GLY B 65 -41.91 -16.07 -4.83
C GLY B 65 -41.33 -15.73 -3.46
N GLY B 66 -42.15 -15.07 -2.64
CA GLY B 66 -41.71 -14.63 -1.32
C GLY B 66 -40.75 -13.44 -1.38
N ASN B 67 -40.60 -12.88 -2.58
CA ASN B 67 -39.60 -11.85 -2.85
C ASN B 67 -40.14 -10.40 -2.90
N ASP B 68 -41.27 -10.15 -2.23
CA ASP B 68 -41.91 -8.83 -2.28
C ASP B 68 -41.13 -7.74 -1.54
N PHE B 69 -40.68 -8.03 -0.33
CA PHE B 69 -39.90 -7.07 0.43
C PHE B 69 -38.50 -6.91 -0.15
N ILE B 70 -37.98 -7.99 -0.75
CA ILE B 70 -36.70 -7.98 -1.49
C ILE B 70 -36.76 -7.04 -2.70
N ASP B 71 -37.91 -7.05 -3.38
CA ASP B 71 -38.08 -6.26 -4.61
C ASP B 71 -38.12 -4.78 -4.29
N LYS B 72 -38.73 -4.45 -3.16
CA LYS B 72 -38.78 -3.06 -2.73
C LYS B 72 -37.34 -2.59 -2.49
N ILE B 73 -36.53 -3.43 -1.86
CA ILE B 73 -35.13 -3.10 -1.61
C ILE B 73 -34.30 -2.89 -2.88
N GLU B 74 -34.37 -3.82 -3.83
CA GLU B 74 -33.61 -3.65 -5.09
C GLU B 74 -34.11 -2.43 -5.85
N GLU B 75 -35.40 -2.14 -5.68
CA GLU B 75 -36.09 -1.06 -6.40
C GLU B 75 -35.62 0.26 -5.84
N LEU B 76 -35.71 0.39 -4.52
CA LEU B 76 -35.18 1.52 -3.78
C LEU B 76 -33.71 1.80 -4.15
N CYS B 77 -32.90 0.74 -4.26
CA CYS B 77 -31.49 0.87 -4.56
C CYS B 77 -31.23 1.42 -5.95
N GLN B 78 -31.99 0.94 -6.94
CA GLN B 78 -31.89 1.49 -8.29
C GLN B 78 -32.32 2.96 -8.34
N LYS B 79 -33.43 3.27 -7.66
CA LYS B 79 -33.92 4.65 -7.55
C LYS B 79 -32.82 5.55 -6.97
N ARG B 80 -32.31 5.18 -5.80
CA ARG B 80 -31.30 5.97 -5.08
C ARG B 80 -29.98 6.05 -5.87
N ALA B 81 -29.71 5.05 -6.72
CA ALA B 81 -28.50 5.06 -7.55
C ALA B 81 -28.54 6.06 -8.69
N LEU B 82 -29.67 6.13 -9.38
CA LEU B 82 -29.80 6.97 -10.58
C LEU B 82 -29.81 8.46 -10.23
N GLU B 83 -30.37 8.80 -9.07
CA GLU B 83 -30.40 10.18 -8.62
C GLU B 83 -29.09 10.68 -8.01
N ALA B 84 -28.44 9.85 -7.18
CA ALA B 84 -27.12 10.18 -6.64
C ALA B 84 -26.18 10.61 -7.77
N PHE B 85 -26.23 9.91 -8.88
CA PHE B 85 -25.45 10.28 -10.05
C PHE B 85 -26.20 11.14 -11.07
N ASN B 86 -27.22 11.84 -10.58
CA ASN B 86 -27.96 12.83 -11.37
C ASN B 86 -28.26 12.39 -12.81
N VAL B 87 -28.92 11.25 -12.94
CA VAL B 87 -29.41 10.81 -14.22
C VAL B 87 -30.91 10.48 -14.08
N SER B 88 -31.61 10.41 -15.21
CA SER B 88 -33.06 10.25 -15.19
C SER B 88 -33.47 8.85 -15.58
N ASP B 89 -34.48 8.32 -14.88
CA ASP B 89 -35.15 7.04 -15.18
C ASP B 89 -35.23 6.69 -16.66
N GLU B 90 -35.38 7.72 -17.50
CA GLU B 90 -35.81 7.55 -18.87
C GLU B 90 -34.64 7.56 -19.84
N GLU B 91 -33.48 7.94 -19.32
CA GLU B 91 -32.28 7.97 -20.14
C GLU B 91 -31.32 6.87 -19.71
N TRP B 92 -31.27 6.63 -18.40
CA TRP B 92 -30.29 5.70 -17.83
C TRP B 92 -30.93 4.63 -17.01
N GLY B 93 -30.45 3.40 -17.20
CA GLY B 93 -30.76 2.33 -16.28
C GLY B 93 -29.54 1.87 -15.47
N VAL B 94 -29.82 1.22 -14.35
CA VAL B 94 -28.76 0.70 -13.48
C VAL B 94 -29.02 -0.74 -13.02
N ASN B 95 -27.96 -1.56 -13.07
CA ASN B 95 -27.96 -2.89 -12.44
C ASN B 95 -27.16 -2.84 -11.13
N VAL B 96 -27.80 -3.18 -10.01
CA VAL B 96 -27.21 -3.13 -8.67
C VAL B 96 -26.75 -4.51 -8.13
N GLN B 97 -26.76 -5.52 -9.00
CA GLN B 97 -26.42 -6.88 -8.59
C GLN B 97 -24.94 -7.28 -8.65
N PRO B 98 -24.11 -6.63 -9.50
CA PRO B 98 -22.69 -7.06 -9.54
C PRO B 98 -22.04 -7.04 -8.15
N LEU B 99 -21.33 -8.11 -7.83
CA LEU B 99 -20.76 -8.31 -6.51
C LEU B 99 -19.45 -7.54 -6.29
N SER B 100 -18.83 -7.11 -7.37
CA SER B 100 -17.54 -6.44 -7.29
C SER B 100 -17.27 -5.59 -8.50
N GLY B 101 -16.37 -4.63 -8.36
CA GLY B 101 -16.03 -3.75 -9.48
C GLY B 101 -15.51 -4.58 -10.64
N SER B 102 -14.75 -5.62 -10.31
CA SER B 102 -14.19 -6.54 -11.29
C SER B 102 -15.27 -7.36 -12.00
N ALA B 103 -16.26 -7.83 -11.24
CA ALA B 103 -17.41 -8.51 -11.83
C ALA B 103 -18.20 -7.58 -12.78
N ALA B 104 -18.51 -6.38 -12.31
CA ALA B 104 -19.28 -5.42 -13.10
C ALA B 104 -18.63 -5.17 -14.47
N ASN B 105 -17.33 -4.87 -14.45
CA ASN B 105 -16.57 -4.69 -15.68
C ASN B 105 -16.58 -5.89 -16.61
N VAL B 106 -16.39 -7.09 -16.05
CA VAL B 106 -16.41 -8.31 -16.86
C VAL B 106 -17.79 -8.47 -17.49
N GLN B 107 -18.82 -8.34 -16.66
CA GLN B 107 -20.21 -8.47 -17.09
C GLN B 107 -20.57 -7.43 -18.15
N ALA B 108 -20.37 -6.16 -17.82
CA ALA B 108 -20.67 -5.07 -18.75
C ALA B 108 -19.94 -5.22 -20.07
N LEU B 109 -18.69 -5.70 -20.04
CA LEU B 109 -17.91 -5.83 -21.25
C LEU B 109 -18.41 -6.99 -22.10
N TYR B 110 -18.87 -8.05 -21.43
CA TYR B 110 -19.42 -9.20 -22.10
C TYR B 110 -20.70 -8.82 -22.82
N ALA B 111 -21.52 -8.02 -22.14
CA ALA B 111 -22.80 -7.57 -22.66
C ALA B 111 -22.64 -6.72 -23.90
N LEU B 112 -21.50 -6.03 -24.00
CA LEU B 112 -21.28 -5.09 -25.10
C LEU B 112 -20.66 -5.77 -26.30
N VAL B 113 -19.69 -6.66 -26.07
CA VAL B 113 -18.90 -7.20 -27.17
C VAL B 113 -18.95 -8.73 -27.31
N GLY B 114 -19.22 -9.44 -26.21
CA GLY B 114 -19.17 -10.89 -26.20
C GLY B 114 -17.77 -11.46 -26.36
N VAL B 115 -17.66 -12.78 -26.21
CA VAL B 115 -16.40 -13.52 -26.36
C VAL B 115 -15.77 -13.19 -27.71
N LYS B 116 -14.44 -13.10 -27.74
CA LYS B 116 -13.68 -12.74 -28.95
C LYS B 116 -13.71 -11.24 -29.25
N GLY B 117 -14.58 -10.51 -28.55
CA GLY B 117 -14.71 -9.07 -28.74
C GLY B 117 -13.46 -8.25 -28.49
N LYS B 118 -13.36 -7.12 -29.19
CA LYS B 118 -12.18 -6.27 -29.13
C LYS B 118 -12.39 -5.12 -28.15
N ILE B 119 -11.43 -4.93 -27.25
CA ILE B 119 -11.53 -3.87 -26.26
C ILE B 119 -10.21 -3.10 -26.08
N MET B 120 -10.31 -1.83 -25.71
CA MET B 120 -9.15 -1.01 -25.44
C MET B 120 -9.20 -0.47 -24.03
N GLY B 121 -8.10 -0.60 -23.30
CA GLY B 121 -7.99 -0.08 -21.94
C GLY B 121 -6.60 0.42 -21.64
N MET B 122 -6.48 1.23 -20.58
CA MET B 122 -5.18 1.69 -20.12
C MET B 122 -4.39 0.56 -19.47
N HIS B 123 -3.10 0.49 -19.80
CA HIS B 123 -2.17 -0.48 -19.25
C HIS B 123 -2.13 -0.36 -17.76
N LEU B 124 -1.90 -1.49 -17.08
CA LEU B 124 -1.81 -1.56 -15.61
C LEU B 124 -0.68 -0.70 -15.04
N CYS B 125 0.53 -0.91 -15.54
CA CYS B 125 1.70 -0.14 -15.09
C CYS B 125 1.46 1.34 -15.31
N SER B 126 0.59 1.66 -16.26
CA SER B 126 0.22 3.05 -16.55
C SER B 126 -1.03 3.52 -15.79
N GLY B 127 -1.70 2.60 -15.08
CA GLY B 127 -2.77 2.99 -14.17
C GLY B 127 -4.18 2.54 -14.52
N GLY B 128 -4.30 1.66 -15.52
CA GLY B 128 -5.57 1.02 -15.82
C GLY B 128 -5.80 -0.15 -14.88
N HIS B 129 -7.05 -0.63 -14.82
CA HIS B 129 -7.36 -1.77 -13.95
C HIS B 129 -7.10 -3.08 -14.64
N LEU B 130 -6.95 -4.13 -13.83
CA LEU B 130 -6.81 -5.51 -14.29
C LEU B 130 -7.92 -5.89 -15.28
N THR B 131 -9.17 -5.54 -14.93
CA THR B 131 -10.33 -5.86 -15.76
C THR B 131 -10.52 -4.90 -16.93
N HIS B 132 -9.46 -4.16 -17.30
CA HIS B 132 -9.49 -3.33 -18.49
C HIS B 132 -8.70 -3.96 -19.59
N GLY B 133 -8.54 -5.27 -19.52
CA GLY B 133 -7.94 -6.04 -20.60
C GLY B 133 -6.48 -6.35 -20.36
N PHE B 134 -6.05 -6.28 -19.10
CA PHE B 134 -4.64 -6.47 -18.81
C PHE B 134 -4.10 -7.83 -19.23
N PHE B 135 -2.91 -7.80 -19.83
CA PHE B 135 -2.13 -9.01 -20.06
C PHE B 135 -0.64 -8.72 -19.98
N ASP B 136 0.13 -9.77 -19.73
CA ASP B 136 1.58 -9.76 -19.86
C ASP B 136 1.90 -10.17 -21.28
N GLU B 137 3.18 -10.17 -21.65
CA GLU B 137 3.59 -10.71 -22.94
C GLU B 137 3.25 -12.19 -23.00
N LYS B 138 3.75 -12.92 -22.02
CA LYS B 138 3.59 -14.37 -21.91
C LYS B 138 2.12 -14.84 -21.88
N LYS B 139 1.38 -14.38 -20.87
CA LYS B 139 0.06 -14.94 -20.56
C LYS B 139 -1.01 -13.87 -20.31
N LYS B 140 -2.26 -14.29 -20.50
CA LYS B 140 -3.43 -13.42 -20.31
C LYS B 140 -3.77 -13.38 -18.82
N VAL B 141 -3.28 -12.35 -18.14
CA VAL B 141 -3.35 -12.24 -16.68
C VAL B 141 -4.80 -12.03 -16.21
N SER B 142 -5.54 -11.24 -16.95
CA SER B 142 -6.95 -10.99 -16.67
C SER B 142 -7.78 -11.75 -17.68
N ILE B 143 -8.91 -12.28 -17.22
CA ILE B 143 -9.88 -12.85 -18.14
C ILE B 143 -10.22 -11.87 -19.27
N THR B 144 -10.10 -10.57 -18.99
CA THR B 144 -10.50 -9.54 -19.94
C THR B 144 -9.61 -9.49 -21.17
N SER B 145 -8.44 -10.10 -21.10
CA SER B 145 -7.57 -10.24 -22.28
C SER B 145 -7.68 -11.61 -22.93
N ASP B 146 -8.37 -12.55 -22.25
CA ASP B 146 -8.50 -13.92 -22.76
C ASP B 146 -9.89 -14.16 -23.35
N MET B 147 -10.92 -13.81 -22.60
CA MET B 147 -12.28 -13.86 -23.07
C MET B 147 -12.40 -12.87 -24.21
N PHE B 148 -11.72 -11.74 -24.08
CA PHE B 148 -11.71 -10.69 -25.10
C PHE B 148 -10.34 -10.57 -25.76
N GLU B 149 -10.29 -9.87 -26.87
CA GLU B 149 -9.00 -9.53 -27.48
C GLU B 149 -8.76 -8.08 -27.13
N SER B 150 -7.69 -7.82 -26.38
CA SER B 150 -7.47 -6.49 -25.88
C SER B 150 -6.16 -5.89 -26.33
N LYS B 151 -6.18 -4.57 -26.49
CA LYS B 151 -4.99 -3.80 -26.71
C LYS B 151 -4.92 -2.72 -25.63
N LEU B 152 -3.70 -2.35 -25.24
CA LEU B 152 -3.48 -1.46 -24.11
C LEU B 152 -2.78 -0.16 -24.51
N TYR B 153 -3.34 0.97 -24.08
CA TYR B 153 -2.69 2.26 -24.29
C TYR B 153 -1.98 2.75 -23.04
N LYS B 154 -0.95 3.58 -23.24
CA LYS B 154 -0.15 4.09 -22.13
C LYS B 154 -0.34 5.59 -21.92
N CYS B 155 0.13 6.10 -20.78
N CYS B 155 0.14 6.09 -20.79
CA CYS B 155 0.17 7.54 -20.55
CA CYS B 155 0.25 7.53 -20.56
C CYS B 155 1.52 8.07 -21.05
C CYS B 155 1.47 8.04 -21.29
N ASN B 156 1.60 9.36 -21.35
CA ASN B 156 2.86 9.99 -21.79
C ASN B 156 3.85 10.09 -20.63
N SER B 157 5.03 10.61 -20.89
CA SER B 157 6.08 10.72 -19.87
C SER B 157 5.77 11.75 -18.78
N GLN B 158 4.75 12.57 -18.97
CA GLN B 158 4.34 13.51 -17.94
C GLN B 158 3.28 12.90 -17.03
N GLY B 159 2.83 11.70 -17.39
CA GLY B 159 1.82 10.97 -16.63
C GLY B 159 0.39 11.30 -17.01
N TYR B 160 0.19 11.84 -18.21
CA TYR B 160 -1.15 12.18 -18.72
C TYR B 160 -1.59 11.16 -19.76
N VAL B 161 -2.89 10.93 -19.88
CA VAL B 161 -3.43 10.06 -20.94
C VAL B 161 -3.04 10.63 -22.30
N ASP B 162 -2.37 9.82 -23.12
CA ASP B 162 -1.98 10.27 -24.44
C ASP B 162 -3.12 10.09 -25.43
N LEU B 163 -4.05 11.04 -25.46
CA LEU B 163 -5.25 10.93 -26.30
C LEU B 163 -4.92 10.69 -27.77
N ASP B 164 -3.84 11.29 -28.25
CA ASP B 164 -3.36 11.09 -29.62
C ASP B 164 -2.90 9.66 -29.88
N ALA B 165 -2.29 9.04 -28.88
CA ALA B 165 -1.95 7.62 -28.97
C ALA B 165 -3.20 6.75 -28.87
N VAL B 166 -4.19 7.22 -28.10
CA VAL B 166 -5.49 6.54 -28.03
C VAL B 166 -6.09 6.48 -29.44
N ARG B 167 -6.09 7.61 -30.16
CA ARG B 167 -6.62 7.65 -31.53
C ARG B 167 -5.83 6.78 -32.50
N GLU B 168 -4.51 6.88 -32.46
CA GLU B 168 -3.62 6.11 -33.33
C GLU B 168 -3.88 4.60 -33.23
N MET B 169 -3.99 4.13 -31.99
CA MET B 169 -4.20 2.72 -31.68
C MET B 169 -5.63 2.26 -31.99
N ALA B 170 -6.62 3.12 -31.74
CA ALA B 170 -8.01 2.81 -32.04
C ALA B 170 -8.26 2.63 -33.55
N LEU B 171 -7.97 3.66 -34.35
CA LEU B 171 -8.18 3.63 -35.81
C LEU B 171 -7.56 2.40 -36.45
N SER B 172 -6.39 2.01 -35.98
CA SER B 172 -5.72 0.80 -36.45
C SER B 172 -6.41 -0.48 -35.98
N PHE B 173 -6.94 -0.46 -34.76
CA PHE B 173 -7.41 -1.67 -34.08
C PHE B 173 -8.94 -1.87 -34.12
N LYS B 174 -9.70 -0.79 -34.23
CA LYS B 174 -11.17 -0.87 -34.33
C LYS B 174 -11.78 -1.67 -33.17
N PRO B 175 -11.60 -1.19 -31.94
CA PRO B 175 -12.26 -1.80 -30.79
C PRO B 175 -13.75 -1.52 -30.80
N LYS B 176 -14.52 -2.41 -30.18
CA LYS B 176 -15.95 -2.18 -29.98
C LYS B 176 -16.17 -1.42 -28.68
N VAL B 177 -15.21 -1.52 -27.75
CA VAL B 177 -15.27 -0.77 -26.49
C VAL B 177 -13.94 -0.09 -26.20
N ILE B 178 -13.99 1.16 -25.78
CA ILE B 178 -12.80 1.84 -25.25
C ILE B 178 -13.08 2.21 -23.81
N ILE B 179 -12.21 1.74 -22.92
CA ILE B 179 -12.40 1.92 -21.48
C ILE B 179 -11.56 3.08 -20.98
N CYS B 180 -12.17 3.93 -20.17
CA CYS B 180 -11.43 4.99 -19.50
C CYS B 180 -11.91 5.11 -18.05
N GLY B 181 -11.21 5.92 -17.26
CA GLY B 181 -11.44 5.96 -15.82
C GLY B 181 -10.51 4.92 -15.21
N TYR B 182 -9.75 5.32 -14.20
CA TYR B 182 -8.59 4.53 -13.79
C TYR B 182 -8.42 4.22 -12.31
N THR B 183 -7.39 3.44 -12.04
CA THR B 183 -7.05 3.01 -10.71
C THR B 183 -6.07 3.98 -10.05
N SER B 184 -5.23 4.60 -10.87
CA SER B 184 -4.13 5.36 -10.33
C SER B 184 -3.85 6.60 -11.17
N TYR B 185 -4.88 7.39 -11.39
CA TYR B 185 -4.74 8.60 -12.18
C TYR B 185 -5.02 9.79 -11.29
N PRO B 186 -4.04 10.69 -11.15
CA PRO B 186 -4.19 11.83 -10.26
C PRO B 186 -4.92 13.02 -10.92
N ARG B 187 -5.21 12.91 -12.21
CA ARG B 187 -5.90 13.99 -12.91
C ARG B 187 -7.29 13.60 -13.43
N ASP B 188 -8.18 14.58 -13.57
CA ASP B 188 -9.51 14.35 -14.14
C ASP B 188 -9.39 13.90 -15.60
N ILE B 189 -10.47 13.31 -16.11
CA ILE B 189 -10.50 12.71 -17.46
C ILE B 189 -11.29 13.57 -18.44
N ASP B 190 -10.81 13.62 -19.68
CA ASP B 190 -11.52 14.31 -20.76
C ASP B 190 -12.46 13.34 -21.47
N TYR B 191 -13.65 13.14 -20.91
CA TYR B 191 -14.59 12.16 -21.47
C TYR B 191 -15.09 12.57 -22.85
N GLN B 192 -15.30 13.87 -23.06
CA GLN B 192 -15.68 14.38 -24.39
C GLN B 192 -14.72 13.96 -25.51
N GLN B 193 -13.42 14.05 -25.26
CA GLN B 193 -12.44 13.68 -26.28
C GLN B 193 -12.30 12.16 -26.44
N PHE B 194 -12.76 11.42 -25.44
CA PHE B 194 -12.90 9.97 -25.60
C PHE B 194 -14.14 9.68 -26.43
N ARG B 195 -15.22 10.39 -26.13
CA ARG B 195 -16.49 10.27 -26.86
C ARG B 195 -16.30 10.52 -28.37
N GLN B 196 -15.42 11.44 -28.71
CA GLN B 196 -15.09 11.74 -30.12
C GLN B 196 -14.32 10.61 -30.82
N ILE B 197 -13.42 9.96 -30.07
CA ILE B 197 -12.62 8.86 -30.63
C ILE B 197 -13.49 7.63 -30.88
N CYS B 198 -14.31 7.28 -29.89
CA CYS B 198 -15.22 6.15 -30.04
C CYS B 198 -16.12 6.37 -31.26
N ASP B 199 -16.89 7.46 -31.25
CA ASP B 199 -17.70 7.90 -32.41
C ASP B 199 -17.00 7.75 -33.77
N GLU B 200 -15.72 8.13 -33.80
CA GLU B 200 -14.92 8.08 -35.03
C GLU B 200 -14.75 6.66 -35.56
N VAL B 201 -14.83 5.68 -34.66
CA VAL B 201 -14.57 4.28 -35.02
C VAL B 201 -15.77 3.37 -34.73
N ASN B 202 -16.87 3.96 -34.27
CA ASN B 202 -18.08 3.24 -33.84
C ASN B 202 -17.82 2.30 -32.65
N ALA B 203 -17.18 2.86 -31.61
CA ALA B 203 -16.90 2.12 -30.39
C ALA B 203 -17.80 2.60 -29.27
N TYR B 204 -18.07 1.71 -28.31
CA TYR B 204 -18.77 2.07 -27.10
C TYR B 204 -17.82 2.84 -26.17
N LEU B 205 -18.36 3.82 -25.44
CA LEU B 205 -17.59 4.53 -24.42
C LEU B 205 -17.89 4.02 -23.03
N PHE B 206 -16.84 3.50 -22.40
CA PHE B 206 -16.94 2.83 -21.12
C PHE B 206 -16.15 3.66 -20.12
N ALA B 207 -16.85 4.22 -19.13
CA ALA B 207 -16.20 4.97 -18.07
C ALA B 207 -16.25 4.23 -16.73
N ASP B 208 -15.10 3.77 -16.25
CA ASP B 208 -14.99 3.19 -14.91
C ASP B 208 -14.53 4.26 -13.94
N ILE B 209 -15.48 4.77 -13.15
CA ILE B 209 -15.25 5.88 -12.24
C ILE B 209 -15.15 5.45 -10.77
N SER B 210 -14.82 4.17 -10.57
CA SER B 210 -14.69 3.57 -9.23
C SER B 210 -13.89 4.44 -8.24
N HIS B 211 -12.78 5.02 -8.70
CA HIS B 211 -11.91 5.82 -7.83
C HIS B 211 -12.37 7.19 -7.53
N ILE B 212 -13.23 7.72 -8.40
CA ILE B 212 -13.65 9.11 -8.32
C ILE B 212 -15.17 9.29 -8.32
N SER B 213 -15.91 8.18 -8.22
CA SER B 213 -17.37 8.19 -8.28
C SER B 213 -18.01 9.36 -7.50
N SER B 214 -17.57 9.58 -6.26
CA SER B 214 -18.10 10.67 -5.44
C SER B 214 -17.92 12.06 -6.05
N PHE B 215 -16.81 12.28 -6.75
CA PHE B 215 -16.57 13.56 -7.44
C PHE B 215 -17.51 13.71 -8.63
N VAL B 216 -17.87 12.59 -9.24
CA VAL B 216 -18.81 12.63 -10.35
C VAL B 216 -20.20 12.91 -9.78
N ALA B 217 -20.56 12.19 -8.73
CA ALA B 217 -21.85 12.38 -8.07
C ALA B 217 -22.03 13.81 -7.58
N CYS B 218 -20.97 14.39 -7.05
CA CYS B 218 -21.08 15.66 -6.32
C CYS B 218 -20.90 16.88 -7.20
N ASN B 219 -20.64 16.64 -8.48
CA ASN B 219 -20.46 17.68 -9.49
C ASN B 219 -19.18 18.51 -9.27
N ILE B 220 -18.14 17.82 -8.80
CA ILE B 220 -16.84 18.43 -8.51
C ILE B 220 -15.84 18.15 -9.64
N LEU B 221 -15.98 16.99 -10.29
CA LEU B 221 -15.20 16.65 -11.46
C LEU B 221 -16.07 16.50 -12.71
N ASN B 222 -15.43 16.22 -13.84
CA ASN B 222 -16.12 16.01 -15.12
C ASN B 222 -17.14 14.88 -15.07
N ASN B 223 -18.19 15.03 -15.88
CA ASN B 223 -19.33 14.10 -15.89
C ASN B 223 -19.24 13.16 -17.06
N PRO B 224 -18.99 11.88 -16.79
CA PRO B 224 -18.96 10.94 -17.90
C PRO B 224 -20.37 10.59 -18.38
N PHE B 225 -21.39 10.87 -17.57
CA PHE B 225 -22.77 10.54 -17.93
C PHE B 225 -23.31 11.39 -19.07
N LEU B 226 -22.54 12.37 -19.56
CA LEU B 226 -22.94 13.16 -20.73
C LEU B 226 -22.29 12.59 -21.98
N HIS B 227 -21.37 11.65 -21.82
CA HIS B 227 -20.62 11.12 -22.95
C HIS B 227 -20.58 9.61 -23.00
N ALA B 228 -20.74 8.95 -21.86
CA ALA B 228 -20.58 7.48 -21.82
C ALA B 228 -21.82 6.70 -22.21
N ASP B 229 -21.58 5.59 -22.91
CA ASP B 229 -22.60 4.57 -23.13
C ASP B 229 -22.82 3.78 -21.84
N VAL B 230 -21.71 3.47 -21.17
CA VAL B 230 -21.73 2.65 -19.96
C VAL B 230 -20.82 3.26 -18.90
N VAL B 231 -21.32 3.40 -17.69
CA VAL B 231 -20.49 3.77 -16.54
C VAL B 231 -20.54 2.67 -15.47
N THR B 232 -19.38 2.18 -15.08
CA THR B 232 -19.29 1.32 -13.89
C THR B 232 -18.64 2.04 -12.71
N THR B 233 -19.02 1.61 -11.51
CA THR B 233 -18.37 2.05 -10.29
C THR B 233 -18.57 1.04 -9.17
N THR B 234 -17.49 0.82 -8.42
CA THR B 234 -17.58 0.16 -7.13
C THR B 234 -18.47 1.04 -6.26
N THR B 235 -19.00 0.46 -5.18
CA THR B 235 -19.78 1.20 -4.18
C THR B 235 -18.92 1.50 -2.96
N HIS B 236 -17.79 0.79 -2.85
CA HIS B 236 -16.83 1.06 -1.79
C HIS B 236 -15.90 2.15 -2.23
N LYS B 237 -14.67 2.14 -1.72
CA LYS B 237 -13.70 3.19 -2.00
C LYS B 237 -14.26 4.57 -1.61
N ILE B 238 -14.05 5.57 -2.45
CA ILE B 238 -14.44 6.95 -2.10
C ILE B 238 -15.94 7.14 -1.87
N LEU B 239 -16.78 6.30 -2.49
CA LEU B 239 -18.23 6.36 -2.28
C LEU B 239 -18.57 5.94 -0.87
N ARG B 240 -17.68 5.16 -0.27
CA ARG B 240 -17.76 4.73 1.12
C ARG B 240 -18.93 3.78 1.38
N GLY B 241 -19.24 2.96 0.37
CA GLY B 241 -20.32 2.00 0.50
C GLY B 241 -19.78 0.64 0.90
N PRO B 242 -20.64 -0.39 0.77
CA PRO B 242 -20.16 -1.72 1.06
C PRO B 242 -19.40 -2.19 -0.16
N ARG B 243 -18.89 -3.40 -0.09
CA ARG B 243 -18.18 -3.95 -1.20
C ARG B 243 -19.17 -4.52 -2.25
N SER B 244 -19.37 -3.75 -3.32
CA SER B 244 -20.30 -4.08 -4.39
C SER B 244 -20.04 -3.15 -5.56
N ALA B 245 -20.85 -3.25 -6.61
CA ALA B 245 -20.65 -2.40 -7.79
C ALA B 245 -21.94 -2.08 -8.54
N LEU B 246 -21.88 -1.04 -9.38
CA LEU B 246 -23.03 -0.58 -10.15
C LEU B 246 -22.70 -0.52 -11.63
N ILE B 247 -23.65 -0.93 -12.47
CA ILE B 247 -23.53 -0.73 -13.90
C ILE B 247 -24.66 0.21 -14.35
N PHE B 248 -24.24 1.38 -14.85
CA PHE B 248 -25.17 2.31 -15.50
C PHE B 248 -25.08 2.12 -17.00
N PHE B 249 -26.22 2.26 -17.68
CA PHE B 249 -26.25 2.14 -19.13
C PHE B 249 -27.19 3.16 -19.74
N ASN B 250 -26.74 3.77 -20.83
CA ASN B 250 -27.50 4.82 -21.51
C ASN B 250 -28.57 4.20 -22.42
N LYS B 251 -29.82 4.21 -21.98
CA LYS B 251 -30.93 3.68 -22.77
C LYS B 251 -31.09 4.48 -24.07
N LYS B 252 -31.24 5.80 -23.94
CA LYS B 252 -31.35 6.71 -25.09
C LYS B 252 -30.35 6.46 -26.22
N ARG B 253 -29.09 6.23 -25.87
CA ARG B 253 -28.05 6.09 -26.87
C ARG B 253 -28.02 4.69 -27.48
N ASN B 254 -28.43 3.70 -26.71
CA ASN B 254 -28.51 2.32 -27.20
C ASN B 254 -29.75 1.60 -26.65
N PRO B 255 -30.91 1.75 -27.31
CA PRO B 255 -32.05 0.91 -26.89
C PRO B 255 -31.67 -0.56 -27.07
N GLY B 256 -32.22 -1.43 -26.23
CA GLY B 256 -31.88 -2.85 -26.23
C GLY B 256 -30.59 -3.21 -25.48
N ILE B 257 -29.94 -2.20 -24.90
CA ILE B 257 -28.75 -2.39 -24.06
C ILE B 257 -29.13 -2.89 -22.67
N GLU B 258 -30.28 -2.43 -22.18
CA GLU B 258 -30.78 -2.81 -20.87
C GLU B 258 -30.87 -4.32 -20.73
N GLN B 259 -31.37 -4.97 -21.78
CA GLN B 259 -31.49 -6.40 -21.81
C GLN B 259 -30.12 -7.08 -21.80
N LYS B 260 -29.20 -6.53 -22.58
CA LYS B 260 -27.85 -7.10 -22.70
C LYS B 260 -27.08 -7.07 -21.38
N ILE B 261 -27.20 -5.98 -20.63
CA ILE B 261 -26.53 -5.82 -19.34
C ILE B 261 -27.21 -6.62 -18.23
N ASN B 262 -28.54 -6.61 -18.22
CA ASN B 262 -29.28 -7.33 -17.18
C ASN B 262 -29.07 -8.84 -17.27
N SER B 263 -28.91 -9.35 -18.48
CA SER B 263 -28.78 -10.79 -18.69
C SER B 263 -27.32 -11.27 -18.67
N ALA B 264 -26.39 -10.35 -18.95
CA ALA B 264 -24.98 -10.63 -18.77
C ALA B 264 -24.65 -10.88 -17.30
N VAL B 265 -25.23 -10.06 -16.42
CA VAL B 265 -25.01 -10.16 -14.98
C VAL B 265 -25.61 -11.47 -14.47
N PHE B 266 -26.88 -11.68 -14.80
CA PHE B 266 -27.57 -12.92 -14.53
C PHE B 266 -28.56 -13.19 -15.67
N PRO B 267 -28.55 -14.41 -16.24
CA PRO B 267 -27.89 -15.63 -15.81
C PRO B 267 -26.57 -15.99 -16.48
N SER B 268 -25.92 -15.06 -17.17
CA SER B 268 -24.65 -15.40 -17.80
C SER B 268 -23.55 -15.65 -16.77
N PHE B 269 -23.44 -14.77 -15.78
CA PHE B 269 -22.32 -14.77 -14.82
C PHE B 269 -22.67 -15.12 -13.39
N GLN B 270 -23.60 -14.37 -12.79
CA GLN B 270 -23.96 -14.57 -11.38
C GLN B 270 -25.18 -15.48 -11.18
N GLY B 271 -25.44 -15.84 -9.92
CA GLY B 271 -26.69 -16.49 -9.52
C GLY B 271 -27.50 -15.48 -8.72
N GLY B 272 -28.06 -15.91 -7.59
CA GLY B 272 -28.84 -15.01 -6.74
C GLY B 272 -28.06 -13.77 -6.34
N PRO B 273 -28.73 -12.61 -6.28
CA PRO B 273 -28.03 -11.43 -5.77
C PRO B 273 -27.72 -11.63 -4.30
N HIS B 274 -26.73 -10.93 -3.78
CA HIS B 274 -26.54 -10.89 -2.32
C HIS B 274 -27.29 -9.71 -1.78
N ASN B 275 -28.45 -9.98 -1.20
CA ASN B 275 -29.37 -8.91 -0.80
C ASN B 275 -28.91 -8.02 0.31
N ASN B 276 -28.07 -8.54 1.21
CA ASN B 276 -27.46 -7.71 2.24
C ASN B 276 -26.60 -6.61 1.62
N LYS B 277 -25.87 -6.97 0.55
CA LYS B 277 -25.05 -6.04 -0.24
C LYS B 277 -25.89 -4.93 -0.84
N ILE B 278 -27.01 -5.32 -1.43
CA ILE B 278 -27.96 -4.41 -2.05
C ILE B 278 -28.61 -3.49 -1.00
N ALA B 279 -29.03 -4.05 0.14
CA ALA B 279 -29.52 -3.22 1.25
C ALA B 279 -28.48 -2.15 1.66
N ALA B 280 -27.22 -2.58 1.84
CA ALA B 280 -26.17 -1.66 2.26
C ALA B 280 -25.83 -0.58 1.21
N VAL B 281 -25.79 -0.96 -0.05
CA VAL B 281 -25.65 0.01 -1.13
C VAL B 281 -26.76 1.05 -1.02
N ALA B 282 -28.00 0.58 -0.89
CA ALA B 282 -29.16 1.49 -0.76
C ALA B 282 -28.94 2.48 0.38
N CYS B 283 -28.49 1.97 1.52
CA CYS B 283 -28.22 2.75 2.72
C CYS B 283 -27.15 3.83 2.54
N GLN B 284 -26.19 3.59 1.65
CA GLN B 284 -25.11 4.54 1.44
C GLN B 284 -25.44 5.54 0.33
N LEU B 285 -26.19 5.08 -0.66
CA LEU B 285 -26.62 5.95 -1.75
C LEU B 285 -27.61 7.01 -1.27
N LYS B 286 -28.24 6.77 -0.12
CA LYS B 286 -29.03 7.81 0.53
C LYS B 286 -28.06 8.84 1.03
N GLU B 287 -27.15 8.45 1.92
CA GLU B 287 -26.08 9.32 2.40
C GLU B 287 -25.37 10.06 1.27
N VAL B 288 -25.00 9.35 0.20
CA VAL B 288 -24.29 9.97 -0.92
C VAL B 288 -25.02 11.20 -1.47
N HIS B 289 -26.35 11.21 -1.33
CA HIS B 289 -27.18 12.28 -1.90
C HIS B 289 -27.41 13.45 -0.98
N SER B 290 -27.04 13.31 0.30
CA SER B 290 -27.17 14.38 1.28
C SER B 290 -26.01 15.40 1.17
N PRO B 291 -26.27 16.67 1.56
CA PRO B 291 -25.27 17.70 1.25
C PRO B 291 -24.06 17.64 2.19
N ALA B 292 -24.23 16.96 3.34
CA ALA B 292 -23.13 16.61 4.23
C ALA B 292 -22.11 15.67 3.56
N PHE B 293 -22.59 14.81 2.65
CA PHE B 293 -21.69 13.97 1.88
C PHE B 293 -20.94 14.80 0.85
N LYS B 294 -21.61 15.79 0.27
CA LYS B 294 -20.91 16.71 -0.65
C LYS B 294 -19.79 17.45 0.11
N GLU B 295 -20.08 17.84 1.35
CA GLU B 295 -19.08 18.48 2.19
C GLU B 295 -17.88 17.55 2.35
N TYR B 296 -18.15 16.29 2.66
CA TYR B 296 -17.11 15.30 2.87
C TYR B 296 -16.24 15.16 1.64
N THR B 297 -16.87 14.96 0.48
CA THR B 297 -16.17 14.86 -0.79
C THR B 297 -15.30 16.10 -1.05
N GLN B 298 -15.81 17.27 -0.69
CA GLN B 298 -15.04 18.51 -0.81
C GLN B 298 -13.85 18.46 0.14
N GLN B 299 -14.06 17.96 1.35
CA GLN B 299 -12.99 17.86 2.33
C GLN B 299 -11.89 16.93 1.79
N VAL B 300 -12.30 15.82 1.17
CA VAL B 300 -11.38 14.91 0.50
C VAL B 300 -10.47 15.65 -0.49
N LEU B 301 -11.05 16.52 -1.31
CA LEU B 301 -10.27 17.18 -2.35
C LEU B 301 -9.34 18.25 -1.77
N LEU B 302 -9.84 18.98 -0.79
CA LEU B 302 -9.06 19.98 -0.07
C LEU B 302 -7.83 19.30 0.50
N ASN B 303 -8.04 18.21 1.26
CA ASN B 303 -6.95 17.49 1.92
C ASN B 303 -5.91 17.01 0.93
N SER B 304 -6.39 16.54 -0.21
CA SER B 304 -5.51 16.09 -1.26
C SER B 304 -4.67 17.25 -1.79
N LYS B 305 -5.32 18.38 -2.06
CA LYS B 305 -4.63 19.59 -2.53
C LYS B 305 -3.60 20.02 -1.49
N ALA B 306 -4.03 20.07 -0.23
CA ALA B 306 -3.13 20.48 0.82
C ALA B 306 -1.99 19.48 0.99
N LEU B 307 -2.27 18.20 0.80
CA LEU B 307 -1.24 17.18 0.94
C LEU B 307 -0.18 17.37 -0.14
N ALA B 308 -0.63 17.53 -1.38
CA ALA B 308 0.27 17.69 -2.52
C ALA B 308 1.20 18.89 -2.34
N LYS B 309 0.63 20.00 -1.90
CA LYS B 309 1.35 21.26 -1.70
C LYS B 309 2.43 21.11 -0.62
N ALA B 310 2.07 20.46 0.49
CA ALA B 310 3.01 20.26 1.60
C ALA B 310 4.19 19.36 1.17
N LEU B 311 3.88 18.36 0.35
CA LEU B 311 4.88 17.46 -0.18
C LEU B 311 5.82 18.20 -1.15
N ILE B 312 5.24 19.08 -1.98
CA ILE B 312 6.04 19.85 -2.92
C ILE B 312 6.93 20.81 -2.15
N SER B 313 6.37 21.46 -1.12
CA SER B 313 7.15 22.34 -0.24
C SER B 313 8.29 21.65 0.53
N LYS B 314 8.31 20.32 0.53
CA LYS B 314 9.40 19.55 1.12
C LYS B 314 10.26 18.94 0.02
N GLN B 315 10.09 19.47 -1.20
CA GLN B 315 10.83 19.08 -2.40
C GLN B 315 10.63 17.64 -2.85
N ILE B 316 9.45 17.10 -2.59
CA ILE B 316 9.09 15.79 -3.10
C ILE B 316 8.32 15.96 -4.40
N ASP B 317 8.70 15.18 -5.41
CA ASP B 317 8.08 15.23 -6.73
C ASP B 317 6.82 14.36 -6.85
N LEU B 318 5.84 14.87 -7.58
CA LEU B 318 4.57 14.18 -7.79
C LEU B 318 4.32 14.04 -9.29
N VAL B 319 3.82 12.89 -9.71
CA VAL B 319 3.52 12.66 -11.12
C VAL B 319 2.41 13.62 -11.57
N THR B 320 2.68 14.32 -12.68
CA THR B 320 1.82 15.41 -13.22
C THR B 320 1.89 16.65 -12.34
N ASN B 321 2.80 16.63 -11.37
CA ASN B 321 3.08 17.75 -10.43
C ASN B 321 1.91 18.24 -9.61
N GLY B 322 0.97 17.36 -9.34
CA GLY B 322 -0.19 17.69 -8.54
C GLY B 322 -1.32 16.70 -8.77
N THR B 323 -2.50 17.06 -8.30
CA THR B 323 -3.68 16.22 -8.45
C THR B 323 -4.94 17.08 -8.69
N ASP B 324 -5.94 16.51 -9.38
CA ASP B 324 -7.27 17.13 -9.46
C ASP B 324 -8.23 16.37 -8.56
N ASN B 325 -7.77 15.27 -7.99
CA ASN B 325 -8.67 14.40 -7.26
C ASN B 325 -8.16 14.04 -5.87
N HIS B 326 -8.47 12.81 -5.44
CA HIS B 326 -8.24 12.37 -4.07
C HIS B 326 -6.88 11.71 -3.94
N LEU B 327 -6.18 11.57 -5.06
CA LEU B 327 -4.94 10.78 -5.02
C LEU B 327 -3.70 11.42 -5.65
N ILE B 328 -2.56 11.07 -5.08
CA ILE B 328 -1.28 11.63 -5.45
C ILE B 328 -0.36 10.45 -5.70
N VAL B 329 0.35 10.46 -6.82
CA VAL B 329 1.45 9.52 -7.05
C VAL B 329 2.77 10.25 -6.81
N VAL B 330 3.57 9.75 -5.88
CA VAL B 330 4.90 10.29 -5.65
C VAL B 330 5.92 9.64 -6.57
N ASP B 331 6.76 10.46 -7.19
CA ASP B 331 7.92 10.03 -7.95
C ASP B 331 9.15 10.05 -7.00
N LEU B 332 9.78 8.89 -6.83
CA LEU B 332 10.87 8.78 -5.84
C LEU B 332 12.29 8.69 -6.43
N ARG B 333 12.41 8.77 -7.75
CA ARG B 333 13.72 8.69 -8.45
C ARG B 333 14.78 9.63 -7.85
N LYS B 334 14.32 10.77 -7.36
CA LYS B 334 15.17 11.79 -6.77
C LYS B 334 16.00 11.26 -5.61
N PHE B 335 15.43 10.29 -4.89
CA PHE B 335 16.03 9.79 -3.67
C PHE B 335 16.69 8.43 -3.85
N SER B 336 16.68 7.93 -5.09
CA SER B 336 17.26 6.63 -5.40
C SER B 336 16.71 5.48 -4.54
N ILE B 337 15.42 5.53 -4.25
CA ILE B 337 14.70 4.43 -3.60
C ILE B 337 13.50 3.97 -4.46
N THR B 338 13.03 2.76 -4.19
CA THR B 338 11.86 2.20 -4.86
C THR B 338 10.62 2.48 -4.04
N GLY B 339 9.46 2.56 -4.69
CA GLY B 339 8.17 2.56 -3.98
C GLY B 339 8.02 1.29 -3.17
N SER B 340 8.56 0.22 -3.74
CA SER B 340 8.72 -1.07 -3.09
C SER B 340 9.30 -0.93 -1.66
N LYS B 341 10.50 -0.34 -1.53
CA LYS B 341 11.10 -0.13 -0.20
C LYS B 341 10.30 0.81 0.71
N LEU B 342 9.69 1.86 0.15
CA LEU B 342 8.96 2.85 0.95
C LEU B 342 7.70 2.26 1.59
N GLN B 343 7.02 1.39 0.84
CA GLN B 343 5.90 0.63 1.37
C GLN B 343 6.33 -0.17 2.62
N GLU B 344 7.46 -0.84 2.53
CA GLU B 344 8.00 -1.57 3.68
C GLU B 344 8.25 -0.65 4.87
N THR B 345 8.86 0.50 4.61
CA THR B 345 9.15 1.46 5.68
C THR B 345 7.89 2.02 6.32
N CYS B 346 6.91 2.35 5.50
CA CYS B 346 5.65 2.88 6.02
C CYS B 346 4.84 1.81 6.74
N ASN B 347 4.84 0.58 6.21
CA ASN B 347 4.20 -0.55 6.92
C ASN B 347 4.76 -0.55 8.34
N ALA B 348 6.09 -0.47 8.46
CA ALA B 348 6.77 -0.46 9.78
C ALA B 348 6.38 0.67 10.72
N ILE B 349 5.72 1.73 10.21
CA ILE B 349 5.32 2.84 11.07
C ILE B 349 3.81 3.09 11.12
N ASN B 350 3.04 2.03 10.86
CA ASN B 350 1.58 2.12 10.80
C ASN B 350 1.06 3.14 9.78
N VAL B 351 1.79 3.31 8.69
CA VAL B 351 1.32 4.13 7.58
C VAL B 351 1.04 3.26 6.36
N SER B 352 -0.20 3.31 5.90
CA SER B 352 -0.66 2.48 4.80
C SER B 352 -0.60 3.20 3.45
N LEU B 353 0.20 2.65 2.54
CA LEU B 353 0.24 3.15 1.16
C LEU B 353 0.81 2.03 0.32
N ASN B 354 0.74 2.18 -0.99
CA ASN B 354 1.26 1.12 -1.83
C ASN B 354 2.17 1.61 -2.93
N LYS B 355 3.04 0.73 -3.38
CA LYS B 355 3.94 1.00 -4.48
C LYS B 355 3.13 1.24 -5.76
N ASN B 356 3.67 2.03 -6.67
CA ASN B 356 2.97 2.40 -7.90
C ASN B 356 3.98 2.70 -8.98
N THR B 357 3.67 2.29 -10.23
CA THR B 357 4.56 2.68 -11.31
C THR B 357 4.49 4.16 -11.67
N ILE B 358 5.59 4.65 -12.26
CA ILE B 358 5.66 5.97 -12.83
C ILE B 358 6.02 5.80 -14.30
N PRO B 359 5.67 6.79 -15.16
CA PRO B 359 5.85 6.62 -16.61
C PRO B 359 7.20 6.02 -17.02
N SER B 360 8.28 6.45 -16.37
CA SER B 360 9.63 6.02 -16.73
C SER B 360 9.92 4.54 -16.41
N ASP B 361 9.10 3.93 -15.56
CA ASP B 361 9.24 2.51 -15.25
C ASP B 361 8.87 1.65 -16.48
N VAL B 362 9.82 0.82 -16.91
CA VAL B 362 9.64 -0.05 -18.08
C VAL B 362 8.95 -1.36 -17.72
N ASP B 363 9.28 -1.89 -16.54
CA ASP B 363 8.59 -3.05 -15.98
C ASP B 363 7.73 -2.62 -14.79
N CYS B 364 6.89 -3.53 -14.30
CA CYS B 364 6.12 -3.29 -13.08
C CYS B 364 6.85 -3.79 -11.81
N VAL B 365 8.06 -4.34 -11.99
CA VAL B 365 8.86 -4.80 -10.87
C VAL B 365 9.76 -3.68 -10.34
N SER B 366 9.82 -3.56 -9.01
CA SER B 366 10.53 -2.47 -8.35
C SER B 366 10.13 -1.12 -8.94
N PRO B 367 8.85 -0.71 -8.74
CA PRO B 367 8.37 0.56 -9.28
C PRO B 367 8.94 1.75 -8.53
N SER B 368 8.93 2.92 -9.16
CA SER B 368 9.63 4.09 -8.63
C SER B 368 8.74 5.09 -7.92
N GLY B 369 7.53 4.69 -7.59
CA GLY B 369 6.63 5.60 -6.90
C GLY B 369 5.74 4.95 -5.88
N VAL B 370 4.96 5.78 -5.19
CA VAL B 370 3.93 5.31 -4.29
C VAL B 370 2.64 6.07 -4.56
N ARG B 371 1.51 5.42 -4.35
CA ARG B 371 0.23 6.06 -4.47
C ARG B 371 -0.29 6.30 -3.07
N ILE B 372 -0.81 7.50 -2.84
CA ILE B 372 -1.48 7.86 -1.58
C ILE B 372 -2.81 8.53 -1.90
N GLY B 373 -3.74 8.47 -0.94
CA GLY B 373 -5.06 9.05 -1.09
C GLY B 373 -5.64 9.49 0.24
N THR B 374 -6.63 10.37 0.19
CA THR B 374 -7.14 11.06 1.37
C THR B 374 -8.57 10.71 1.82
N PRO B 375 -9.29 9.80 1.11
CA PRO B 375 -10.66 9.47 1.53
C PRO B 375 -10.82 8.88 2.93
N ALA B 376 -9.93 7.94 3.28
CA ALA B 376 -10.00 7.28 4.58
C ALA B 376 -9.71 8.23 5.76
N MET B 377 -8.61 8.99 5.66
CA MET B 377 -8.25 9.95 6.70
C MET B 377 -9.24 11.11 6.81
N THR B 378 -9.83 11.51 5.69
CA THR B 378 -10.89 12.51 5.73
C THR B 378 -12.08 11.97 6.54
N THR B 379 -12.48 10.74 6.25
CA THR B 379 -13.55 10.09 7.01
C THR B 379 -13.20 10.10 8.50
N ARG B 380 -11.93 9.85 8.82
CA ARG B 380 -11.45 9.88 10.19
C ARG B 380 -11.32 11.28 10.79
N GLY B 381 -11.63 12.30 10.00
CA GLY B 381 -11.75 13.67 10.49
C GLY B 381 -10.53 14.57 10.39
N ALA B 382 -9.56 14.18 9.57
CA ALA B 382 -8.38 15.01 9.35
C ALA B 382 -8.73 16.19 8.43
N LYS B 383 -8.17 17.36 8.71
CA LYS B 383 -8.45 18.56 7.93
C LYS B 383 -7.18 19.00 7.21
N GLU B 384 -7.24 20.14 6.51
CA GLU B 384 -6.08 20.58 5.72
C GLU B 384 -4.83 20.74 6.57
N LYS B 385 -5.01 21.25 7.80
CA LYS B 385 -3.88 21.50 8.71
C LYS B 385 -3.20 20.20 9.13
N ASP B 386 -3.90 19.08 8.98
CA ASP B 386 -3.39 17.78 9.39
C ASP B 386 -2.54 17.17 8.28
N MET B 387 -2.64 17.73 7.08
CA MET B 387 -1.90 17.19 5.94
C MET B 387 -0.40 17.46 6.03
N GLU B 388 -0.01 18.54 6.70
CA GLU B 388 1.41 18.85 6.92
C GLU B 388 2.09 17.75 7.75
N PHE B 389 1.41 17.30 8.81
CA PHE B 389 1.91 16.20 9.64
C PHE B 389 2.08 14.93 8.81
N ILE B 390 1.07 14.59 8.00
CA ILE B 390 1.13 13.41 7.13
C ILE B 390 2.30 13.53 6.16
N ALA B 391 2.40 14.69 5.52
CA ALA B 391 3.55 15.01 4.66
C ALA B 391 4.89 14.92 5.39
N ASP B 392 4.94 15.52 6.58
CA ASP B 392 6.09 15.41 7.49
C ASP B 392 6.43 13.94 7.81
N VAL B 393 5.41 13.14 8.18
CA VAL B 393 5.60 11.71 8.43
C VAL B 393 6.15 11.00 7.20
N LEU B 394 5.60 11.31 6.02
CA LEU B 394 6.09 10.71 4.77
C LEU B 394 7.54 11.10 4.40
N ALA B 395 7.88 12.39 4.53
CA ALA B 395 9.26 12.85 4.30
C ALA B 395 10.27 12.16 5.25
N ARG B 396 9.90 12.07 6.53
CA ARG B 396 10.76 11.39 7.51
C ARG B 396 10.95 9.93 7.12
N ALA B 397 9.86 9.30 6.65
CA ALA B 397 9.87 7.93 6.13
C ALA B 397 10.76 7.77 4.92
N ILE B 398 10.71 8.73 4.00
CA ILE B 398 11.59 8.69 2.83
C ILE B 398 13.07 8.79 3.25
N LYS B 399 13.36 9.71 4.17
CA LYS B 399 14.72 9.89 4.69
C LYS B 399 15.25 8.60 5.37
N ILE B 400 14.47 8.03 6.28
CA ILE B 400 14.86 6.76 6.93
C ILE B 400 15.05 5.65 5.91
N THR B 401 14.26 5.67 4.85
CA THR B 401 14.40 4.66 3.81
C THR B 401 15.73 4.82 3.09
N VAL B 402 16.15 6.06 2.89
CA VAL B 402 17.44 6.34 2.26
C VAL B 402 18.58 5.85 3.17
N ASP B 403 18.48 6.16 4.47
CA ASP B 403 19.50 5.76 5.45
C ASP B 403 19.66 4.25 5.58
N LEU B 404 18.54 3.52 5.62
CA LEU B 404 18.55 2.08 5.71
C LEU B 404 19.08 1.40 4.46
N GLN B 405 18.86 2.01 3.30
CA GLN B 405 19.32 1.44 2.02
C GLN B 405 20.84 1.53 1.88
N GLU B 406 21.43 2.63 2.36
CA GLU B 406 22.88 2.80 2.36
C GLU B 406 23.53 1.87 3.38
N GLN B 407 22.86 1.68 4.52
CA GLN B 407 23.35 0.78 5.57
C GLN B 407 23.19 -0.70 5.25
N TYR B 408 22.18 -1.07 4.45
CA TYR B 408 21.88 -2.50 4.22
C TYR B 408 21.85 -2.99 2.76
N GLY B 409 21.91 -2.06 1.80
CA GLY B 409 21.93 -2.42 0.37
C GLY B 409 20.64 -2.19 -0.42
N LYS B 410 20.74 -2.28 -1.74
CA LYS B 410 19.62 -2.06 -2.67
C LYS B 410 18.73 -3.30 -2.84
N LYS B 411 19.25 -4.45 -2.40
CA LYS B 411 18.54 -5.73 -2.46
C LYS B 411 17.39 -5.70 -1.46
N LEU B 412 16.17 -5.86 -1.97
CA LEU B 412 14.95 -5.71 -1.17
C LEU B 412 14.93 -6.62 0.06
N VAL B 413 15.34 -7.88 -0.15
CA VAL B 413 15.49 -8.86 0.94
C VAL B 413 16.39 -8.34 2.06
N ASP B 414 17.53 -7.76 1.66
CA ASP B 414 18.50 -7.20 2.59
C ASP B 414 17.98 -5.94 3.27
N PHE B 415 17.30 -5.09 2.49
CA PHE B 415 16.73 -3.85 3.02
C PHE B 415 15.87 -4.09 4.26
N LYS B 416 14.92 -5.03 4.15
CA LYS B 416 13.95 -5.32 5.24
C LYS B 416 14.60 -5.55 6.60
N LYS B 417 15.70 -6.31 6.62
CA LYS B 417 16.37 -6.70 7.87
C LYS B 417 16.74 -5.49 8.73
N GLY B 418 16.89 -4.34 8.09
CA GLY B 418 17.13 -3.08 8.79
C GLY B 418 15.94 -2.53 9.57
N LEU B 419 14.73 -2.87 9.13
CA LEU B 419 13.49 -2.29 9.69
C LEU B 419 13.17 -2.62 11.16
N PRO B 420 13.27 -3.90 11.57
CA PRO B 420 12.88 -4.22 12.95
C PRO B 420 13.89 -3.73 13.97
N GLY B 421 13.40 -3.21 15.09
CA GLY B 421 14.28 -2.69 16.14
C GLY B 421 14.61 -1.21 16.02
N ASN B 422 14.64 -0.71 14.77
CA ASN B 422 15.01 0.68 14.46
C ASN B 422 14.32 1.71 15.36
N ALA B 423 15.13 2.39 16.17
CA ALA B 423 14.65 3.40 17.13
C ALA B 423 13.90 4.55 16.47
N GLN B 424 14.38 4.99 15.30
CA GLN B 424 13.73 6.06 14.54
C GLN B 424 12.32 5.61 14.12
N LEU B 425 12.23 4.41 13.54
CA LEU B 425 10.93 3.85 13.15
C LEU B 425 9.96 3.67 14.32
N GLN B 426 10.45 3.10 15.42
CA GLN B 426 9.63 2.92 16.63
C GLN B 426 9.09 4.24 17.19
N GLN B 427 9.92 5.28 17.19
CA GLN B 427 9.51 6.61 17.65
C GLN B 427 8.49 7.20 16.68
N LEU B 428 8.73 7.06 15.39
CA LEU B 428 7.81 7.56 14.37
C LEU B 428 6.48 6.78 14.39
N LYS B 429 6.57 5.45 14.49
CA LYS B 429 5.39 4.61 14.70
C LYS B 429 4.55 5.09 15.90
N GLN B 430 5.19 5.22 17.07
CA GLN B 430 4.46 5.62 18.27
C GLN B 430 3.83 6.99 18.07
N GLU B 431 4.53 7.88 17.35
CA GLU B 431 3.98 9.18 16.96
C GLU B 431 2.68 9.01 16.18
N VAL B 432 2.73 8.17 15.13
CA VAL B 432 1.58 7.79 14.32
C VAL B 432 0.45 7.18 15.16
N VAL B 433 0.75 6.12 15.89
CA VAL B 433 -0.26 5.41 16.69
C VAL B 433 -0.96 6.40 17.62
N THR B 434 -0.19 7.30 18.23
CA THR B 434 -0.74 8.28 19.17
C THR B 434 -1.67 9.26 18.49
N TRP B 435 -1.32 9.68 17.27
CA TRP B 435 -2.24 10.56 16.56
C TRP B 435 -3.39 9.81 15.91
N ALA B 436 -3.11 8.71 15.22
CA ALA B 436 -4.14 7.91 14.56
C ALA B 436 -5.15 7.31 15.54
N GLY B 437 -4.64 6.61 16.55
CA GLY B 437 -5.46 6.01 17.62
C GLY B 437 -6.67 6.81 18.09
N ALA B 438 -6.53 8.12 18.20
CA ALA B 438 -7.55 8.97 18.87
C ALA B 438 -8.48 9.72 17.91
N LEU B 439 -8.22 9.63 16.61
CA LEU B 439 -9.10 10.20 15.61
C LEU B 439 -10.47 9.51 15.59
N PRO B 440 -11.52 10.25 15.22
CA PRO B 440 -12.83 9.64 15.00
C PRO B 440 -12.72 8.36 14.19
N PHE B 441 -13.56 7.38 14.55
CA PHE B 441 -13.47 6.04 13.99
C PHE B 441 -14.85 5.39 13.96
N PRO B 442 -15.44 5.22 12.77
CA PRO B 442 -16.82 4.75 12.63
C PRO B 442 -17.03 3.26 12.98
N MET C 1 77.84 37.30 13.73
CA MET C 1 77.55 37.48 15.18
C MET C 1 76.22 36.84 15.57
N PHE C 2 76.14 35.52 15.38
CA PHE C 2 74.95 34.75 15.70
C PHE C 2 75.35 33.36 16.26
N ASN C 3 74.44 32.74 17.02
CA ASN C 3 74.63 31.37 17.52
C ASN C 3 74.07 30.34 16.55
N ASN C 4 74.97 29.68 15.84
CA ASN C 4 74.57 28.81 14.74
C ASN C 4 74.37 27.33 15.11
N GLU C 5 74.50 27.00 16.39
CA GLU C 5 74.46 25.59 16.80
C GLU C 5 73.04 24.99 16.78
N PRO C 6 72.90 23.72 16.32
CA PRO C 6 71.62 23.00 16.18
C PRO C 6 70.66 23.15 17.36
N LEU C 7 69.36 23.00 17.09
CA LEU C 7 68.30 23.15 18.09
C LEU C 7 68.53 22.26 19.31
N GLU C 8 68.94 21.01 19.08
CA GLU C 8 69.24 20.08 20.17
C GLU C 8 70.31 20.67 21.09
N GLN C 9 71.40 21.15 20.50
CA GLN C 9 72.46 21.81 21.24
C GLN C 9 72.00 23.11 21.89
N ILE C 10 71.46 24.02 21.08
CA ILE C 10 71.15 25.39 21.54
C ILE C 10 70.05 25.51 22.61
N ASP C 11 69.11 24.56 22.62
CA ASP C 11 67.97 24.64 23.54
C ASP C 11 67.46 23.25 23.93
N LYS C 12 68.35 22.42 24.48
CA LYS C 12 68.02 21.06 24.87
C LYS C 12 66.62 20.93 25.48
N GLU C 13 66.24 21.86 26.34
CA GLU C 13 64.94 21.83 27.01
C GLU C 13 63.73 21.80 26.07
N LEU C 14 63.73 22.67 25.07
CA LEU C 14 62.67 22.74 24.07
C LEU C 14 62.68 21.54 23.12
N HIS C 15 63.88 21.10 22.75
CA HIS C 15 64.05 19.99 21.82
C HIS C 15 63.43 18.72 22.33
N ASP C 16 63.46 18.56 23.66
CA ASP C 16 62.96 17.35 24.30
C ASP C 16 61.45 17.29 24.27
N ILE C 17 60.81 18.40 24.61
CA ILE C 17 59.36 18.51 24.56
C ILE C 17 58.85 18.32 23.14
N LEU C 18 59.49 18.99 22.18
CA LEU C 18 59.13 18.82 20.78
C LEU C 18 59.19 17.37 20.32
N ALA C 19 60.22 16.64 20.77
CA ALA C 19 60.43 15.25 20.35
C ALA C 19 59.38 14.36 21.00
N ASP C 20 58.94 14.78 22.19
CA ASP C 20 57.85 14.15 22.93
C ASP C 20 56.51 14.35 22.24
N GLU C 21 56.29 15.55 21.70
CA GLU C 21 55.06 15.87 20.99
C GLU C 21 55.04 15.12 19.68
N GLU C 22 56.21 14.94 19.08
CA GLU C 22 56.35 14.15 17.86
C GLU C 22 55.98 12.69 18.09
N LYS C 23 56.47 12.12 19.18
CA LYS C 23 56.17 10.74 19.57
C LYS C 23 54.68 10.55 19.90
N ARG C 24 54.07 11.50 20.62
CA ARG C 24 52.64 11.48 20.89
C ARG C 24 51.83 11.43 19.57
N GLN C 25 52.13 12.35 18.65
CA GLN C 25 51.50 12.34 17.33
C GLN C 25 51.59 10.95 16.69
N ARG C 26 52.80 10.37 16.74
CA ARG C 26 53.07 9.08 16.12
C ARG C 26 52.26 7.95 16.75
N GLU C 27 51.93 8.10 18.03
CA GLU C 27 51.36 7.03 18.82
C GLU C 27 49.88 7.26 19.16
N THR C 28 49.24 8.18 18.44
CA THR C 28 47.84 8.51 18.67
C THR C 28 46.99 8.15 17.47
N ILE C 29 45.77 7.68 17.73
CA ILE C 29 44.74 7.61 16.70
C ILE C 29 44.01 8.95 16.68
N ASN C 30 44.39 9.77 15.70
CA ASN C 30 43.93 11.15 15.60
C ASN C 30 42.68 11.27 14.76
N LEU C 31 41.54 11.41 15.42
CA LEU C 31 40.26 11.57 14.76
C LEU C 31 39.75 13.02 14.79
N ILE C 32 40.61 13.98 15.14
CA ILE C 32 40.24 15.40 15.07
C ILE C 32 39.99 15.74 13.60
N ALA C 33 38.75 16.10 13.29
CA ALA C 33 38.35 16.24 11.89
C ALA C 33 39.09 17.37 11.21
N SER C 34 39.55 18.33 12.00
CA SER C 34 40.24 19.51 11.48
C SER C 34 41.77 19.42 11.51
N GLU C 35 42.32 18.26 11.84
CA GLU C 35 43.77 18.09 11.89
C GLU C 35 44.31 17.22 10.77
N ASN C 36 45.61 17.35 10.51
CA ASN C 36 46.28 16.55 9.51
C ASN C 36 47.78 16.52 9.77
N LEU C 37 48.55 15.95 8.84
CA LEU C 37 50.01 15.93 8.97
C LEU C 37 50.68 16.40 7.70
N THR C 38 51.42 17.50 7.80
CA THR C 38 52.14 18.06 6.65
C THR C 38 53.30 17.14 6.29
N ASN C 39 53.66 17.09 5.01
CA ASN C 39 54.87 16.39 4.57
C ASN C 39 56.13 17.20 4.87
N GLY C 40 57.30 16.59 4.71
CA GLY C 40 58.56 17.23 5.04
C GLY C 40 58.79 18.45 4.18
N ALA C 41 58.31 18.41 2.94
CA ALA C 41 58.49 19.48 1.97
C ALA C 41 57.80 20.76 2.38
N VAL C 42 56.52 20.66 2.77
CA VAL C 42 55.81 21.78 3.36
C VAL C 42 56.59 22.35 4.55
N ARG C 43 57.18 21.46 5.34
CA ARG C 43 57.92 21.89 6.53
C ARG C 43 59.32 22.49 6.27
N GLU C 44 59.91 22.15 5.14
CA GLU C 44 61.14 22.84 4.67
C GLU C 44 60.85 24.30 4.28
N CYS C 45 59.70 24.54 3.65
CA CYS C 45 59.24 25.87 3.27
C CYS C 45 58.94 26.73 4.49
N LEU C 46 58.20 26.18 5.46
CA LEU C 46 57.94 26.92 6.71
C LEU C 46 59.22 27.31 7.44
N GLY C 47 60.26 26.50 7.28
CA GLY C 47 61.56 26.79 7.85
C GLY C 47 62.51 27.54 6.93
N ASN C 48 62.04 27.99 5.77
CA ASN C 48 62.91 28.66 4.79
C ASN C 48 63.27 30.11 5.12
N ARG C 49 64.48 30.54 4.73
CA ARG C 49 64.95 31.93 4.99
C ARG C 49 64.14 33.00 4.29
N VAL C 50 63.15 32.59 3.50
CA VAL C 50 62.27 33.53 2.81
C VAL C 50 61.52 34.44 3.80
N SER C 51 61.30 33.97 5.02
CA SER C 51 60.57 34.75 6.02
C SER C 51 61.38 35.91 6.65
N ASN C 52 62.66 36.02 6.27
CA ASN C 52 63.48 37.19 6.60
C ASN C 52 63.01 38.46 5.89
N LYS C 53 62.24 38.31 4.81
CA LYS C 53 61.95 39.43 3.94
C LYS C 53 60.60 40.07 4.20
N TYR C 54 60.61 41.41 4.35
CA TYR C 54 59.38 42.19 4.45
C TYR C 54 58.82 42.50 3.06
N SER C 55 57.51 42.30 2.90
CA SER C 55 56.86 42.39 1.60
C SER C 55 55.50 43.07 1.65
N GLU C 56 55.30 43.98 2.59
CA GLU C 56 54.05 44.76 2.62
C GLU C 56 53.64 45.15 1.20
N GLY C 57 52.37 44.94 0.87
CA GLY C 57 51.85 45.21 -0.46
C GLY C 57 51.55 43.94 -1.24
N TYR C 58 51.42 44.07 -2.55
CA TYR C 58 51.15 42.93 -3.44
C TYR C 58 52.23 42.84 -4.51
N PRO C 59 52.31 41.70 -5.23
CA PRO C 59 53.30 41.61 -6.32
C PRO C 59 53.20 42.79 -7.29
N LYS C 60 54.35 43.22 -7.81
CA LYS C 60 54.51 44.44 -8.63
C LYS C 60 54.22 45.74 -7.88
N LYS C 61 53.50 45.64 -6.76
CA LYS C 61 53.11 46.84 -5.99
C LYS C 61 53.52 46.77 -4.50
N ARG C 62 54.77 46.37 -4.28
CA ARG C 62 55.36 46.32 -2.94
C ARG C 62 55.78 47.70 -2.44
N TYR C 63 55.86 47.87 -1.12
CA TYR C 63 56.34 49.11 -0.52
C TYR C 63 57.86 49.20 -0.71
N TYR C 64 58.53 48.07 -0.53
CA TYR C 64 59.98 48.00 -0.63
C TYR C 64 60.44 47.27 -1.89
N GLY C 65 61.73 47.39 -2.18
CA GLY C 65 62.38 46.62 -3.25
C GLY C 65 63.08 45.39 -2.73
N GLY C 66 63.89 44.77 -3.57
CA GLY C 66 64.50 43.47 -3.24
C GLY C 66 63.49 42.33 -3.23
N ASN C 67 62.28 42.62 -3.70
CA ASN C 67 61.13 41.71 -3.61
C ASN C 67 60.76 40.92 -4.87
N ASP C 68 61.69 40.82 -5.83
CA ASP C 68 61.41 40.15 -7.12
C ASP C 68 61.11 38.66 -6.97
N PHE C 69 61.97 37.93 -6.26
CA PHE C 69 61.81 36.49 -6.05
C PHE C 69 60.61 36.18 -5.15
N ILE C 70 60.31 37.11 -4.23
CA ILE C 70 59.09 37.07 -3.42
C ILE C 70 57.83 37.21 -4.28
N ASP C 71 57.92 38.06 -5.32
CA ASP C 71 56.78 38.25 -6.23
C ASP C 71 56.53 36.97 -7.02
N LYS C 72 57.60 36.33 -7.47
CA LYS C 72 57.48 35.08 -8.22
C LYS C 72 56.78 34.03 -7.35
N ILE C 73 57.12 33.99 -6.07
CA ILE C 73 56.49 33.05 -5.12
C ILE C 73 55.01 33.37 -4.88
N GLU C 74 54.67 34.61 -4.55
CA GLU C 74 53.27 34.97 -4.36
C GLU C 74 52.44 34.75 -5.64
N GLU C 75 53.06 34.97 -6.79
CA GLU C 75 52.31 34.91 -8.06
C GLU C 75 51.98 33.47 -8.42
N LEU C 76 52.96 32.61 -8.25
CA LEU C 76 52.82 31.17 -8.31
C LEU C 76 51.69 30.64 -7.41
N CYS C 77 51.64 31.13 -6.17
CA CYS C 77 50.69 30.63 -5.19
C CYS C 77 49.27 30.92 -5.61
N GLN C 78 49.03 32.16 -6.04
CA GLN C 78 47.70 32.57 -6.49
C GLN C 78 47.28 31.74 -7.70
N LYS C 79 48.25 31.49 -8.58
CA LYS C 79 48.06 30.70 -9.79
C LYS C 79 47.71 29.26 -9.45
N ARG C 80 48.57 28.61 -8.65
CA ARG C 80 48.34 27.23 -8.19
C ARG C 80 47.05 27.14 -7.38
N ALA C 81 46.65 28.25 -6.73
CA ALA C 81 45.38 28.28 -5.99
C ALA C 81 44.16 28.24 -6.90
N LEU C 82 44.23 28.99 -7.99
CA LEU C 82 43.07 29.14 -8.87
C LEU C 82 42.82 27.90 -9.73
N GLU C 83 43.88 27.24 -10.18
CA GLU C 83 43.71 25.99 -10.91
C GLU C 83 43.29 24.81 -10.01
N ALA C 84 43.80 24.76 -8.77
CA ALA C 84 43.41 23.74 -7.81
C ALA C 84 41.90 23.74 -7.58
N PHE C 85 41.32 24.93 -7.44
CA PHE C 85 39.89 25.03 -7.28
C PHE C 85 39.15 25.23 -8.60
N ASN C 86 39.81 24.85 -9.71
CA ASN C 86 39.19 24.82 -11.03
C ASN C 86 38.36 26.08 -11.32
N VAL C 87 39.02 27.22 -11.20
CA VAL C 87 38.41 28.49 -11.60
C VAL C 87 39.41 29.25 -12.45
N SER C 88 38.91 30.17 -13.27
CA SER C 88 39.73 30.83 -14.29
C SER C 88 40.20 32.21 -13.87
N ASP C 89 41.48 32.48 -14.15
CA ASP C 89 42.10 33.81 -14.11
C ASP C 89 41.17 35.01 -14.23
N GLU C 90 40.22 34.91 -15.16
CA GLU C 90 39.45 36.06 -15.62
C GLU C 90 38.17 36.25 -14.81
N GLU C 91 37.73 35.20 -14.13
CA GLU C 91 36.48 35.24 -13.39
C GLU C 91 36.74 35.31 -11.89
N TRP C 92 37.84 34.69 -11.45
CA TRP C 92 38.13 34.59 -10.02
C TRP C 92 39.46 35.20 -9.64
N GLY C 93 39.45 35.94 -8.54
CA GLY C 93 40.70 36.30 -7.89
C GLY C 93 40.91 35.59 -6.56
N VAL C 94 42.17 35.47 -6.15
CA VAL C 94 42.54 34.93 -4.84
C VAL C 94 43.59 35.77 -4.11
N ASN C 95 43.34 36.07 -2.84
CA ASN C 95 44.35 36.61 -1.93
C ASN C 95 45.00 35.50 -1.07
N VAL C 96 46.31 35.33 -1.19
CA VAL C 96 47.06 34.30 -0.43
C VAL C 96 47.73 34.79 0.86
N GLN C 97 47.43 36.02 1.27
CA GLN C 97 48.13 36.60 2.42
C GLN C 97 47.55 36.30 3.82
N PRO C 98 46.21 36.09 3.95
CA PRO C 98 45.67 35.87 5.31
C PRO C 98 46.39 34.78 6.11
N LEU C 99 46.62 35.05 7.38
CA LEU C 99 47.46 34.19 8.19
C LEU C 99 46.71 33.01 8.76
N SER C 100 45.38 33.08 8.74
CA SER C 100 44.54 32.05 9.33
C SER C 100 43.11 32.12 8.81
N GLY C 101 42.36 31.02 8.96
CA GLY C 101 40.97 30.99 8.53
C GLY C 101 40.15 32.08 9.20
N SER C 102 40.44 32.33 10.46
CA SER C 102 39.74 33.34 11.24
C SER C 102 40.01 34.75 10.75
N ALA C 103 41.27 35.00 10.38
CA ALA C 103 41.69 36.28 9.82
C ALA C 103 41.06 36.49 8.43
N ALA C 104 41.11 35.46 7.59
CA ALA C 104 40.50 35.49 6.27
C ALA C 104 39.02 35.89 6.33
N ASN C 105 38.30 35.26 7.27
CA ASN C 105 36.87 35.50 7.42
C ASN C 105 36.56 36.90 7.93
N VAL C 106 37.35 37.36 8.90
CA VAL C 106 37.22 38.71 9.45
C VAL C 106 37.53 39.71 8.35
N GLN C 107 38.62 39.48 7.63
CA GLN C 107 39.06 40.32 6.53
C GLN C 107 38.05 40.37 5.39
N ALA C 108 37.70 39.21 4.84
CA ALA C 108 36.71 39.13 3.77
C ALA C 108 35.34 39.70 4.14
N LEU C 109 34.88 39.48 5.36
CA LEU C 109 33.59 40.02 5.78
C LEU C 109 33.63 41.53 5.86
N TYR C 110 34.73 42.05 6.39
CA TYR C 110 34.92 43.50 6.52
C TYR C 110 34.92 44.18 5.14
N ALA C 111 35.63 43.59 4.19
CA ALA C 111 35.66 44.10 2.82
C ALA C 111 34.25 44.25 2.27
N LEU C 112 33.41 43.24 2.51
CA LEU C 112 32.07 43.19 1.92
C LEU C 112 31.10 44.15 2.57
N VAL C 113 31.08 44.18 3.91
CA VAL C 113 30.06 44.92 4.65
C VAL C 113 30.54 46.09 5.53
N GLY C 114 31.82 46.12 5.86
CA GLY C 114 32.37 47.13 6.78
C GLY C 114 31.89 47.03 8.22
N VAL C 115 32.45 47.87 9.09
CA VAL C 115 32.02 47.97 10.49
C VAL C 115 30.52 48.27 10.52
N LYS C 116 29.83 47.65 11.47
CA LYS C 116 28.37 47.78 11.65
C LYS C 116 27.53 46.99 10.63
N GLY C 117 28.18 46.49 9.58
CA GLY C 117 27.50 45.67 8.57
C GLY C 117 26.72 44.50 9.17
N LYS C 118 25.73 44.03 8.40
CA LYS C 118 24.84 42.97 8.87
C LYS C 118 25.24 41.64 8.25
N ILE C 119 25.44 40.63 9.09
CA ILE C 119 25.81 39.29 8.58
C ILE C 119 24.97 38.17 9.16
N MET C 120 24.88 37.07 8.42
CA MET C 120 24.18 35.87 8.88
C MET C 120 25.09 34.65 8.79
N GLY C 121 25.18 33.89 9.88
CA GLY C 121 25.97 32.65 9.93
C GLY C 121 25.32 31.57 10.78
N MET C 122 25.83 30.34 10.65
CA MET C 122 25.36 29.23 11.47
C MET C 122 25.86 29.34 12.92
N HIS C 123 24.96 29.10 13.87
CA HIS C 123 25.30 29.06 15.29
C HIS C 123 26.40 28.07 15.56
N LEU C 124 27.23 28.38 16.56
CA LEU C 124 28.36 27.54 16.98
C LEU C 124 27.94 26.15 17.45
N CYS C 125 26.95 26.09 18.35
CA CYS C 125 26.45 24.83 18.88
C CYS C 125 25.74 24.02 17.77
N SER C 126 25.38 24.70 16.69
CA SER C 126 24.79 24.05 15.53
C SER C 126 25.82 23.70 14.45
N GLY C 127 27.07 24.14 14.62
CA GLY C 127 28.14 23.73 13.71
C GLY C 127 28.82 24.82 12.87
N GLY C 128 28.42 26.07 13.06
CA GLY C 128 29.10 27.17 12.38
C GLY C 128 30.37 27.55 13.13
N HIS C 129 31.21 28.37 12.50
CA HIS C 129 32.46 28.79 13.12
C HIS C 129 32.30 30.05 13.92
N LEU C 130 33.26 30.28 14.82
CA LEU C 130 33.33 31.49 15.64
C LEU C 130 33.30 32.76 14.80
N THR C 131 34.09 32.77 13.73
CA THR C 131 34.17 33.90 12.81
C THR C 131 32.99 33.99 11.84
N HIS C 132 31.92 33.25 12.12
CA HIS C 132 30.67 33.41 11.37
C HIS C 132 29.66 34.19 12.16
N GLY C 133 30.13 34.98 13.13
CA GLY C 133 29.29 35.95 13.83
C GLY C 133 28.81 35.52 15.20
N PHE C 134 29.55 34.62 15.83
CA PHE C 134 29.09 34.04 17.10
C PHE C 134 29.05 35.02 18.29
N PHE C 135 27.96 34.94 19.06
CA PHE C 135 27.84 35.64 20.33
C PHE C 135 26.99 34.84 21.32
N ASP C 136 27.06 35.22 22.59
CA ASP C 136 26.27 34.62 23.67
C ASP C 136 25.15 35.57 24.10
N GLU C 137 24.28 35.12 25.01
CA GLU C 137 23.22 35.97 25.56
C GLU C 137 23.75 37.18 26.33
N LYS C 138 25.02 37.11 26.75
CA LYS C 138 25.65 38.25 27.41
C LYS C 138 26.67 38.98 26.51
N LYS C 139 27.70 38.26 26.08
CA LYS C 139 28.82 38.88 25.36
C LYS C 139 28.97 38.51 23.87
N LYS C 140 29.50 39.47 23.13
CA LYS C 140 29.87 39.28 21.73
C LYS C 140 31.21 38.56 21.74
N VAL C 141 31.15 37.24 21.63
CA VAL C 141 32.29 36.36 21.89
C VAL C 141 33.34 36.46 20.78
N SER C 142 32.87 36.65 19.56
CA SER C 142 33.74 36.84 18.41
C SER C 142 33.58 38.27 17.93
N ILE C 143 34.70 38.86 17.51
CA ILE C 143 34.69 40.19 16.91
C ILE C 143 33.62 40.30 15.83
N THR C 144 33.33 39.19 15.15
CA THR C 144 32.38 39.16 14.04
C THR C 144 30.94 39.49 14.48
N SER C 145 30.65 39.34 15.77
CA SER C 145 29.36 39.77 16.31
C SER C 145 29.39 41.20 16.90
N ASP C 146 30.59 41.77 17.01
CA ASP C 146 30.76 43.09 17.61
C ASP C 146 31.10 44.14 16.55
N MET C 147 32.08 43.81 15.71
CA MET C 147 32.45 44.65 14.59
C MET C 147 31.27 44.72 13.61
N PHE C 148 30.54 43.59 13.51
CA PHE C 148 29.37 43.48 12.64
C PHE C 148 28.14 43.18 13.45
N GLU C 149 26.97 43.46 12.87
CA GLU C 149 25.70 43.07 13.46
C GLU C 149 25.39 41.70 12.89
N SER C 150 25.34 40.69 13.76
CA SER C 150 25.15 39.33 13.28
C SER C 150 23.91 38.69 13.86
N LYS C 151 23.28 37.87 13.03
CA LYS C 151 22.20 36.99 13.50
C LYS C 151 22.58 35.56 13.15
N LEU C 152 22.07 34.62 13.94
CA LEU C 152 22.52 33.23 13.86
C LEU C 152 21.37 32.26 13.56
N TYR C 153 21.59 31.39 12.58
CA TYR C 153 20.62 30.35 12.24
C TYR C 153 21.04 28.98 12.76
N LYS C 154 20.06 28.08 12.89
CA LYS C 154 20.30 26.76 13.48
C LYS C 154 20.01 25.64 12.48
N CYS C 155 20.44 24.42 12.83
N CYS C 155 20.44 24.42 12.84
CA CYS C 155 20.08 23.23 12.06
CA CYS C 155 20.05 23.23 12.10
C CYS C 155 18.74 22.74 12.61
C CYS C 155 18.65 22.86 12.54
N ASN C 156 18.04 21.89 11.85
CA ASN C 156 16.82 21.24 12.38
C ASN C 156 17.20 20.11 13.31
N SER C 157 16.19 19.51 13.94
CA SER C 157 16.39 18.46 14.93
C SER C 157 16.98 17.18 14.35
N GLN C 158 17.01 17.07 13.02
CA GLN C 158 17.68 15.94 12.38
C GLN C 158 19.11 16.26 11.99
N GLY C 159 19.54 17.50 12.21
CA GLY C 159 20.93 17.90 11.97
C GLY C 159 21.22 18.48 10.59
N TYR C 160 20.19 18.91 9.89
CA TYR C 160 20.32 19.52 8.56
C TYR C 160 20.14 21.01 8.65
N VAL C 161 20.80 21.76 7.76
CA VAL C 161 20.54 23.20 7.62
C VAL C 161 19.04 23.38 7.34
N ASP C 162 18.39 24.19 8.16
CA ASP C 162 16.98 24.47 7.98
C ASP C 162 16.81 25.64 7.01
N LEU C 163 16.80 25.33 5.71
CA LEU C 163 16.77 26.37 4.69
C LEU C 163 15.57 27.31 4.79
N ASP C 164 14.40 26.77 5.11
CA ASP C 164 13.20 27.57 5.35
C ASP C 164 13.43 28.62 6.45
N ALA C 165 14.17 28.23 7.49
CA ALA C 165 14.47 29.15 8.58
C ALA C 165 15.50 30.19 8.16
N VAL C 166 16.42 29.80 7.28
CA VAL C 166 17.42 30.69 6.70
C VAL C 166 16.70 31.83 5.98
N ARG C 167 15.73 31.48 5.13
CA ARG C 167 14.93 32.45 4.39
C ARG C 167 14.07 33.31 5.31
N GLU C 168 13.40 32.70 6.27
CA GLU C 168 12.58 33.42 7.24
C GLU C 168 13.43 34.52 7.87
N MET C 169 14.43 34.09 8.64
CA MET C 169 15.33 34.98 9.35
C MET C 169 16.01 36.02 8.45
N ALA C 170 16.32 35.63 7.20
CA ALA C 170 16.92 36.55 6.23
C ALA C 170 15.98 37.70 5.81
N LEU C 171 14.81 37.36 5.24
CA LEU C 171 13.83 38.36 4.80
C LEU C 171 13.45 39.33 5.92
N SER C 172 13.50 38.84 7.15
CA SER C 172 13.21 39.64 8.33
C SER C 172 14.37 40.57 8.70
N PHE C 173 15.60 40.06 8.59
CA PHE C 173 16.80 40.72 9.10
C PHE C 173 17.57 41.51 8.02
N LYS C 174 17.50 41.04 6.77
CA LYS C 174 18.02 41.74 5.60
C LYS C 174 19.53 42.04 5.66
N PRO C 175 20.37 40.98 5.64
CA PRO C 175 21.81 41.15 5.73
C PRO C 175 22.49 41.34 4.37
N LYS C 176 23.70 41.88 4.37
CA LYS C 176 24.46 41.98 3.12
C LYS C 176 25.35 40.77 2.88
N VAL C 177 25.50 39.93 3.91
CA VAL C 177 26.27 38.68 3.78
C VAL C 177 25.61 37.51 4.50
N ILE C 178 25.55 36.36 3.83
CA ILE C 178 25.09 35.12 4.44
C ILE C 178 26.20 34.09 4.32
N ILE C 179 26.67 33.60 5.46
CA ILE C 179 27.76 32.64 5.47
C ILE C 179 27.21 31.22 5.58
N CYS C 180 27.82 30.33 4.80
CA CYS C 180 27.55 28.90 4.89
C CYS C 180 28.87 28.19 4.70
N GLY C 181 28.88 26.88 4.92
CA GLY C 181 30.12 26.12 4.99
C GLY C 181 30.51 26.12 6.45
N TYR C 182 30.83 24.95 7.00
CA TYR C 182 30.75 24.77 8.44
C TYR C 182 31.93 24.06 9.11
N THR C 183 31.93 24.15 10.44
CA THR C 183 32.96 23.57 11.28
C THR C 183 32.69 22.09 11.52
N SER C 184 31.42 21.74 11.65
CA SER C 184 31.06 20.42 12.09
C SER C 184 29.79 19.94 11.43
N TYR C 185 29.81 19.90 10.11
CA TYR C 185 28.63 19.51 9.34
C TYR C 185 28.95 18.25 8.52
N PRO C 186 28.22 17.14 8.77
CA PRO C 186 28.52 15.85 8.16
C PRO C 186 27.95 15.66 6.75
N ARG C 187 27.11 16.59 6.30
CA ARG C 187 26.50 16.49 4.98
C ARG C 187 26.95 17.60 4.02
N ASP C 188 26.88 17.35 2.72
CA ASP C 188 27.17 18.38 1.72
C ASP C 188 26.17 19.54 1.82
N ILE C 189 26.48 20.63 1.13
CA ILE C 189 25.70 21.88 1.23
C ILE C 189 25.01 22.25 -0.08
N ASP C 190 23.78 22.75 0.02
CA ASP C 190 23.03 23.23 -1.13
C ASP C 190 23.35 24.71 -1.41
N TYR C 191 24.46 24.96 -2.09
CA TYR C 191 24.92 26.32 -2.38
C TYR C 191 23.96 27.04 -3.32
N GLN C 192 23.47 26.31 -4.33
CA GLN C 192 22.45 26.81 -5.25
C GLN C 192 21.28 27.41 -4.48
N GLN C 193 20.89 26.75 -3.40
CA GLN C 193 19.77 27.16 -2.59
C GLN C 193 20.11 28.38 -1.73
N PHE C 194 21.37 28.50 -1.33
CA PHE C 194 21.80 29.69 -0.61
C PHE C 194 21.85 30.89 -1.57
N ARG C 195 22.38 30.63 -2.76
CA ARG C 195 22.46 31.63 -3.85
C ARG C 195 21.10 32.24 -4.21
N GLN C 196 20.05 31.43 -4.14
CA GLN C 196 18.68 31.92 -4.37
C GLN C 196 18.20 32.85 -3.25
N ILE C 197 18.47 32.47 -2.00
CA ILE C 197 18.09 33.26 -0.84
C ILE C 197 18.86 34.58 -0.78
N CYS C 198 20.13 34.54 -1.17
CA CYS C 198 20.93 35.74 -1.20
C CYS C 198 20.42 36.69 -2.28
N ASP C 199 20.31 36.19 -3.52
CA ASP C 199 19.74 36.93 -4.67
C ASP C 199 18.40 37.59 -4.35
N GLU C 200 17.60 36.91 -3.55
CA GLU C 200 16.27 37.36 -3.22
C GLU C 200 16.30 38.58 -2.32
N VAL C 201 17.32 38.67 -1.48
CA VAL C 201 17.38 39.72 -0.45
C VAL C 201 18.53 40.69 -0.72
N ASN C 202 19.22 40.46 -1.84
CA ASN C 202 20.38 41.25 -2.26
C ASN C 202 21.53 41.13 -1.26
N ALA C 203 21.83 39.88 -0.88
CA ALA C 203 22.93 39.57 0.03
C ALA C 203 24.06 38.90 -0.73
N TYR C 204 25.29 39.06 -0.24
CA TYR C 204 26.44 38.33 -0.77
C TYR C 204 26.39 36.87 -0.30
N LEU C 205 26.90 35.97 -1.13
CA LEU C 205 27.00 34.55 -0.78
C LEU C 205 28.41 34.19 -0.38
N PHE C 206 28.56 33.82 0.89
CA PHE C 206 29.85 33.52 1.48
C PHE C 206 29.93 32.03 1.79
N ALA C 207 30.91 31.35 1.20
CA ALA C 207 31.12 29.94 1.45
C ALA C 207 32.48 29.69 2.12
N ASP C 208 32.46 29.31 3.39
CA ASP C 208 33.68 28.90 4.10
C ASP C 208 33.81 27.40 4.01
N ILE C 209 34.68 26.92 3.11
CA ILE C 209 34.84 25.48 2.80
C ILE C 209 36.07 24.85 3.47
N SER C 210 36.57 25.51 4.51
CA SER C 210 37.77 25.05 5.23
C SER C 210 37.81 23.55 5.54
N HIS C 211 36.67 22.99 5.94
CA HIS C 211 36.61 21.58 6.34
C HIS C 211 36.56 20.60 5.22
N ILE C 212 36.07 21.07 4.08
CA ILE C 212 35.77 20.20 2.96
C ILE C 212 36.47 20.65 1.67
N SER C 213 37.41 21.59 1.81
CA SER C 213 38.07 22.22 0.65
C SER C 213 38.54 21.19 -0.38
N SER C 214 39.27 20.17 0.06
CA SER C 214 39.70 19.07 -0.82
C SER C 214 38.57 18.42 -1.62
N PHE C 215 37.41 18.24 -0.99
CA PHE C 215 36.28 17.66 -1.70
C PHE C 215 35.82 18.58 -2.83
N VAL C 216 35.96 19.88 -2.63
CA VAL C 216 35.60 20.85 -3.66
C VAL C 216 36.61 20.85 -4.81
N ALA C 217 37.90 20.90 -4.46
CA ALA C 217 38.96 20.90 -5.46
C ALA C 217 39.01 19.64 -6.30
N CYS C 218 38.47 18.55 -5.76
CA CYS C 218 38.58 17.26 -6.44
C CYS C 218 37.30 16.88 -7.15
N ASN C 219 36.33 17.80 -7.11
CA ASN C 219 34.97 17.59 -7.64
C ASN C 219 34.29 16.32 -7.12
N ILE C 220 34.34 16.15 -5.80
CA ILE C 220 33.68 15.04 -5.11
C ILE C 220 32.42 15.53 -4.40
N LEU C 221 32.45 16.77 -3.92
CA LEU C 221 31.26 17.40 -3.34
C LEU C 221 30.80 18.60 -4.18
N ASN C 222 29.67 19.19 -3.81
CA ASN C 222 29.15 20.37 -4.48
C ASN C 222 30.17 21.49 -4.60
N ASN C 223 30.11 22.20 -5.72
CA ASN C 223 31.04 23.29 -6.01
C ASN C 223 30.40 24.62 -5.63
N PRO C 224 30.96 25.30 -4.63
CA PRO C 224 30.41 26.59 -4.24
C PRO C 224 30.80 27.69 -5.24
N PHE C 225 31.90 27.50 -5.96
CA PHE C 225 32.39 28.49 -6.92
C PHE C 225 31.41 28.80 -8.06
N LEU C 226 30.42 27.94 -8.28
CA LEU C 226 29.39 28.20 -9.27
C LEU C 226 28.35 29.16 -8.74
N HIS C 227 28.35 29.41 -7.43
CA HIS C 227 27.31 30.18 -6.78
C HIS C 227 27.78 31.30 -5.89
N ALA C 228 28.94 31.13 -5.26
CA ALA C 228 29.41 32.11 -4.27
C ALA C 228 30.03 33.40 -4.85
N ASP C 229 29.78 34.51 -4.17
CA ASP C 229 30.53 35.75 -4.35
C ASP C 229 31.93 35.62 -3.76
N VAL C 230 32.01 35.02 -2.57
CA VAL C 230 33.27 34.85 -1.86
C VAL C 230 33.41 33.41 -1.34
N VAL C 231 34.60 32.82 -1.55
CA VAL C 231 34.92 31.54 -0.94
C VAL C 231 36.21 31.62 -0.11
N THR C 232 36.11 31.35 1.19
CA THR C 232 37.30 31.22 2.02
C THR C 232 37.59 29.78 2.37
N THR C 233 38.88 29.48 2.51
CA THR C 233 39.32 28.21 3.06
C THR C 233 40.66 28.37 3.77
N THR C 234 40.81 27.65 4.89
CA THR C 234 42.11 27.36 5.46
C THR C 234 42.88 26.54 4.43
N THR C 235 44.21 26.54 4.53
CA THR C 235 45.07 25.69 3.68
C THR C 235 45.53 24.47 4.47
N HIS C 236 45.28 24.46 5.78
CA HIS C 236 45.52 23.27 6.59
C HIS C 236 44.29 22.40 6.58
N LYS C 237 44.05 21.62 7.63
CA LYS C 237 42.94 20.67 7.69
C LYS C 237 42.98 19.68 6.53
N ILE C 238 41.83 19.39 5.91
CA ILE C 238 41.77 18.36 4.84
C ILE C 238 42.67 18.64 3.64
N LEU C 239 42.96 19.93 3.38
CA LEU C 239 43.85 20.28 2.28
C LEU C 239 45.28 19.87 2.58
N ARG C 240 45.59 19.71 3.87
CA ARG C 240 46.87 19.17 4.33
C ARG C 240 48.04 20.12 4.06
N GLY C 241 47.75 21.43 4.05
CA GLY C 241 48.79 22.43 3.82
C GLY C 241 49.28 23.05 5.11
N PRO C 242 49.99 24.17 5.01
CA PRO C 242 50.46 24.78 6.22
C PRO C 242 49.32 25.55 6.84
N ARG C 243 49.60 26.14 7.99
CA ARG C 243 48.63 26.94 8.66
C ARG C 243 48.55 28.32 8.00
N SER C 244 47.49 28.54 7.23
CA SER C 244 47.28 29.77 6.45
C SER C 244 45.87 29.72 5.88
N ALA C 245 45.51 30.72 5.05
CA ALA C 245 44.17 30.76 4.45
C ALA C 245 44.09 31.46 3.09
N LEU C 246 42.99 31.21 2.37
CA LEU C 246 42.77 31.76 1.04
C LEU C 246 41.44 32.47 0.94
N ILE C 247 41.45 33.64 0.33
CA ILE C 247 40.20 34.32 -0.01
C ILE C 247 40.05 34.35 -1.53
N PHE C 248 39.05 33.62 -2.02
CA PHE C 248 38.66 33.69 -3.43
C PHE C 248 37.51 34.68 -3.58
N PHE C 249 37.50 35.40 -4.69
CA PHE C 249 36.44 36.39 -4.96
C PHE C 249 36.07 36.39 -6.43
N ASN C 250 34.77 36.48 -6.70
CA ASN C 250 34.29 36.42 -8.08
C ASN C 250 34.29 37.82 -8.70
N LYS C 251 35.28 38.07 -9.55
CA LYS C 251 35.39 39.34 -10.25
C LYS C 251 34.13 39.55 -11.09
N LYS C 252 33.90 38.63 -12.02
CA LYS C 252 32.74 38.66 -12.93
C LYS C 252 31.42 39.04 -12.28
N ARG C 253 31.17 38.54 -11.08
CA ARG C 253 29.90 38.81 -10.41
C ARG C 253 29.90 40.15 -9.67
N ASN C 254 31.06 40.55 -9.16
CA ASN C 254 31.16 41.81 -8.43
C ASN C 254 32.43 42.56 -8.81
N PRO C 255 32.37 43.41 -9.85
CA PRO C 255 33.55 44.18 -10.22
C PRO C 255 33.89 45.18 -9.11
N GLY C 256 35.17 45.47 -8.94
CA GLY C 256 35.61 46.34 -7.83
C GLY C 256 35.63 45.65 -6.46
N ILE C 257 35.35 44.34 -6.43
CA ILE C 257 35.47 43.55 -5.21
C ILE C 257 36.93 43.20 -4.91
N GLU C 258 37.71 42.99 -5.99
CA GLU C 258 39.13 42.69 -5.88
C GLU C 258 39.90 43.69 -5.01
N GLN C 259 39.64 44.98 -5.26
CA GLN C 259 40.25 46.05 -4.49
C GLN C 259 39.81 46.03 -3.02
N LYS C 260 38.54 45.75 -2.77
CA LYS C 260 38.01 45.69 -1.41
C LYS C 260 38.66 44.59 -0.57
N ILE C 261 38.87 43.42 -1.18
CA ILE C 261 39.48 42.27 -0.50
C ILE C 261 40.99 42.44 -0.31
N ASN C 262 41.69 42.82 -1.38
CA ASN C 262 43.14 43.03 -1.28
C ASN C 262 43.51 44.10 -0.26
N SER C 263 42.65 45.11 -0.09
CA SER C 263 42.96 46.20 0.82
C SER C 263 42.44 46.00 2.25
N ALA C 264 41.42 45.16 2.43
CA ALA C 264 40.99 44.78 3.77
C ALA C 264 42.07 43.93 4.46
N VAL C 265 42.72 43.06 3.69
CA VAL C 265 43.76 42.17 4.19
C VAL C 265 45.01 42.97 4.57
N PHE C 266 45.50 43.73 3.60
CA PHE C 266 46.52 44.74 3.84
C PHE C 266 46.18 46.01 3.06
N PRO C 267 46.22 47.18 3.72
CA PRO C 267 46.71 47.49 5.06
C PRO C 267 45.65 47.69 6.14
N SER C 268 44.42 47.22 5.95
CA SER C 268 43.42 47.40 7.00
C SER C 268 43.74 46.57 8.25
N PHE C 269 44.08 45.29 8.04
CA PHE C 269 44.26 44.31 9.12
C PHE C 269 45.70 43.86 9.33
N GLN C 270 46.29 43.24 8.31
CA GLN C 270 47.64 42.71 8.42
C GLN C 270 48.72 43.72 8.07
N GLY C 271 49.96 43.39 8.41
CA GLY C 271 51.16 44.07 7.89
C GLY C 271 51.79 43.19 6.82
N GLY C 272 53.12 43.07 6.86
CA GLY C 272 53.83 42.21 5.90
C GLY C 272 53.27 40.81 5.85
N PRO C 273 53.33 40.17 4.67
CA PRO C 273 52.90 38.76 4.67
C PRO C 273 53.99 37.88 5.28
N HIS C 274 53.63 36.68 5.70
CA HIS C 274 54.61 35.69 6.10
C HIS C 274 54.94 34.84 4.90
N ASN C 275 56.07 35.15 4.28
CA ASN C 275 56.43 34.52 3.03
C ASN C 275 56.68 33.03 3.11
N ASN C 276 57.14 32.54 4.25
CA ASN C 276 57.34 31.11 4.44
C ASN C 276 56.02 30.35 4.38
N LYS C 277 54.96 30.97 4.91
CA LYS C 277 53.60 30.43 4.78
C LYS C 277 53.16 30.33 3.33
N ILE C 278 53.38 31.40 2.57
CA ILE C 278 52.95 31.51 1.18
C ILE C 278 53.73 30.50 0.32
N ALA C 279 55.04 30.45 0.50
CA ALA C 279 55.86 29.38 -0.06
C ALA C 279 55.26 27.98 0.23
N ALA C 280 54.96 27.70 1.51
CA ALA C 280 54.44 26.39 1.87
C ALA C 280 53.08 26.10 1.24
N VAL C 281 52.23 27.12 1.16
CA VAL C 281 50.95 26.98 0.49
C VAL C 281 51.16 26.66 -1.00
N ALA C 282 52.09 27.37 -1.65
CA ALA C 282 52.46 27.07 -3.03
C ALA C 282 52.80 25.60 -3.20
N CYS C 283 53.71 25.10 -2.39
CA CYS C 283 54.16 23.71 -2.38
C CYS C 283 53.06 22.66 -2.15
N GLN C 284 51.98 23.02 -1.45
CA GLN C 284 50.93 22.05 -1.19
C GLN C 284 49.86 22.08 -2.28
N LEU C 285 49.60 23.26 -2.81
CA LEU C 285 48.64 23.42 -3.90
C LEU C 285 49.11 22.76 -5.20
N LYS C 286 50.42 22.57 -5.35
CA LYS C 286 50.92 21.79 -6.47
C LYS C 286 50.36 20.39 -6.28
N GLU C 287 50.68 19.80 -5.12
CA GLU C 287 50.17 18.49 -4.72
C GLU C 287 48.66 18.37 -4.88
N VAL C 288 47.90 19.37 -4.41
CA VAL C 288 46.44 19.30 -4.45
C VAL C 288 45.92 18.98 -5.84
N HIS C 289 46.61 19.49 -6.86
CA HIS C 289 46.16 19.37 -8.24
C HIS C 289 46.53 18.07 -8.91
N SER C 290 47.41 17.29 -8.28
CA SER C 290 47.87 15.99 -8.79
C SER C 290 46.81 14.89 -8.60
N PRO C 291 46.86 13.81 -9.42
CA PRO C 291 45.82 12.78 -9.32
C PRO C 291 45.99 11.91 -8.07
N ALA C 292 47.23 11.78 -7.59
CA ALA C 292 47.54 11.10 -6.33
C ALA C 292 46.87 11.73 -5.09
N PHE C 293 46.60 13.03 -5.15
CA PHE C 293 45.90 13.73 -4.06
C PHE C 293 44.39 13.57 -4.18
N LYS C 294 43.89 13.42 -5.42
CA LYS C 294 42.49 13.08 -5.59
C LYS C 294 42.27 11.66 -5.06
N GLU C 295 43.26 10.80 -5.25
CA GLU C 295 43.23 9.45 -4.72
C GLU C 295 43.05 9.56 -3.21
N TYR C 296 43.92 10.36 -2.57
CA TYR C 296 43.90 10.48 -1.11
C TYR C 296 42.56 10.99 -0.60
N THR C 297 42.06 12.06 -1.22
CA THR C 297 40.74 12.61 -0.87
C THR C 297 39.64 11.55 -0.97
N GLN C 298 39.67 10.78 -2.05
CA GLN C 298 38.72 9.69 -2.25
C GLN C 298 38.84 8.72 -1.10
N GLN C 299 40.07 8.37 -0.74
CA GLN C 299 40.31 7.47 0.36
C GLN C 299 39.76 8.04 1.69
N VAL C 300 39.82 9.37 1.85
CA VAL C 300 39.25 10.04 3.03
C VAL C 300 37.74 9.77 3.14
N LEU C 301 37.05 9.85 2.00
CA LEU C 301 35.61 9.64 2.01
C LEU C 301 35.26 8.17 2.18
N LEU C 302 35.97 7.29 1.47
CA LEU C 302 35.79 5.87 1.64
C LEU C 302 35.90 5.51 3.12
N ASN C 303 36.94 6.01 3.79
CA ASN C 303 37.17 5.70 5.21
C ASN C 303 36.06 6.21 6.11
N SER C 304 35.64 7.43 5.85
CA SER C 304 34.54 8.02 6.58
C SER C 304 33.27 7.19 6.40
N LYS C 305 32.99 6.75 5.18
CA LYS C 305 31.80 5.92 4.87
C LYS C 305 31.90 4.58 5.59
N ALA C 306 33.08 3.97 5.52
CA ALA C 306 33.34 2.72 6.20
C ALA C 306 33.21 2.86 7.72
N LEU C 307 33.59 4.02 8.26
CA LEU C 307 33.60 4.21 9.70
C LEU C 307 32.21 4.41 10.25
N ALA C 308 31.40 5.19 9.55
CA ALA C 308 30.03 5.45 9.95
C ALA C 308 29.20 4.15 9.96
N LYS C 309 29.40 3.36 8.90
CA LYS C 309 28.77 2.06 8.71
C LYS C 309 29.11 1.10 9.84
N ALA C 310 30.38 1.08 10.23
CA ALA C 310 30.87 0.17 11.28
C ALA C 310 30.33 0.60 12.64
N LEU C 311 30.22 1.91 12.82
CA LEU C 311 29.63 2.44 14.04
C LEU C 311 28.13 2.11 14.10
N ILE C 312 27.44 2.18 12.95
CA ILE C 312 26.02 1.89 12.90
C ILE C 312 25.80 0.40 13.18
N SER C 313 26.63 -0.44 12.55
CA SER C 313 26.62 -1.88 12.78
C SER C 313 26.85 -2.27 14.25
N LYS C 314 27.38 -1.34 15.04
CA LYS C 314 27.59 -1.56 16.48
C LYS C 314 26.54 -0.81 17.31
N GLN C 315 25.43 -0.41 16.68
CA GLN C 315 24.28 0.26 17.32
C GLN C 315 24.56 1.65 17.89
N ILE C 316 25.62 2.29 17.39
CA ILE C 316 25.92 3.67 17.72
C ILE C 316 25.21 4.62 16.74
N ASP C 317 24.53 5.63 17.28
CA ASP C 317 23.81 6.64 16.48
C ASP C 317 24.69 7.79 15.94
N LEU C 318 24.40 8.20 14.71
CA LEU C 318 25.08 9.33 14.08
C LEU C 318 24.08 10.45 13.72
N VAL C 319 24.47 11.70 13.95
CA VAL C 319 23.62 12.83 13.56
C VAL C 319 23.50 12.85 12.03
N THR C 320 22.26 12.90 11.53
CA THR C 320 21.89 12.73 10.11
C THR C 320 22.06 11.30 9.62
N ASN C 321 22.34 10.41 10.58
CA ASN C 321 22.50 8.97 10.36
C ASN C 321 23.51 8.59 9.31
N GLY C 322 24.52 9.43 9.15
CA GLY C 322 25.58 9.17 8.20
C GLY C 322 26.37 10.43 7.88
N THR C 323 27.19 10.31 6.84
CA THR C 323 28.05 11.38 6.41
C THR C 323 28.13 11.44 4.87
N ASP C 324 28.31 12.66 4.32
CA ASP C 324 28.67 12.80 2.91
C ASP C 324 30.13 13.20 2.76
N ASN C 325 30.79 13.42 3.89
CA ASN C 325 32.14 13.96 3.85
C ASN C 325 33.10 13.19 4.75
N HIS C 326 34.08 13.91 5.31
CA HIS C 326 35.18 13.34 6.08
C HIS C 326 34.83 13.19 7.54
N LEU C 327 33.68 13.69 7.95
CA LEU C 327 33.41 13.76 9.38
C LEU C 327 32.07 13.20 9.85
N ILE C 328 32.08 12.68 11.08
CA ILE C 328 30.93 12.03 11.66
C ILE C 328 30.68 12.66 13.01
N VAL C 329 29.41 12.88 13.34
CA VAL C 329 29.03 13.33 14.67
C VAL C 329 28.24 12.21 15.33
N VAL C 330 28.81 11.63 16.38
CA VAL C 330 28.13 10.60 17.15
C VAL C 330 27.18 11.26 18.14
N ASP C 331 25.93 10.78 18.16
CA ASP C 331 24.97 11.14 19.19
C ASP C 331 25.05 10.10 20.29
N LEU C 332 25.40 10.53 21.51
CA LEU C 332 25.62 9.57 22.61
C LEU C 332 24.50 9.43 23.64
N ARG C 333 23.33 10.02 23.37
CA ARG C 333 22.20 10.03 24.32
C ARG C 333 21.76 8.62 24.80
N LYS C 334 21.74 7.63 23.92
CA LYS C 334 21.31 6.27 24.28
C LYS C 334 22.22 5.60 25.31
N PHE C 335 23.40 6.18 25.55
CA PHE C 335 24.35 5.64 26.49
C PHE C 335 24.37 6.48 27.77
N SER C 336 23.61 7.57 27.76
CA SER C 336 23.51 8.44 28.94
C SER C 336 24.86 8.94 29.45
N ILE C 337 25.75 9.26 28.51
CA ILE C 337 27.04 9.90 28.79
C ILE C 337 27.17 11.18 27.96
N THR C 338 28.14 12.02 28.31
CA THR C 338 28.39 13.25 27.57
C THR C 338 29.58 13.05 26.63
N GLY C 339 29.60 13.86 25.56
CA GLY C 339 30.77 13.95 24.68
C GLY C 339 31.97 14.40 25.49
N SER C 340 31.69 15.29 26.42
CA SER C 340 32.64 15.77 27.40
C SER C 340 33.39 14.59 28.07
N LYS C 341 32.66 13.61 28.60
CA LYS C 341 33.26 12.44 29.22
C LYS C 341 33.99 11.52 28.24
N LEU C 342 33.43 11.32 27.05
CA LEU C 342 34.05 10.41 26.10
C LEU C 342 35.38 10.96 25.59
N GLN C 343 35.48 12.28 25.52
CA GLN C 343 36.74 12.94 25.17
C GLN C 343 37.86 12.56 26.16
N GLU C 344 37.54 12.61 27.45
CA GLU C 344 38.48 12.24 28.52
C GLU C 344 38.93 10.78 28.42
N THR C 345 37.98 9.90 28.15
CA THR C 345 38.27 8.47 28.04
C THR C 345 39.17 8.18 26.83
N CYS C 346 38.87 8.83 25.72
CA CYS C 346 39.70 8.68 24.51
C CYS C 346 41.07 9.30 24.72
N ASN C 347 41.10 10.47 25.36
CA ASN C 347 42.37 11.11 25.72
C ASN C 347 43.25 10.10 26.47
N ALA C 348 42.64 9.41 27.43
CA ALA C 348 43.34 8.40 28.24
C ALA C 348 43.82 7.18 27.45
N ILE C 349 43.35 7.02 26.22
CA ILE C 349 43.76 5.86 25.40
C ILE C 349 44.47 6.24 24.09
N ASN C 350 45.00 7.47 24.05
CA ASN C 350 45.69 7.97 22.88
C ASN C 350 44.81 8.06 21.64
N VAL C 351 43.54 8.37 21.87
CA VAL C 351 42.61 8.60 20.79
C VAL C 351 42.13 10.05 20.88
N SER C 352 42.40 10.80 19.81
CA SER C 352 42.01 12.21 19.73
C SER C 352 40.70 12.42 18.98
N LEU C 353 39.73 12.97 19.70
CA LEU C 353 38.47 13.39 19.12
C LEU C 353 37.96 14.49 20.02
N ASN C 354 36.89 15.15 19.64
CA ASN C 354 36.38 16.20 20.50
C ASN C 354 34.87 16.17 20.67
N LYS C 355 34.43 16.71 21.81
CA LYS C 355 33.03 16.85 22.11
C LYS C 355 32.37 17.80 21.12
N ASN C 356 31.08 17.58 20.87
CA ASN C 356 30.34 18.35 19.88
C ASN C 356 28.87 18.41 20.27
N THR C 357 28.21 19.54 20.03
CA THR C 357 26.78 19.58 20.30
C THR C 357 25.96 18.73 19.33
N ILE C 358 24.76 18.37 19.75
CA ILE C 358 23.80 17.76 18.87
C ILE C 358 22.54 18.62 18.93
N PRO C 359 21.65 18.51 17.91
CA PRO C 359 20.54 19.47 17.83
C PRO C 359 19.75 19.65 19.13
N SER C 360 19.58 18.58 19.88
CA SER C 360 18.82 18.59 21.14
C SER C 360 19.51 19.33 22.28
N ASP C 361 20.82 19.54 22.19
CA ASP C 361 21.53 20.37 23.18
C ASP C 361 21.17 21.83 22.96
N VAL C 362 20.53 22.46 23.94
CA VAL C 362 20.21 23.90 23.84
C VAL C 362 21.46 24.75 24.06
N ASP C 363 22.15 24.53 25.18
CA ASP C 363 23.41 25.18 25.47
C ASP C 363 24.60 24.38 24.93
N CYS C 364 25.77 25.00 24.86
CA CYS C 364 27.02 24.30 24.54
C CYS C 364 27.67 23.67 25.79
N VAL C 365 26.98 23.74 26.92
CA VAL C 365 27.45 23.15 28.19
C VAL C 365 27.25 21.64 28.16
N SER C 366 28.35 20.91 28.35
CA SER C 366 28.36 19.43 28.33
C SER C 366 27.54 18.81 27.17
N PRO C 367 28.07 18.87 25.94
CA PRO C 367 27.36 18.38 24.76
C PRO C 367 27.21 16.86 24.72
N SER C 368 26.26 16.40 23.91
CA SER C 368 25.89 14.99 23.91
C SER C 368 26.46 14.20 22.74
N GLY C 369 27.35 14.82 21.98
CA GLY C 369 27.95 14.14 20.86
C GLY C 369 29.46 14.19 20.85
N VAL C 370 30.06 13.51 19.87
CA VAL C 370 31.47 13.70 19.58
C VAL C 370 31.66 13.83 18.08
N ARG C 371 32.66 14.62 17.69
CA ARG C 371 33.00 14.76 16.30
C ARG C 371 34.26 13.98 16.02
N ILE C 372 34.24 13.20 14.94
CA ILE C 372 35.39 12.44 14.48
C ILE C 372 35.58 12.63 12.97
N GLY C 373 36.81 12.47 12.51
CA GLY C 373 37.12 12.65 11.10
C GLY C 373 38.26 11.79 10.64
N THR C 374 38.31 11.54 9.33
CA THR C 374 39.25 10.57 8.76
C THR C 374 40.49 11.11 8.03
N PRO C 375 40.62 12.46 7.86
CA PRO C 375 41.76 12.98 7.10
C PRO C 375 43.16 12.61 7.62
N ALA C 376 43.36 12.71 8.92
CA ALA C 376 44.67 12.44 9.52
C ALA C 376 45.09 10.95 9.38
N MET C 377 44.20 10.04 9.77
CA MET C 377 44.47 8.59 9.68
C MET C 377 44.60 8.08 8.24
N THR C 378 43.84 8.68 7.33
CA THR C 378 44.02 8.38 5.92
C THR C 378 45.45 8.74 5.48
N THR C 379 45.91 9.94 5.85
CA THR C 379 47.31 10.34 5.58
C THR C 379 48.26 9.30 6.17
N ARG C 380 47.95 8.84 7.38
CA ARG C 380 48.78 7.84 8.04
C ARG C 380 48.69 6.45 7.41
N GLY C 381 47.83 6.30 6.40
CA GLY C 381 47.78 5.08 5.59
C GLY C 381 46.69 4.07 5.87
N ALA C 382 45.77 4.42 6.76
CA ALA C 382 44.65 3.54 7.10
C ALA C 382 43.66 3.42 5.94
N LYS C 383 43.14 2.21 5.73
CA LYS C 383 42.20 1.94 4.63
C LYS C 383 40.83 1.57 5.18
N GLU C 384 39.90 1.15 4.31
CA GLU C 384 38.54 0.86 4.77
C GLU C 384 38.47 -0.18 5.86
N LYS C 385 39.27 -1.24 5.70
CA LYS C 385 39.32 -2.38 6.63
C LYS C 385 39.76 -1.94 8.03
N ASP C 386 40.54 -0.86 8.07
CA ASP C 386 41.13 -0.38 9.30
C ASP C 386 40.09 0.37 10.16
N MET C 387 38.98 0.76 9.53
CA MET C 387 37.94 1.52 10.24
C MET C 387 37.19 0.67 11.28
N GLU C 388 37.03 -0.62 10.99
CA GLU C 388 36.37 -1.55 11.94
C GLU C 388 37.05 -1.49 13.31
N PHE C 389 38.37 -1.63 13.30
CA PHE C 389 39.21 -1.50 14.49
C PHE C 389 39.03 -0.17 15.20
N ILE C 390 38.93 0.92 14.45
CA ILE C 390 38.71 2.25 15.05
C ILE C 390 37.32 2.33 15.67
N ALA C 391 36.32 1.85 14.95
CA ALA C 391 34.97 1.75 15.51
C ALA C 391 34.95 0.87 16.76
N ASP C 392 35.62 -0.29 16.66
CA ASP C 392 35.78 -1.21 17.80
C ASP C 392 36.39 -0.50 19.02
N VAL C 393 37.47 0.24 18.77
CA VAL C 393 38.12 1.04 19.81
C VAL C 393 37.18 2.07 20.43
N LEU C 394 36.43 2.79 19.58
CA LEU C 394 35.46 3.77 20.07
C LEU C 394 34.28 3.14 20.81
N ALA C 395 33.80 2.00 20.31
CA ALA C 395 32.75 1.23 21.01
C ALA C 395 33.21 0.82 22.41
N ARG C 396 34.45 0.33 22.51
CA ARG C 396 35.01 -0.11 23.79
C ARG C 396 35.17 1.09 24.74
N ALA C 397 35.54 2.24 24.18
CA ALA C 397 35.69 3.47 24.95
C ALA C 397 34.36 4.02 25.43
N ILE C 398 33.31 3.85 24.63
CA ILE C 398 31.97 4.23 25.08
C ILE C 398 31.53 3.35 26.27
N LYS C 399 31.70 2.04 26.15
CA LYS C 399 31.36 1.11 27.23
C LYS C 399 32.13 1.40 28.53
N ILE C 400 33.45 1.60 28.42
CA ILE C 400 34.27 1.92 29.59
C ILE C 400 33.79 3.20 30.24
N THR C 401 33.38 4.15 29.40
CA THR C 401 32.89 5.42 29.89
C THR C 401 31.61 5.24 30.68
N VAL C 402 30.78 4.29 30.26
CA VAL C 402 29.53 3.98 30.96
C VAL C 402 29.89 3.32 32.31
N ASP C 403 30.77 2.32 32.28
CA ASP C 403 31.19 1.58 33.49
C ASP C 403 31.82 2.50 34.54
N LEU C 404 32.61 3.47 34.08
CA LEU C 404 33.25 4.44 34.95
C LEU C 404 32.31 5.51 35.50
N GLN C 405 31.29 5.88 34.74
CA GLN C 405 30.30 6.85 35.20
C GLN C 405 29.42 6.31 36.34
N GLU C 406 28.94 5.08 36.20
CA GLU C 406 28.09 4.45 37.20
C GLU C 406 28.88 4.26 38.51
N GLN C 407 30.15 3.87 38.36
CA GLN C 407 31.07 3.66 39.47
C GLN C 407 31.54 4.96 40.14
N TYR C 408 31.56 6.08 39.40
CA TYR C 408 32.09 7.35 39.94
C TYR C 408 31.14 8.55 39.98
N GLY C 409 30.05 8.50 39.22
CA GLY C 409 29.03 9.57 39.22
C GLY C 409 29.03 10.42 37.96
N LYS C 410 27.95 11.18 37.77
CA LYS C 410 27.75 12.04 36.59
C LYS C 410 28.54 13.35 36.62
N LYS C 411 28.94 13.79 37.81
CA LYS C 411 29.76 14.98 37.97
C LYS C 411 31.10 14.76 37.26
N LEU C 412 31.43 15.67 36.34
CA LEU C 412 32.62 15.50 35.49
C LEU C 412 33.93 15.44 36.28
N VAL C 413 34.00 16.20 37.36
CA VAL C 413 35.16 16.17 38.28
C VAL C 413 35.35 14.75 38.84
N ASP C 414 34.25 14.17 39.30
CA ASP C 414 34.24 12.83 39.88
C ASP C 414 34.68 11.78 38.85
N PHE C 415 34.11 11.88 37.65
CA PHE C 415 34.36 10.92 36.57
C PHE C 415 35.85 10.70 36.30
N LYS C 416 36.58 11.80 36.15
CA LYS C 416 37.99 11.76 35.69
C LYS C 416 38.91 10.93 36.61
N LYS C 417 38.63 10.96 37.90
CA LYS C 417 39.41 10.24 38.91
C LYS C 417 39.39 8.73 38.70
N GLY C 418 38.41 8.25 37.93
CA GLY C 418 38.34 6.85 37.56
C GLY C 418 39.33 6.44 36.48
N LEU C 419 39.76 7.40 35.66
CA LEU C 419 40.59 7.14 34.48
C LEU C 419 42.03 6.69 34.78
N PRO C 420 42.72 7.37 35.72
CA PRO C 420 44.10 6.96 35.98
C PRO C 420 44.15 5.58 36.62
N GLY C 421 45.02 4.70 36.12
CA GLY C 421 45.18 3.38 36.72
C GLY C 421 44.25 2.28 36.22
N ASN C 422 43.08 2.65 35.71
CA ASN C 422 42.10 1.68 35.17
C ASN C 422 42.74 0.70 34.18
N ALA C 423 42.71 -0.59 34.54
CA ALA C 423 43.36 -1.67 33.78
C ALA C 423 42.91 -1.76 32.32
N GLN C 424 41.61 -1.60 32.09
CA GLN C 424 41.04 -1.67 30.74
C GLN C 424 41.57 -0.55 29.84
N LEU C 425 41.65 0.67 30.39
CA LEU C 425 42.22 1.78 29.64
C LEU C 425 43.68 1.57 29.24
N GLN C 426 44.54 1.17 30.18
CA GLN C 426 45.95 0.89 29.86
C GLN C 426 46.07 -0.21 28.82
N GLN C 427 45.20 -1.21 28.91
CA GLN C 427 45.11 -2.29 27.92
C GLN C 427 44.78 -1.72 26.54
N LEU C 428 43.70 -0.92 26.48
CA LEU C 428 43.23 -0.34 25.21
C LEU C 428 44.23 0.66 24.63
N LYS C 429 44.79 1.52 25.50
CA LYS C 429 45.91 2.41 25.14
C LYS C 429 47.06 1.62 24.49
N GLN C 430 47.51 0.58 25.19
CA GLN C 430 48.58 -0.30 24.71
C GLN C 430 48.37 -0.74 23.26
N GLU C 431 47.18 -1.24 22.95
CA GLU C 431 46.92 -1.72 21.59
C GLU C 431 46.77 -0.59 20.57
N VAL C 432 46.28 0.57 21.02
CA VAL C 432 46.29 1.78 20.17
C VAL C 432 47.72 2.17 19.78
N VAL C 433 48.60 2.30 20.78
CA VAL C 433 49.98 2.76 20.58
C VAL C 433 50.72 1.81 19.65
N THR C 434 50.53 0.51 19.87
CA THR C 434 51.13 -0.55 19.05
C THR C 434 50.67 -0.42 17.62
N TRP C 435 49.37 -0.17 17.40
CA TRP C 435 48.89 0.00 16.02
C TRP C 435 49.22 1.34 15.40
N ALA C 436 48.99 2.43 16.13
CA ALA C 436 49.31 3.79 15.64
C ALA C 436 50.81 4.01 15.42
N GLY C 437 51.61 3.68 16.42
CA GLY C 437 53.07 3.82 16.36
C GLY C 437 53.77 3.38 15.08
N ALA C 438 53.30 2.29 14.47
CA ALA C 438 53.98 1.70 13.32
C ALA C 438 53.38 2.10 11.97
N LEU C 439 52.29 2.88 12.00
CA LEU C 439 51.70 3.44 10.78
C LEU C 439 52.64 4.47 10.15
N PRO C 440 52.56 4.63 8.82
CA PRO C 440 53.32 5.67 8.12
C PRO C 440 53.13 7.05 8.74
N PHE C 441 54.22 7.82 8.77
CA PHE C 441 54.27 9.08 9.48
C PHE C 441 55.15 10.08 8.73
N PRO C 442 54.53 11.10 8.12
CA PRO C 442 55.33 12.10 7.41
C PRO C 442 56.06 13.03 8.37
N1 PLP D . -24.03 -24.96 -8.04
C2 PLP D . -25.06 -25.61 -7.47
C2A PLP D . -25.18 -27.11 -7.61
C3 PLP D . -26.01 -24.90 -6.76
O3 PLP D . -27.06 -25.57 -6.18
C4 PLP D . -25.92 -23.54 -6.61
C4A PLP D . -27.00 -22.85 -5.80
C5 PLP D . -24.82 -22.89 -7.21
C6 PLP D . -23.90 -23.64 -7.93
C5A PLP D . -24.57 -21.40 -7.19
O4P PLP D . -24.66 -20.79 -5.92
P PLP D . -24.76 -19.18 -5.89
O1P PLP D . -26.24 -18.89 -5.85
O2P PLP D . -24.08 -18.83 -4.60
O3P PLP D . -24.07 -18.68 -7.12
N1 PLP E . -11.94 -0.81 -11.56
C2 PLP E . -11.27 0.19 -10.94
C2A PLP E . -10.92 1.43 -11.72
C3 PLP E . -10.91 0.07 -9.62
O3 PLP E . -10.24 1.07 -9.00
C4 PLP E . -11.24 -1.06 -8.88
C4A PLP E . -10.83 -1.09 -7.43
C5 PLP E . -11.94 -2.07 -9.54
C6 PLP E . -12.28 -1.91 -10.88
C5A PLP E . -12.35 -3.38 -8.94
O4P PLP E . -13.08 -3.31 -7.74
P PLP E . -13.17 -4.66 -6.87
O1P PLP E . -13.13 -5.84 -7.80
O2P PLP E . -14.44 -4.47 -6.10
O3P PLP E . -11.95 -4.60 -6.00
N1 PLP F . 36.28 28.57 9.46
C2 PLP F . 36.00 27.26 9.54
C2A PLP F . 34.70 26.74 8.95
C3 PLP F . 36.89 26.38 10.15
O3 PLP F . 36.59 25.07 10.22
C4 PLP F . 38.07 26.85 10.68
C4A PLP F . 39.00 25.81 11.32
C5 PLP F . 38.34 28.23 10.59
C6 PLP F . 37.41 29.06 9.96
C5A PLP F . 39.54 28.98 11.12
O4P PLP F . 40.79 28.30 11.05
P PLP F . 42.04 28.88 11.88
O1P PLP F . 42.24 27.82 12.92
O2P PLP F . 41.70 30.26 12.39
O3P PLP F . 43.10 28.87 10.84
#